data_9B7X
#
_entry.id   9B7X
#
_cell.length_a   1.00
_cell.length_b   1.00
_cell.length_c   1.00
_cell.angle_alpha   90.00
_cell.angle_beta   90.00
_cell.angle_gamma   90.00
#
_symmetry.space_group_name_H-M   'P 1'
#
loop_
_entity.id
_entity.type
_entity.pdbx_description
1 polymer 'Capsid protein VP1'
2 polymer 'Fab3-7 heavy chain'
3 polymer 'Fab3-7 light chain'
4 non-polymer 'CALCIUM ION'
#
loop_
_entity_poly.entity_id
_entity_poly.type
_entity_poly.pdbx_seq_one_letter_code
_entity_poly.pdbx_strand_id
1 'polypeptide(L)'
;MAADGYLPDWLEDNLSEGIREWWALKPGAPQPKANQQHQDNARGLVLPGYKYLGPGNGLDKGEPVNAADAAALEHDKAYD
QQLKAGDNPYLKYNHADAEFQERLKEDTSFGGNLGRAVFQAKKRLLEPLGLVEEAAKTAPGKKRPVEQSPQEPDSSAGIG
KSGAQPAKKRLNFGQTGDTESVPDPQPIGEPPAAPSGVGSLTMASGGGAPVADNNEGADGVGSSSGNWHCDSQWLGDRVI
TTSTRTWALPTYNNHLYKQISNSTSGGSSNDNAYFGYSTPWGYFDFNRFHCHFSPRDWQRLINNNWGFRPKRLNFKLFNI
QVKEVTDNNGVKTIANNLTSTVQVFTDSDYQLPYVLGSAHEGCLPPFPADVFMIPQYGYLTLNDGSQAVGRSSFYCLEYF
PSQMLRTGNNFQFSYEFENVPFHSSYAHSQSLDRLMNPLIDQYLYYLSKTINGSGQNQQTLKFSVAGPSNMAVQGRNYIP
GPSYRQQRVSTTVTQNNNSEFAWPGASSWALNGRNSLMNPGPAMASHKEGEDRFFPLSGSLIFGKQGTGRDNVDADKVMI
TNEEEIKTTNPVATESYGQVATNHQSAQAQAQTGWVQNQGILPGMVWQDRDVYLQGPIWAKIPHTDGNFHPSPLMGGFGM
KHPPPQILIKNTPVPADPPTAFNKDKLNSFITQYSTGQVSVEIEWELQKENSKRWNPEIQYTSNYYKSNNVEFAVNTEGV
YSEPRPIGTRYLTRNL
;
A,B,C,D,E,F
2 'polypeptide(L)'
;QVQLQESGPGLVKPSETLSLTCTVSGGSISNYYWNWIRQPPGKGLEWIGYVHYSGSTNYNPSLKSRVSVSVDTSKNQFSL
NLGSVTAADTAVYYCARQSRSYYNEVITDPKYNFDYWGQGTLVTVSSAS
;
H
3 'polypeptide(L)'
;QSALTQPASVSGSPGQSITISCTGTSSDVGGYDYVSWYQQHPGKAPKLMIYDVSNRPSGVSNRFSGSKSGNTASLTISGL
QAEDEADYYCSSYTSISTLVFGGGTKLTVLG
;
L
#
loop_
_chem_comp.id
_chem_comp.type
_chem_comp.name
_chem_comp.formula
CA non-polymer 'CALCIUM ION' 'Ca 2'
#
# COMPACT_ATOMS: atom_id res chain seq x y z
N VAL A 239 30.48 -43.30 6.65
CA VAL A 239 30.02 -43.43 8.03
C VAL A 239 28.56 -43.08 8.15
N ILE A 240 27.80 -43.95 8.79
CA ILE A 240 26.39 -43.71 9.08
C ILE A 240 26.21 -43.73 10.59
N THR A 241 25.73 -42.63 11.14
CA THR A 241 25.40 -42.54 12.55
C THR A 241 23.90 -42.66 12.74
N THR A 242 23.50 -43.25 13.86
CA THR A 242 22.09 -43.37 14.19
C THR A 242 21.94 -43.10 15.68
N SER A 243 20.86 -42.43 16.05
CA SER A 243 20.56 -42.18 17.45
C SER A 243 19.10 -42.48 17.71
N THR A 244 18.75 -42.68 18.96
CA THR A 244 17.36 -42.77 19.39
C THR A 244 17.28 -42.26 20.82
N ARG A 245 16.21 -41.53 21.13
CA ARG A 245 16.00 -41.02 22.47
C ARG A 245 14.53 -41.09 22.82
N THR A 246 14.23 -40.83 24.08
CA THR A 246 12.86 -40.68 24.56
C THR A 246 12.66 -39.26 25.07
N TRP A 247 11.57 -38.65 24.65
CA TRP A 247 11.31 -37.23 24.90
C TRP A 247 10.03 -37.07 25.71
N ALA A 248 9.92 -35.91 26.37
CA ALA A 248 8.74 -35.54 27.12
C ALA A 248 8.34 -34.12 26.77
N LEU A 249 7.14 -33.97 26.23
CA LEU A 249 6.65 -32.69 25.74
C LEU A 249 5.55 -32.15 26.65
N PRO A 250 5.84 -31.09 27.40
CA PRO A 250 4.79 -30.56 28.27
C PRO A 250 3.96 -29.58 27.48
N THR A 251 2.68 -29.43 27.82
CA THR A 251 1.88 -28.44 27.11
C THR A 251 2.51 -27.12 27.48
N TYR A 252 2.75 -26.27 26.48
CA TYR A 252 3.43 -25.02 26.78
C TYR A 252 2.59 -23.76 26.85
N ASN A 253 2.71 -23.08 27.99
CA ASN A 253 2.05 -21.81 28.26
C ASN A 253 0.56 -21.75 27.93
N ASN A 254 -0.18 -22.79 28.35
CA ASN A 254 -1.62 -22.89 28.17
C ASN A 254 -2.19 -22.77 26.75
N HIS A 255 -1.56 -23.42 25.78
CA HIS A 255 -2.00 -23.39 24.37
C HIS A 255 -2.20 -21.98 23.84
N LEU A 256 -1.39 -21.04 24.33
CA LEU A 256 -1.50 -19.66 23.90
C LEU A 256 -0.22 -19.20 23.24
N TYR A 257 -0.37 -18.38 22.20
CA TYR A 257 0.69 -17.50 21.75
C TYR A 257 0.70 -16.28 22.64
N LYS A 258 1.87 -15.85 23.06
CA LYS A 258 1.92 -14.68 23.92
C LYS A 258 3.07 -13.78 23.52
N GLN A 259 2.75 -12.50 23.36
CA GLN A 259 3.76 -11.46 23.18
C GLN A 259 4.72 -11.46 24.36
N ILE A 260 6.00 -11.46 24.06
CA ILE A 260 7.03 -11.28 25.07
C ILE A 260 7.90 -10.14 24.61
N SER A 261 8.57 -9.50 25.55
CA SER A 261 9.41 -8.38 25.17
C SER A 261 10.42 -8.09 26.26
N ASN A 262 11.27 -7.10 26.00
CA ASN A 262 12.17 -6.59 27.01
C ASN A 262 11.41 -6.26 28.29
N SER A 263 10.27 -5.60 28.17
CA SER A 263 9.56 -5.12 29.35
C SER A 263 8.79 -6.23 30.03
N THR A 264 8.47 -7.29 29.29
CA THR A 264 7.81 -8.43 29.90
C THR A 264 8.83 -8.96 30.90
N SER A 265 10.04 -9.17 30.39
CA SER A 265 11.18 -9.61 31.19
C SER A 265 11.57 -8.56 32.22
N GLY A 266 11.47 -7.29 31.83
CA GLY A 266 11.83 -6.18 32.70
C GLY A 266 13.25 -5.64 32.64
N GLY A 267 14.04 -6.05 31.64
CA GLY A 267 15.41 -5.59 31.54
C GLY A 267 15.67 -4.09 31.35
N SER A 268 16.62 -3.58 32.13
CA SER A 268 17.02 -2.18 32.10
C SER A 268 17.76 -1.66 30.86
N SER A 269 18.71 -2.43 30.35
CA SER A 269 19.56 -2.02 29.23
C SER A 269 19.00 -1.92 27.81
N ASN A 270 19.45 -0.89 27.10
CA ASN A 270 19.07 -0.63 25.72
C ASN A 270 19.54 -1.71 24.77
N ASP A 271 20.78 -2.18 24.95
CA ASP A 271 21.36 -3.21 24.09
C ASP A 271 20.58 -4.53 24.18
N ASN A 272 20.12 -4.86 25.37
CA ASN A 272 19.39 -6.08 25.59
C ASN A 272 17.89 -6.00 25.31
N ALA A 273 17.44 -4.95 24.62
CA ALA A 273 16.02 -4.84 24.31
C ALA A 273 15.62 -5.82 23.22
N TYR A 274 14.40 -6.34 23.33
CA TYR A 274 13.92 -7.29 22.34
C TYR A 274 12.41 -7.28 22.32
N PHE A 275 11.85 -7.81 21.24
CA PHE A 275 10.42 -7.98 21.09
C PHE A 275 10.18 -9.26 20.32
N GLY A 276 9.15 -10.00 20.71
CA GLY A 276 8.85 -11.23 20.01
C GLY A 276 7.67 -11.95 20.60
N TYR A 277 7.54 -13.22 20.25
CA TYR A 277 6.42 -14.04 20.67
C TYR A 277 6.90 -15.38 21.19
N SER A 278 6.09 -16.00 22.04
CA SER A 278 6.32 -17.35 22.51
C SER A 278 5.13 -18.21 22.09
N THR A 279 5.40 -19.43 21.70
CA THR A 279 4.39 -20.27 21.11
C THR A 279 4.08 -21.46 22.01
N PRO A 280 2.90 -22.05 21.88
CA PRO A 280 2.62 -23.34 22.50
C PRO A 280 3.47 -24.48 21.94
N TRP A 281 4.16 -24.25 20.83
CA TRP A 281 4.84 -25.32 20.11
C TRP A 281 6.21 -25.62 20.68
N GLY A 282 6.59 -26.90 20.64
CA GLY A 282 7.94 -27.32 20.91
C GLY A 282 8.62 -27.76 19.61
N TYR A 283 9.92 -28.05 19.72
CA TYR A 283 10.68 -28.36 18.52
C TYR A 283 11.88 -29.23 18.87
N PHE A 284 12.34 -30.02 17.91
CA PHE A 284 13.46 -30.92 18.11
C PHE A 284 14.75 -30.30 17.60
N ASP A 285 15.79 -30.35 18.43
CA ASP A 285 17.10 -29.80 18.07
C ASP A 285 18.16 -30.87 18.29
N PHE A 286 18.69 -31.44 17.20
CA PHE A 286 19.83 -32.34 17.25
C PHE A 286 21.14 -31.70 16.78
N ASN A 287 21.19 -30.38 16.66
CA ASN A 287 22.26 -29.67 15.97
C ASN A 287 23.66 -29.85 16.59
N ARG A 288 23.83 -30.55 17.71
CA ARG A 288 25.16 -30.77 18.28
C ARG A 288 25.68 -32.14 17.89
N PHE A 289 27.00 -32.22 17.72
CA PHE A 289 27.62 -33.47 17.27
C PHE A 289 27.38 -34.62 18.23
N HIS A 290 27.61 -34.42 19.54
CA HIS A 290 27.52 -35.54 20.45
C HIS A 290 26.14 -36.16 20.46
N CYS A 291 25.16 -35.54 19.83
CA CYS A 291 23.91 -36.23 19.58
C CYS A 291 24.13 -37.44 18.67
N HIS A 292 24.99 -37.29 17.66
CA HIS A 292 25.18 -38.32 16.66
C HIS A 292 26.45 -39.14 16.83
N PHE A 293 27.29 -38.85 17.82
CA PHE A 293 28.58 -39.52 17.94
C PHE A 293 28.86 -39.93 19.38
N SER A 294 29.40 -41.13 19.54
CA SER A 294 29.99 -41.55 20.80
C SER A 294 31.46 -41.17 20.84
N PRO A 295 32.01 -40.94 22.04
CA PRO A 295 33.44 -40.60 22.17
C PRO A 295 34.35 -41.78 21.80
N GLY A 307 38.87 -34.70 7.13
CA GLY A 307 37.79 -34.17 6.33
C GLY A 307 36.50 -34.98 6.40
N PHE A 308 35.40 -34.31 6.71
CA PHE A 308 34.09 -34.96 6.78
C PHE A 308 33.01 -33.92 6.58
N ARG A 309 31.79 -34.40 6.31
CA ARG A 309 30.65 -33.53 6.03
C ARG A 309 29.39 -34.37 5.90
N PRO A 310 28.25 -33.85 6.33
CA PRO A 310 27.00 -34.62 6.20
C PRO A 310 26.55 -34.72 4.76
N LYS A 311 25.73 -35.73 4.51
CA LYS A 311 25.21 -36.01 3.17
C LYS A 311 23.69 -36.15 3.18
N ARG A 312 23.16 -37.13 3.89
CA ARG A 312 21.74 -37.40 3.98
C ARG A 312 21.31 -37.33 5.43
N LEU A 313 20.01 -37.26 5.63
CA LEU A 313 19.41 -37.20 6.95
C LEU A 313 18.12 -38.00 6.90
N ASN A 314 17.77 -38.62 8.02
CA ASN A 314 16.49 -39.31 8.11
C ASN A 314 15.98 -39.16 9.53
N PHE A 315 14.67 -38.96 9.67
CA PHE A 315 14.09 -38.58 10.94
C PHE A 315 12.81 -39.38 11.12
N LYS A 316 12.62 -39.93 12.32
CA LYS A 316 11.44 -40.71 12.62
C LYS A 316 10.93 -40.37 14.00
N LEU A 317 9.61 -40.36 14.13
CA LEU A 317 8.95 -40.06 15.40
C LEU A 317 7.84 -41.07 15.58
N PHE A 318 7.88 -41.84 16.66
CA PHE A 318 7.01 -43.00 16.78
C PHE A 318 6.75 -43.31 18.24
N ASN A 319 5.90 -44.31 18.47
CA ASN A 319 5.52 -44.73 19.82
C ASN A 319 4.93 -43.59 20.61
N ILE A 320 3.88 -42.97 20.05
CA ILE A 320 3.27 -41.82 20.69
C ILE A 320 2.42 -42.27 21.88
N GLN A 321 2.60 -41.59 23.01
CA GLN A 321 1.89 -41.90 24.24
C GLN A 321 1.44 -40.59 24.86
N VAL A 322 0.14 -40.45 25.09
CA VAL A 322 -0.44 -39.20 25.56
C VAL A 322 -0.93 -39.39 26.99
N LYS A 323 -0.26 -38.75 27.93
CA LYS A 323 -0.62 -38.84 29.34
C LYS A 323 -1.52 -37.68 29.71
N GLU A 324 -2.61 -37.98 30.40
CA GLU A 324 -3.47 -36.94 30.97
C GLU A 324 -3.35 -36.96 32.48
N VAL A 325 -3.24 -35.78 33.07
CA VAL A 325 -2.95 -35.62 34.48
C VAL A 325 -4.14 -34.97 35.15
N THR A 326 -4.51 -35.45 36.33
CA THR A 326 -5.54 -34.85 37.15
C THR A 326 -5.04 -34.75 38.59
N ASP A 327 -5.76 -34.00 39.40
CA ASP A 327 -5.59 -34.03 40.84
C ASP A 327 -6.87 -34.61 41.43
N ASN A 328 -6.81 -35.86 41.87
CA ASN A 328 -7.93 -36.53 42.51
C ASN A 328 -7.69 -36.48 44.00
N ASN A 329 -8.59 -35.81 44.73
CA ASN A 329 -8.40 -35.49 46.14
C ASN A 329 -7.12 -34.67 46.21
N GLY A 330 -6.09 -35.09 46.94
CA GLY A 330 -4.86 -34.32 47.00
C GLY A 330 -3.70 -34.94 46.24
N VAL A 331 -3.96 -35.98 45.46
CA VAL A 331 -2.90 -36.70 44.76
C VAL A 331 -3.11 -36.56 43.26
N LYS A 332 -2.02 -36.68 42.50
CA LYS A 332 -2.06 -36.55 41.06
C LYS A 332 -2.07 -37.91 40.39
N THR A 333 -2.91 -38.04 39.36
CA THR A 333 -3.17 -39.31 38.71
C THR A 333 -2.88 -39.21 37.23
N ILE A 334 -1.88 -39.95 36.77
CA ILE A 334 -1.42 -39.87 35.39
C ILE A 334 -2.02 -41.05 34.63
N ALA A 335 -2.95 -40.75 33.74
CA ALA A 335 -3.67 -41.78 32.99
C ALA A 335 -3.40 -41.62 31.50
N ASN A 336 -3.40 -42.75 30.79
CA ASN A 336 -3.27 -42.72 29.35
C ASN A 336 -4.54 -42.16 28.72
N ASN A 337 -4.36 -41.28 27.73
CA ASN A 337 -5.45 -40.84 26.88
C ASN A 337 -5.13 -41.33 25.48
N LEU A 338 -5.88 -42.31 24.99
CA LEU A 338 -5.57 -42.92 23.71
C LEU A 338 -6.07 -42.10 22.53
N THR A 339 -7.24 -41.50 22.64
CA THR A 339 -7.86 -40.77 21.56
C THR A 339 -7.11 -39.50 21.19
N SER A 340 -6.36 -38.92 22.12
CA SER A 340 -5.72 -37.64 21.89
C SER A 340 -4.67 -37.75 20.78
N THR A 341 -4.31 -36.59 20.23
CA THR A 341 -3.40 -36.50 19.11
C THR A 341 -2.22 -35.61 19.43
N VAL A 342 -1.18 -35.74 18.61
CA VAL A 342 -0.01 -34.87 18.64
C VAL A 342 0.28 -34.42 17.23
N GLN A 343 0.52 -33.12 17.08
CA GLN A 343 0.73 -32.47 15.80
C GLN A 343 2.21 -32.22 15.57
N VAL A 344 2.68 -32.58 14.38
CA VAL A 344 4.07 -32.34 14.00
C VAL A 344 4.09 -31.91 12.54
N PHE A 345 4.98 -30.98 12.22
CA PHE A 345 5.25 -30.64 10.83
C PHE A 345 6.68 -30.16 10.73
N THR A 346 7.24 -30.30 9.54
CA THR A 346 8.51 -29.68 9.22
C THR A 346 8.26 -28.41 8.44
N ASP A 347 9.11 -27.42 8.65
CA ASP A 347 9.08 -26.24 7.81
C ASP A 347 10.19 -26.46 6.80
N SER A 348 9.80 -26.91 5.61
CA SER A 348 10.74 -27.19 4.55
C SER A 348 10.82 -26.07 3.54
N ASP A 349 9.98 -25.05 3.66
CA ASP A 349 10.10 -23.84 2.89
C ASP A 349 10.80 -22.72 3.65
N TYR A 350 11.21 -22.98 4.89
CA TYR A 350 12.02 -22.04 5.65
C TYR A 350 11.28 -20.74 5.87
N GLN A 351 9.97 -20.85 6.07
CA GLN A 351 9.10 -19.70 6.20
C GLN A 351 9.05 -19.13 7.61
N LEU A 352 9.39 -19.91 8.61
CA LEU A 352 9.42 -19.45 9.99
C LEU A 352 10.79 -18.93 10.35
N PRO A 353 10.88 -18.11 11.39
CA PRO A 353 12.19 -17.77 11.95
C PRO A 353 12.97 -19.03 12.33
N TYR A 354 14.26 -19.02 12.05
CA TYR A 354 15.10 -20.19 12.24
C TYR A 354 15.95 -19.96 13.49
N VAL A 355 15.62 -20.66 14.56
CA VAL A 355 16.30 -20.47 15.84
C VAL A 355 17.36 -21.53 16.11
N LEU A 356 17.54 -22.50 15.23
CA LEU A 356 18.43 -23.60 15.54
C LEU A 356 19.91 -23.25 15.43
N GLY A 357 20.24 -22.06 14.95
CA GLY A 357 21.63 -21.75 14.69
C GLY A 357 22.29 -20.96 15.80
N SER A 358 21.59 -20.79 16.91
CA SER A 358 22.07 -19.93 17.99
C SER A 358 22.77 -20.70 19.11
N ALA A 359 23.01 -22.00 18.94
CA ALA A 359 23.73 -22.80 19.94
C ALA A 359 22.96 -22.83 21.26
N HIS A 360 21.67 -23.13 21.19
CA HIS A 360 20.81 -23.21 22.35
C HIS A 360 20.92 -24.55 23.06
N GLU A 361 20.54 -24.53 24.33
CA GLU A 361 20.32 -25.75 25.10
C GLU A 361 19.05 -26.42 24.59
N GLY A 362 18.70 -27.56 25.18
CA GLY A 362 17.53 -28.29 24.73
C GLY A 362 17.81 -29.32 23.65
N CYS A 363 19.07 -29.53 23.30
CA CYS A 363 19.44 -30.53 22.32
C CYS A 363 19.17 -31.93 22.86
N LEU A 364 19.13 -32.89 21.94
CA LEU A 364 19.15 -34.29 22.34
C LEU A 364 20.33 -34.55 23.27
N PRO A 365 20.14 -35.34 24.33
CA PRO A 365 21.20 -35.48 25.33
C PRO A 365 22.31 -36.38 24.81
N PRO A 366 23.53 -36.18 25.28
CA PRO A 366 24.64 -37.01 24.80
C PRO A 366 24.56 -38.46 25.25
N PHE A 367 23.77 -38.76 26.27
CA PHE A 367 23.77 -40.13 26.77
C PHE A 367 22.51 -40.85 26.34
N PRO A 368 22.64 -41.92 25.56
CA PRO A 368 21.47 -42.48 24.87
C PRO A 368 20.36 -42.98 25.78
N ALA A 369 20.61 -43.15 27.07
CA ALA A 369 19.55 -43.61 27.96
C ALA A 369 18.85 -42.48 28.69
N ASP A 370 19.26 -41.24 28.47
CA ASP A 370 18.60 -40.09 29.10
C ASP A 370 17.27 -39.81 28.45
N VAL A 371 16.38 -39.19 29.23
CA VAL A 371 15.09 -38.70 28.75
C VAL A 371 15.10 -37.19 28.91
N PHE A 372 14.80 -36.48 27.82
CA PHE A 372 14.96 -35.04 27.76
C PHE A 372 13.62 -34.36 27.57
N MET A 373 13.56 -33.12 28.04
CA MET A 373 12.40 -32.25 27.85
C MET A 373 12.57 -31.53 26.51
N ILE A 374 11.46 -31.38 25.79
CA ILE A 374 11.47 -30.70 24.49
C ILE A 374 11.31 -29.20 24.72
N PRO A 375 12.21 -28.37 24.20
CA PRO A 375 12.19 -26.94 24.52
C PRO A 375 11.11 -26.20 23.75
N GLN A 376 10.74 -25.04 24.29
CA GLN A 376 9.64 -24.28 23.73
C GLN A 376 10.12 -23.49 22.52
N TYR A 377 9.22 -23.31 21.56
CA TYR A 377 9.53 -22.51 20.38
C TYR A 377 9.02 -21.09 20.55
N GLY A 378 9.91 -20.13 20.32
CA GLY A 378 9.57 -18.73 20.33
C GLY A 378 10.54 -18.01 19.43
N TYR A 379 10.15 -16.81 19.00
CA TYR A 379 10.99 -16.10 18.05
C TYR A 379 10.97 -14.62 18.35
N LEU A 380 11.96 -13.94 17.79
CA LEU A 380 12.06 -12.49 17.88
C LEU A 380 11.80 -11.89 16.51
N THR A 381 11.28 -10.67 16.51
CA THR A 381 11.05 -9.92 15.30
C THR A 381 11.59 -8.51 15.52
N LEU A 382 11.33 -7.62 14.57
CA LEU A 382 11.84 -6.26 14.66
C LEU A 382 11.31 -5.57 15.89
N ASN A 383 12.16 -4.81 16.56
CA ASN A 383 11.77 -4.04 17.72
C ASN A 383 12.38 -2.66 17.62
N ASP A 384 11.78 -1.72 18.34
CA ASP A 384 12.43 -0.47 18.69
C ASP A 384 12.29 -0.29 20.18
N GLY A 385 13.39 -0.37 20.90
CA GLY A 385 13.29 -0.52 22.34
C GLY A 385 12.49 -1.78 22.61
N SER A 386 11.58 -1.70 23.58
CA SER A 386 10.67 -2.79 23.84
C SER A 386 9.51 -2.83 22.86
N GLN A 387 9.16 -1.71 22.28
CA GLN A 387 8.01 -1.63 21.38
C GLN A 387 8.33 -2.24 20.02
N ALA A 388 7.27 -2.54 19.29
CA ALA A 388 7.37 -3.13 17.97
C ALA A 388 7.07 -2.08 16.92
N VAL A 389 7.71 -2.22 15.77
CA VAL A 389 7.49 -1.28 14.68
C VAL A 389 6.44 -1.86 13.75
N GLY A 390 6.07 -1.10 12.73
CA GLY A 390 5.02 -1.55 11.85
C GLY A 390 5.45 -2.67 10.96
N ARG A 391 6.76 -2.82 10.80
CA ARG A 391 7.28 -3.84 9.90
C ARG A 391 7.37 -5.20 10.59
N SER A 392 7.26 -5.23 11.91
CA SER A 392 7.36 -6.49 12.65
C SER A 392 6.30 -7.47 12.21
N SER A 393 6.65 -8.75 12.24
CA SER A 393 5.77 -9.79 11.72
C SER A 393 5.37 -10.75 12.83
N PHE A 394 4.25 -11.41 12.62
CA PHE A 394 3.69 -12.35 13.57
C PHE A 394 3.29 -13.62 12.83
N TYR A 395 3.70 -14.76 13.36
CA TYR A 395 3.44 -16.04 12.71
C TYR A 395 2.56 -16.90 13.62
N CYS A 396 1.48 -17.42 13.07
CA CYS A 396 0.67 -18.42 13.74
C CYS A 396 1.01 -19.78 13.17
N LEU A 397 1.69 -20.61 13.97
CA LEU A 397 2.12 -21.90 13.48
C LEU A 397 0.95 -22.82 13.16
N GLU A 398 -0.22 -22.57 13.74
CA GLU A 398 -1.40 -23.31 13.38
C GLU A 398 -1.74 -23.19 11.90
N TYR A 399 -1.17 -22.22 11.21
CA TYR A 399 -1.56 -21.87 9.86
C TYR A 399 -0.73 -22.61 8.82
N PHE A 400 0.09 -23.48 9.22
CA PHE A 400 0.80 -24.50 8.46
C PHE A 400 0.02 -25.81 8.47
N PRO A 401 0.05 -26.57 7.37
CA PRO A 401 -0.52 -27.92 7.42
C PRO A 401 0.37 -28.84 8.25
N SER A 402 -0.25 -29.59 9.14
CA SER A 402 0.51 -30.49 10.01
C SER A 402 -0.18 -31.83 10.08
N GLN A 403 0.61 -32.83 10.46
CA GLN A 403 0.12 -34.20 10.57
C GLN A 403 -0.22 -34.51 12.02
N MET A 404 -1.41 -35.03 12.25
CA MET A 404 -1.90 -35.31 13.59
C MET A 404 -1.74 -36.79 13.87
N LEU A 405 -1.18 -37.11 15.04
CA LEU A 405 -0.74 -38.47 15.36
C LEU A 405 -1.43 -38.94 16.63
N ARG A 406 -2.21 -40.02 16.52
CA ARG A 406 -2.63 -40.77 17.69
C ARG A 406 -1.56 -41.80 18.05
N THR A 407 -1.84 -42.61 19.08
CA THR A 407 -0.78 -43.42 19.67
C THR A 407 -0.23 -44.48 18.73
N GLY A 408 -0.98 -44.88 17.70
CA GLY A 408 -0.48 -45.84 16.75
C GLY A 408 0.16 -45.23 15.52
N ASN A 409 0.09 -43.92 15.39
CA ASN A 409 0.62 -43.21 14.24
C ASN A 409 2.12 -42.96 14.39
N ASN A 410 2.80 -42.84 13.25
CA ASN A 410 4.21 -42.51 13.23
C ASN A 410 4.46 -41.38 12.23
N PHE A 411 5.65 -40.80 12.31
CA PHE A 411 6.01 -39.68 11.46
C PHE A 411 7.46 -39.82 11.01
N GLN A 412 7.71 -39.67 9.71
CA GLN A 412 9.06 -39.78 9.19
C GLN A 412 9.21 -38.92 7.96
N PHE A 413 10.44 -38.45 7.75
CA PHE A 413 10.78 -37.75 6.51
C PHE A 413 12.28 -37.86 6.32
N SER A 414 12.72 -37.71 5.08
CA SER A 414 14.13 -37.75 4.76
C SER A 414 14.55 -36.41 4.19
N TYR A 415 15.75 -35.98 4.58
CA TYR A 415 16.31 -34.69 4.17
C TYR A 415 17.64 -34.92 3.48
N GLU A 416 17.99 -34.00 2.60
CA GLU A 416 19.21 -34.07 1.81
C GLU A 416 20.03 -32.82 2.07
N PHE A 417 21.23 -33.00 2.61
CA PHE A 417 22.13 -31.86 2.81
C PHE A 417 22.60 -31.32 1.47
N GLU A 418 22.70 -30.01 1.38
CA GLU A 418 23.25 -29.41 0.17
C GLU A 418 24.77 -29.49 0.19
N ASN A 419 25.37 -29.47 -1.00
CA ASN A 419 26.80 -29.67 -1.10
C ASN A 419 27.55 -28.56 -0.36
N VAL A 420 28.43 -28.98 0.54
CA VAL A 420 29.24 -28.07 1.34
C VAL A 420 30.68 -28.58 1.33
N PRO A 421 31.64 -27.72 1.64
CA PRO A 421 33.04 -28.18 1.67
C PRO A 421 33.34 -29.02 2.89
N PHE A 422 34.21 -30.01 2.73
CA PHE A 422 34.60 -30.89 3.83
C PHE A 422 35.23 -30.07 4.94
N HIS A 423 34.73 -30.21 6.16
CA HIS A 423 35.33 -29.48 7.28
C HIS A 423 36.74 -29.99 7.45
N SER A 424 37.68 -29.08 7.68
CA SER A 424 39.05 -29.52 7.84
C SER A 424 39.23 -30.03 9.26
N SER A 425 39.77 -31.24 9.39
CA SER A 425 39.99 -31.80 10.69
C SER A 425 41.43 -32.26 10.69
N TYR A 426 42.31 -31.27 10.58
CA TYR A 426 43.74 -31.49 10.57
C TYR A 426 44.44 -30.17 10.85
N ALA A 427 45.70 -30.22 11.24
CA ALA A 427 46.46 -29.02 11.52
C ALA A 427 47.65 -28.96 10.58
N HIS A 428 47.90 -27.80 9.99
CA HIS A 428 49.03 -27.65 9.08
C HIS A 428 50.33 -27.87 9.82
N SER A 429 51.26 -28.57 9.18
CA SER A 429 52.57 -28.87 9.74
C SER A 429 53.55 -27.75 9.46
N GLN A 430 53.26 -27.00 8.41
CA GLN A 430 54.05 -25.86 7.98
C GLN A 430 53.30 -24.59 8.35
N SER A 431 54.04 -23.47 8.38
CA SER A 431 53.45 -22.17 8.65
C SER A 431 53.66 -21.27 7.44
N LEU A 432 52.85 -20.22 7.37
CA LEU A 432 52.76 -19.42 6.15
C LEU A 432 54.09 -18.78 5.79
N ASP A 433 54.76 -18.17 6.75
CA ASP A 433 55.99 -17.42 6.49
C ASP A 433 57.21 -18.31 6.28
N ARG A 434 57.17 -19.56 6.71
CA ARG A 434 58.31 -20.46 6.61
C ARG A 434 58.25 -21.36 5.39
N LEU A 435 57.30 -21.18 4.49
CA LEU A 435 57.25 -21.98 3.28
C LEU A 435 58.49 -21.77 2.44
N GLY A 475 60.21 -12.18 0.50
CA GLY A 475 59.13 -12.09 -0.47
C GLY A 475 58.27 -13.33 -0.49
N ARG A 476 56.96 -13.17 -0.31
CA ARG A 476 56.05 -14.29 -0.19
C ARG A 476 54.82 -14.06 -1.06
N ASN A 477 54.22 -15.16 -1.50
CA ASN A 477 53.05 -15.10 -2.38
C ASN A 477 51.73 -14.94 -1.64
N TYR A 478 51.70 -15.19 -0.33
CA TYR A 478 50.42 -15.17 0.38
C TYR A 478 50.61 -14.57 1.75
N ILE A 479 49.52 -14.08 2.31
CA ILE A 479 49.53 -13.41 3.61
C ILE A 479 48.45 -14.02 4.48
N PRO A 480 48.59 -13.90 5.80
CA PRO A 480 47.64 -14.55 6.71
C PRO A 480 46.28 -13.89 6.69
N GLY A 481 45.30 -14.62 7.21
CA GLY A 481 43.91 -14.23 7.19
C GLY A 481 43.58 -13.00 8.01
N PRO A 482 42.32 -12.59 7.98
CA PRO A 482 41.92 -11.32 8.59
C PRO A 482 41.88 -11.38 10.10
N SER A 483 41.87 -10.21 10.71
CA SER A 483 41.92 -10.10 12.16
C SER A 483 41.01 -8.99 12.66
N TYR A 484 40.40 -9.23 13.82
CA TYR A 484 39.69 -8.21 14.56
C TYR A 484 40.11 -8.40 16.01
N ARG A 485 40.86 -7.46 16.59
CA ARG A 485 41.61 -7.81 17.79
C ARG A 485 40.71 -7.95 19.01
N GLN A 486 40.99 -8.97 19.82
CA GLN A 486 40.37 -9.21 21.11
C GLN A 486 41.33 -8.81 22.22
N GLN A 487 40.77 -8.42 23.36
CA GLN A 487 41.59 -8.23 24.56
C GLN A 487 42.08 -9.57 25.08
N ARG A 488 43.25 -9.55 25.72
CA ARG A 488 43.88 -10.78 26.21
C ARG A 488 43.62 -10.93 27.71
N VAL A 489 43.20 -12.13 28.11
CA VAL A 489 42.93 -12.44 29.50
C VAL A 489 43.73 -13.66 29.90
N SER A 490 44.30 -13.62 31.11
CA SER A 490 45.13 -14.69 31.63
C SER A 490 44.35 -15.50 32.66
N THR A 491 44.56 -16.82 32.64
CA THR A 491 43.92 -17.70 33.62
C THR A 491 44.50 -17.55 35.01
N THR A 492 45.63 -16.88 35.14
CA THR A 492 46.18 -16.55 36.46
C THR A 492 45.67 -15.16 36.84
N VAL A 493 44.80 -15.11 37.84
CA VAL A 493 44.10 -13.87 38.11
C VAL A 493 45.06 -12.76 38.52
N THR A 494 46.18 -13.12 39.12
CA THR A 494 47.17 -12.13 39.55
C THR A 494 47.77 -11.35 38.39
N GLN A 495 47.93 -12.03 37.25
CA GLN A 495 48.48 -11.39 36.05
C GLN A 495 47.59 -10.26 35.55
N ASN A 496 46.28 -10.47 35.63
CA ASN A 496 45.29 -9.51 35.17
C ASN A 496 45.25 -8.19 35.94
N ASN A 497 44.85 -7.13 35.23
CA ASN A 497 44.73 -5.78 35.79
C ASN A 497 43.65 -5.71 36.88
N ASN A 498 43.91 -4.90 37.90
CA ASN A 498 42.95 -4.75 39.00
C ASN A 498 41.88 -3.72 38.69
N SER A 499 41.00 -4.07 37.75
CA SER A 499 39.91 -3.17 37.35
C SER A 499 38.79 -3.98 36.72
N GLU A 500 37.60 -3.40 36.64
CA GLU A 500 36.50 -4.11 36.01
C GLU A 500 36.46 -3.72 34.54
N PHE A 501 37.03 -4.59 33.72
CA PHE A 501 37.10 -4.39 32.29
C PHE A 501 36.45 -5.53 31.52
N ALA A 502 35.59 -6.29 32.17
CA ALA A 502 34.98 -7.42 31.47
C ALA A 502 34.17 -6.95 30.27
N TRP A 503 33.38 -5.90 30.44
CA TRP A 503 32.59 -5.38 29.34
C TRP A 503 33.27 -4.17 28.72
N PRO A 504 33.74 -3.26 29.58
CA PRO A 504 34.41 -2.04 29.15
C PRO A 504 35.63 -2.30 28.29
N GLY A 505 36.06 -3.55 28.15
CA GLY A 505 37.22 -3.83 27.34
C GLY A 505 36.95 -4.81 26.23
N ALA A 506 35.68 -5.02 25.91
CA ALA A 506 35.27 -6.09 25.02
C ALA A 506 35.14 -5.61 23.58
N SER A 507 35.48 -6.50 22.65
CA SER A 507 35.33 -6.21 21.25
C SER A 507 33.89 -6.37 20.83
N SER A 508 33.34 -5.34 20.19
CA SER A 508 31.91 -5.28 19.93
C SER A 508 31.68 -4.73 18.53
N TRP A 509 30.55 -5.11 17.96
CA TRP A 509 30.04 -4.47 16.77
C TRP A 509 28.66 -3.89 17.05
N ALA A 510 28.46 -2.67 16.59
CA ALA A 510 27.22 -1.93 16.79
C ALA A 510 26.32 -2.12 15.57
N LEU A 511 25.04 -2.35 15.82
CA LEU A 511 24.05 -2.49 14.76
C LEU A 511 22.80 -1.75 15.18
N ASN A 512 22.40 -0.74 14.41
CA ASN A 512 21.19 0.02 14.68
C ASN A 512 21.22 0.64 16.07
N GLY A 513 22.41 1.02 16.51
CA GLY A 513 22.56 1.64 17.81
C GLY A 513 22.73 0.69 18.97
N ARG A 514 22.54 -0.61 18.75
CA ARG A 514 22.73 -1.61 19.80
C ARG A 514 24.09 -2.27 19.65
N ASN A 515 24.86 -2.27 20.73
CA ASN A 515 26.17 -2.90 20.75
C ASN A 515 26.03 -4.39 21.02
N SER A 516 26.74 -5.21 20.26
CA SER A 516 26.79 -6.64 20.48
C SER A 516 28.23 -7.07 20.64
N LEU A 517 28.50 -7.85 21.67
CA LEU A 517 29.81 -8.43 21.85
C LEU A 517 30.19 -9.26 20.63
N MET A 518 31.47 -9.21 20.25
CA MET A 518 31.93 -9.95 19.08
C MET A 518 32.29 -11.34 19.59
N ASN A 519 31.46 -12.30 19.26
CA ASN A 519 31.59 -13.62 19.83
C ASN A 519 31.14 -14.66 18.83
N PRO A 520 31.92 -15.73 18.66
CA PRO A 520 33.33 -15.83 19.06
C PRO A 520 34.19 -14.90 18.22
N GLY A 521 33.68 -14.52 17.06
CA GLY A 521 34.38 -13.62 16.18
C GLY A 521 35.02 -14.33 15.01
N PRO A 522 35.87 -13.62 14.26
CA PRO A 522 36.59 -14.27 13.16
C PRO A 522 37.54 -15.34 13.70
N ALA A 523 37.93 -16.25 12.82
CA ALA A 523 38.77 -17.37 13.23
C ALA A 523 40.21 -16.87 13.38
N MET A 524 40.74 -16.96 14.60
CA MET A 524 42.08 -16.49 14.90
C MET A 524 42.71 -17.44 15.91
N ALA A 525 44.03 -17.43 15.97
CA ALA A 525 44.73 -18.26 16.93
C ALA A 525 44.49 -17.74 18.34
N SER A 526 44.21 -18.66 19.27
CA SER A 526 43.83 -18.27 20.62
C SER A 526 44.95 -17.55 21.34
N HIS A 527 46.20 -17.96 21.12
CA HIS A 527 47.32 -17.41 21.87
C HIS A 527 48.60 -17.64 21.08
N LYS A 528 49.62 -16.87 21.43
CA LYS A 528 50.93 -17.11 20.86
C LYS A 528 51.48 -18.44 21.34
N GLU A 529 52.38 -19.01 20.55
CA GLU A 529 53.00 -20.27 20.93
C GLU A 529 53.87 -20.09 22.17
N GLY A 530 53.60 -20.89 23.19
CA GLY A 530 54.31 -20.79 24.44
C GLY A 530 53.54 -20.16 25.57
N GLU A 531 52.45 -19.44 25.28
CA GLU A 531 51.58 -18.91 26.32
C GLU A 531 50.24 -19.59 26.19
N ASP A 532 49.97 -20.55 27.08
CA ASP A 532 48.67 -21.18 27.16
C ASP A 532 47.82 -20.66 28.32
N ARG A 533 48.35 -19.72 29.10
CA ARG A 533 47.58 -19.17 30.21
C ARG A 533 46.71 -17.99 29.77
N PHE A 534 46.88 -17.52 28.55
CA PHE A 534 46.09 -16.42 28.02
C PHE A 534 45.04 -16.95 27.05
N PHE A 535 43.90 -16.27 27.01
CA PHE A 535 42.87 -16.58 26.03
C PHE A 535 42.20 -15.28 25.61
N PRO A 536 41.71 -15.22 24.36
CA PRO A 536 40.98 -14.03 23.94
C PRO A 536 39.68 -13.90 24.70
N LEU A 537 39.37 -12.67 25.10
CA LEU A 537 38.26 -12.39 26.00
C LEU A 537 36.98 -13.04 25.51
N SER A 538 36.44 -12.58 24.39
CA SER A 538 35.27 -13.20 23.78
C SER A 538 35.63 -14.12 22.63
N GLY A 539 36.91 -14.31 22.35
CA GLY A 539 37.33 -14.93 21.10
C GLY A 539 37.21 -16.43 21.01
N SER A 540 36.84 -17.12 22.09
CA SER A 540 36.81 -18.57 22.08
C SER A 540 35.51 -19.07 22.66
N LEU A 541 35.10 -20.25 22.20
CA LEU A 541 33.95 -20.93 22.75
C LEU A 541 34.24 -21.32 24.19
N ILE A 542 33.20 -21.41 25.01
CA ILE A 542 33.32 -21.86 26.38
C ILE A 542 32.16 -22.79 26.70
N PHE A 543 32.47 -24.00 27.15
CA PHE A 543 31.47 -24.98 27.54
C PHE A 543 31.49 -25.15 29.05
N GLY A 544 30.34 -25.52 29.62
CA GLY A 544 30.27 -25.83 31.03
C GLY A 544 30.50 -27.30 31.33
N LYS A 545 31.09 -27.56 32.49
CA LYS A 545 31.26 -28.91 32.99
C LYS A 545 29.93 -29.43 33.53
N GLN A 546 29.84 -30.75 33.65
CA GLN A 546 28.60 -31.38 34.10
C GLN A 546 28.11 -30.77 35.41
N GLY A 547 26.83 -30.41 35.43
CA GLY A 547 26.24 -29.81 36.61
C GLY A 547 26.75 -28.44 36.97
N THR A 548 27.34 -27.71 36.03
CA THR A 548 27.87 -26.38 36.31
C THR A 548 26.75 -25.39 36.55
N GLY A 549 26.98 -24.45 37.46
CA GLY A 549 25.99 -23.43 37.78
C GLY A 549 25.77 -22.46 36.63
N ARG A 550 24.66 -21.73 36.74
CA ARG A 550 24.23 -20.81 35.69
C ARG A 550 24.92 -19.44 35.75
N ASP A 551 25.25 -18.94 36.94
CA ASP A 551 25.71 -17.56 37.08
C ASP A 551 26.97 -17.46 37.92
N ASN A 552 27.98 -16.76 37.39
CA ASN A 552 29.14 -16.30 38.17
C ASN A 552 29.96 -17.45 38.74
N VAL A 553 30.16 -18.46 37.90
CA VAL A 553 30.88 -19.67 38.30
C VAL A 553 32.35 -19.49 37.96
N ASP A 554 33.22 -20.05 38.80
CA ASP A 554 34.64 -19.81 38.60
C ASP A 554 35.16 -20.59 37.40
N ALA A 555 36.43 -20.34 37.07
CA ALA A 555 36.96 -20.77 35.79
C ALA A 555 37.09 -22.28 35.71
N ASP A 556 37.20 -22.96 36.85
CA ASP A 556 37.34 -24.40 36.88
C ASP A 556 36.03 -25.13 36.62
N LYS A 557 34.91 -24.43 36.53
CA LYS A 557 33.64 -25.06 36.20
C LYS A 557 33.32 -25.06 34.72
N VAL A 558 34.17 -24.43 33.90
CA VAL A 558 33.89 -24.27 32.48
C VAL A 558 35.15 -24.60 31.69
N MET A 559 34.94 -25.16 30.50
CA MET A 559 36.02 -25.58 29.62
C MET A 559 36.21 -24.53 28.53
N ILE A 560 37.34 -23.85 28.57
CA ILE A 560 37.68 -22.81 27.61
C ILE A 560 38.49 -23.46 26.49
N THR A 561 37.91 -23.54 25.30
CA THR A 561 38.61 -24.14 24.17
C THR A 561 39.78 -23.26 23.75
N ASN A 562 40.70 -23.86 23.00
CA ASN A 562 41.79 -23.12 22.36
C ASN A 562 41.87 -23.49 20.91
N GLU A 563 42.11 -22.49 20.07
CA GLU A 563 42.18 -22.66 18.62
C GLU A 563 43.60 -22.80 18.10
N GLU A 564 44.60 -22.92 18.97
CA GLU A 564 45.99 -22.76 18.55
C GLU A 564 46.38 -23.63 17.37
N GLU A 565 45.58 -24.67 17.08
CA GLU A 565 45.87 -25.52 15.92
C GLU A 565 46.04 -24.72 14.64
N ILE A 566 45.39 -23.56 14.53
CA ILE A 566 45.33 -22.81 13.28
C ILE A 566 46.35 -21.69 13.23
N LYS A 567 47.20 -21.56 14.26
CA LYS A 567 48.11 -20.43 14.31
C LYS A 567 49.09 -20.40 13.15
N THR A 568 49.16 -21.47 12.36
CA THR A 568 50.02 -21.46 11.19
C THR A 568 49.57 -20.42 10.17
N THR A 569 48.31 -20.47 9.75
CA THR A 569 47.80 -19.55 8.75
C THR A 569 47.02 -18.37 9.31
N ASN A 570 46.76 -18.31 10.60
CA ASN A 570 45.89 -17.24 11.04
C ASN A 570 46.60 -16.36 12.05
N PRO A 571 46.26 -15.08 12.11
CA PRO A 571 46.85 -14.22 13.12
C PRO A 571 46.35 -14.58 14.50
N VAL A 572 47.10 -14.14 15.51
CA VAL A 572 46.72 -14.40 16.89
C VAL A 572 45.63 -13.42 17.29
N ALA A 573 44.61 -13.92 17.99
CA ALA A 573 43.45 -13.11 18.31
C ALA A 573 43.84 -11.85 19.07
N THR A 574 44.78 -11.94 19.99
CA THR A 574 45.09 -10.83 20.87
C THR A 574 46.22 -9.95 20.35
N GLU A 575 46.67 -10.18 19.11
CA GLU A 575 47.79 -9.45 18.56
C GLU A 575 47.34 -8.59 17.39
N SER A 576 48.10 -7.53 17.12
CA SER A 576 47.86 -6.71 15.95
C SER A 576 48.15 -7.49 14.68
N TYR A 577 47.56 -7.05 13.57
CA TYR A 577 47.81 -7.73 12.31
C TYR A 577 49.18 -7.37 11.76
N GLY A 578 49.65 -6.16 12.04
CA GLY A 578 50.92 -5.72 11.48
C GLY A 578 51.13 -4.25 11.73
N GLN A 579 51.94 -3.65 10.86
CA GLN A 579 52.26 -2.24 10.92
C GLN A 579 52.23 -1.64 9.52
N VAL A 580 51.89 -0.36 9.44
CA VAL A 580 51.81 0.35 8.17
C VAL A 580 52.49 1.71 8.32
N ALA A 581 52.84 2.28 7.17
CA ALA A 581 53.43 3.61 7.13
C ALA A 581 52.35 4.66 7.33
N THR A 582 52.58 5.59 8.25
CA THR A 582 51.62 6.65 8.50
C THR A 582 51.97 7.98 7.85
N ASN A 583 53.12 8.10 7.18
CA ASN A 583 53.52 9.39 6.65
C ASN A 583 54.53 9.19 5.53
N HIS A 584 54.98 10.31 4.98
CA HIS A 584 56.09 10.35 4.03
C HIS A 584 57.35 10.78 4.76
N GLN A 585 58.38 9.95 4.69
CA GLN A 585 59.67 10.35 5.22
C GLN A 585 60.27 11.47 4.38
N SER A 586 61.20 12.19 4.97
CA SER A 586 61.89 13.27 4.29
C SER A 586 63.12 13.61 5.12
N ALA A 587 63.88 14.60 4.64
CA ALA A 587 64.99 15.09 5.44
C ALA A 587 64.53 15.53 6.82
N GLN A 588 63.35 16.14 6.91
CA GLN A 588 62.84 16.66 8.17
C GLN A 588 61.88 15.71 8.87
N ALA A 589 61.57 14.57 8.29
CA ALA A 589 60.52 13.71 8.83
C ALA A 589 61.02 12.28 8.94
N GLN A 590 61.09 11.78 10.17
CA GLN A 590 61.38 10.36 10.37
C GLN A 590 60.23 9.50 9.89
N ALA A 591 60.56 8.27 9.51
CA ALA A 591 59.53 7.32 9.13
C ALA A 591 58.70 6.96 10.36
N GLN A 592 57.39 7.07 10.22
CA GLN A 592 56.46 6.76 11.29
C GLN A 592 55.55 5.63 10.87
N THR A 593 55.22 4.77 11.84
CA THR A 593 54.38 3.61 11.60
C THR A 593 53.25 3.60 12.62
N GLY A 594 52.26 2.76 12.34
CA GLY A 594 51.16 2.58 13.26
C GLY A 594 50.69 1.14 13.19
N TRP A 595 49.95 0.74 14.21
CA TRP A 595 49.57 -0.64 14.37
C TRP A 595 48.23 -0.90 13.71
N VAL A 596 48.09 -2.06 13.06
CA VAL A 596 46.84 -2.46 12.45
C VAL A 596 46.08 -3.29 13.46
N GLN A 597 45.02 -2.73 14.01
CA GLN A 597 44.23 -3.42 15.02
C GLN A 597 43.22 -4.36 14.39
N ASN A 598 42.74 -4.03 13.20
CA ASN A 598 41.80 -4.86 12.47
C ASN A 598 42.12 -4.78 10.99
N GLN A 599 41.96 -5.89 10.29
CA GLN A 599 42.28 -5.94 8.88
C GLN A 599 41.20 -6.73 8.16
N GLY A 600 40.62 -6.12 7.13
CA GLY A 600 39.71 -6.83 6.27
C GLY A 600 40.44 -7.72 5.29
N ILE A 601 39.66 -8.41 4.46
CA ILE A 601 40.24 -9.26 3.43
C ILE A 601 41.16 -8.46 2.54
N LEU A 602 42.23 -9.11 2.09
CA LEU A 602 43.12 -8.62 1.06
C LEU A 602 43.35 -9.73 0.05
N PRO A 603 43.53 -9.39 -1.22
CA PRO A 603 43.85 -10.44 -2.21
C PRO A 603 45.12 -11.16 -1.81
N GLY A 604 45.05 -12.49 -1.79
CA GLY A 604 46.18 -13.29 -1.40
C GLY A 604 46.18 -13.76 0.04
N MET A 605 45.12 -13.53 0.79
CA MET A 605 45.01 -14.09 2.11
C MET A 605 44.60 -15.56 2.05
N VAL A 606 45.01 -16.30 3.07
CA VAL A 606 44.53 -17.65 3.32
C VAL A 606 44.18 -17.73 4.79
N TRP A 607 43.23 -18.58 5.13
CA TRP A 607 42.85 -18.71 6.52
C TRP A 607 42.20 -20.06 6.75
N GLN A 608 42.18 -20.46 8.01
CA GLN A 608 41.50 -21.66 8.48
C GLN A 608 40.28 -21.28 9.29
N ASP A 609 39.23 -22.07 9.15
CA ASP A 609 38.00 -21.82 9.89
C ASP A 609 38.16 -22.28 11.34
N ARG A 610 37.13 -22.07 12.12
CA ARG A 610 37.15 -22.48 13.52
C ARG A 610 36.85 -23.98 13.61
N ASP A 611 37.46 -24.63 14.59
CA ASP A 611 37.35 -26.07 14.69
C ASP A 611 35.99 -26.45 15.31
N VAL A 612 35.57 -27.68 15.03
CA VAL A 612 34.32 -28.20 15.55
C VAL A 612 34.62 -29.08 16.74
N TYR A 613 33.70 -29.11 17.69
CA TYR A 613 33.86 -29.87 18.91
C TYR A 613 32.69 -30.83 19.09
N LEU A 614 32.97 -31.95 19.73
CA LEU A 614 31.95 -32.96 19.96
C LEU A 614 30.77 -32.36 20.71
N GLN A 615 31.01 -31.29 21.45
CA GLN A 615 29.95 -30.56 22.13
C GLN A 615 29.46 -29.36 21.34
N GLY A 616 30.02 -29.08 20.18
CA GLY A 616 29.72 -27.91 19.43
C GLY A 616 28.59 -28.10 18.43
N PRO A 617 28.17 -27.02 17.79
CA PRO A 617 27.11 -27.12 16.79
C PRO A 617 27.61 -27.70 15.48
N ILE A 618 26.67 -28.20 14.69
CA ILE A 618 26.98 -28.80 13.41
C ILE A 618 26.82 -27.78 12.30
N TRP A 619 25.61 -27.30 12.11
CA TRP A 619 25.30 -26.40 11.01
C TRP A 619 24.70 -25.10 11.52
N ALA A 620 24.65 -24.12 10.63
CA ALA A 620 23.88 -22.90 10.83
C ALA A 620 23.22 -22.55 9.51
N LYS A 621 22.20 -21.71 9.59
CA LYS A 621 21.50 -21.27 8.39
C LYS A 621 22.14 -19.98 7.90
N ILE A 622 22.55 -19.97 6.64
CA ILE A 622 23.07 -18.72 6.06
C ILE A 622 21.93 -17.74 5.93
N PRO A 623 22.00 -16.56 6.53
CA PRO A 623 20.91 -15.59 6.40
C PRO A 623 20.66 -15.27 4.94
N HIS A 624 19.41 -14.97 4.62
CA HIS A 624 19.03 -14.75 3.23
C HIS A 624 19.24 -13.28 2.94
N THR A 625 20.26 -12.98 2.14
CA THR A 625 20.70 -11.62 1.93
C THR A 625 21.22 -11.48 0.52
N ASP A 626 21.41 -10.23 0.10
CA ASP A 626 22.02 -9.98 -1.20
C ASP A 626 23.40 -10.56 -1.30
N GLY A 627 24.21 -10.41 -0.25
CA GLY A 627 25.57 -10.89 -0.32
C GLY A 627 26.12 -11.28 1.03
N ASN A 628 27.10 -12.19 0.97
CA ASN A 628 27.77 -12.72 2.14
C ASN A 628 29.18 -13.11 1.72
N PHE A 629 30.06 -13.24 2.70
CA PHE A 629 31.41 -13.67 2.39
C PHE A 629 31.81 -14.80 3.32
N HIS A 630 32.23 -15.91 2.71
CA HIS A 630 32.73 -17.09 3.38
C HIS A 630 31.68 -17.50 4.41
N PRO A 631 30.53 -17.95 3.96
CA PRO A 631 29.36 -18.09 4.83
C PRO A 631 29.52 -19.04 6.00
N SER A 632 30.60 -19.80 6.05
CA SER A 632 30.81 -20.73 7.15
C SER A 632 30.61 -20.04 8.49
N PRO A 633 29.74 -20.55 9.34
CA PRO A 633 29.34 -19.80 10.54
C PRO A 633 30.50 -19.62 11.50
N LEU A 634 30.41 -18.56 12.31
CA LEU A 634 31.53 -18.19 13.14
C LEU A 634 31.70 -19.10 14.34
N MET A 635 30.65 -19.74 14.81
CA MET A 635 30.81 -20.69 15.91
C MET A 635 31.23 -22.05 15.42
N GLY A 636 31.46 -22.23 14.13
CA GLY A 636 32.00 -23.45 13.59
C GLY A 636 30.94 -24.29 12.92
N GLY A 637 31.39 -25.16 12.04
CA GLY A 637 30.51 -26.06 11.34
C GLY A 637 30.19 -25.64 9.92
N PHE A 638 29.12 -26.20 9.42
CA PHE A 638 28.76 -26.12 8.01
C PHE A 638 27.66 -25.09 7.82
N GLY A 639 27.95 -24.04 7.04
CA GLY A 639 26.93 -23.08 6.69
C GLY A 639 26.11 -23.57 5.50
N MET A 640 24.81 -23.29 5.56
CA MET A 640 23.89 -23.80 4.54
C MET A 640 22.80 -22.77 4.28
N LYS A 641 22.41 -22.65 3.02
CA LYS A 641 21.25 -21.84 2.70
C LYS A 641 19.94 -22.56 2.97
N HIS A 642 19.91 -23.87 2.75
CA HIS A 642 18.75 -24.69 3.08
C HIS A 642 19.21 -25.72 4.11
N PRO A 643 19.34 -25.33 5.37
CA PRO A 643 19.82 -26.24 6.38
C PRO A 643 18.77 -27.31 6.64
N PRO A 644 19.05 -28.28 7.51
CA PRO A 644 18.01 -29.18 7.94
C PRO A 644 16.83 -28.41 8.49
N PRO A 645 15.63 -28.76 8.07
CA PRO A 645 14.46 -27.96 8.44
C PRO A 645 14.15 -28.06 9.91
N GLN A 646 13.34 -27.13 10.38
CA GLN A 646 12.85 -27.22 11.75
C GLN A 646 11.71 -28.22 11.83
N ILE A 647 11.54 -28.81 12.99
CA ILE A 647 10.50 -29.80 13.24
C ILE A 647 9.72 -29.33 14.45
N LEU A 648 8.43 -29.08 14.29
CA LEU A 648 7.63 -28.43 15.30
C LEU A 648 6.56 -29.38 15.79
N ILE A 649 6.30 -29.36 17.10
CA ILE A 649 5.42 -30.36 17.70
C ILE A 649 4.66 -29.74 18.86
N LYS A 650 3.40 -30.12 19.01
CA LYS A 650 2.63 -29.71 20.16
C LYS A 650 1.55 -30.74 20.46
N ASN A 651 1.02 -30.67 21.67
CA ASN A 651 -0.09 -31.50 22.08
C ASN A 651 -1.38 -30.79 21.71
N THR A 652 -2.15 -31.40 20.83
CA THR A 652 -3.42 -30.82 20.45
C THR A 652 -4.27 -30.57 21.70
N PRO A 653 -4.67 -29.33 21.96
CA PRO A 653 -5.44 -29.05 23.17
C PRO A 653 -6.76 -29.79 23.16
N VAL A 654 -7.09 -30.40 24.30
CA VAL A 654 -8.40 -31.01 24.47
C VAL A 654 -9.12 -30.21 25.54
N PRO A 655 -10.27 -29.62 25.22
CA PRO A 655 -10.95 -28.78 26.19
C PRO A 655 -11.57 -29.59 27.31
N ALA A 656 -11.76 -28.93 28.45
CA ALA A 656 -12.58 -29.49 29.51
C ALA A 656 -14.05 -29.36 29.13
N ASP A 657 -14.92 -29.62 30.07
CA ASP A 657 -16.34 -29.52 29.78
C ASP A 657 -16.73 -28.07 29.52
N PRO A 658 -17.33 -27.77 28.37
CA PRO A 658 -17.92 -26.46 28.16
C PRO A 658 -19.19 -26.31 28.96
N PRO A 659 -19.68 -25.09 29.15
CA PRO A 659 -21.02 -24.91 29.72
C PRO A 659 -22.09 -25.45 28.79
N THR A 660 -23.29 -25.59 29.32
CA THR A 660 -24.41 -26.07 28.52
C THR A 660 -25.23 -24.94 27.90
N ALA A 661 -24.96 -23.69 28.26
CA ALA A 661 -25.52 -22.54 27.58
C ALA A 661 -24.45 -21.93 26.69
N PHE A 662 -24.83 -21.56 25.47
CA PHE A 662 -23.86 -21.11 24.50
C PHE A 662 -23.18 -19.82 24.92
N ASN A 663 -21.86 -19.77 24.73
CA ASN A 663 -21.07 -18.58 24.98
C ASN A 663 -20.04 -18.46 23.87
N LYS A 664 -19.75 -17.24 23.45
CA LYS A 664 -18.90 -17.02 22.29
C LYS A 664 -17.42 -16.98 22.61
N ASP A 665 -17.04 -16.82 23.88
CA ASP A 665 -15.63 -16.64 24.20
C ASP A 665 -14.86 -17.91 23.92
N LYS A 666 -13.56 -17.76 23.70
CA LYS A 666 -12.74 -18.94 23.47
C LYS A 666 -12.60 -19.72 24.78
N LEU A 667 -12.33 -21.01 24.64
CA LEU A 667 -12.25 -21.88 25.79
C LEU A 667 -10.88 -21.77 26.43
N ASN A 668 -10.83 -21.37 27.70
CA ASN A 668 -9.59 -21.32 28.46
C ASN A 668 -9.40 -22.52 29.37
N SER A 669 -10.35 -23.43 29.43
CA SER A 669 -10.34 -24.54 30.39
C SER A 669 -9.96 -25.83 29.67
N PHE A 670 -8.82 -26.39 30.03
CA PHE A 670 -8.28 -27.54 29.33
C PHE A 670 -7.80 -28.61 30.30
N ILE A 671 -7.80 -29.84 29.81
CA ILE A 671 -7.31 -30.98 30.56
C ILE A 671 -5.80 -30.95 30.60
N THR A 672 -5.23 -30.93 31.80
CA THR A 672 -3.78 -30.99 31.95
C THR A 672 -3.25 -32.25 31.28
N GLN A 673 -2.22 -32.09 30.47
CA GLN A 673 -1.82 -33.18 29.59
C GLN A 673 -0.37 -33.00 29.18
N TYR A 674 0.30 -34.11 28.89
CA TYR A 674 1.58 -34.09 28.21
C TYR A 674 1.82 -35.45 27.58
N SER A 675 2.78 -35.51 26.67
CA SER A 675 2.99 -36.71 25.87
C SER A 675 4.46 -37.10 25.87
N THR A 676 4.72 -38.30 25.35
CA THR A 676 6.07 -38.83 25.28
C THR A 676 6.14 -39.86 24.16
N GLY A 677 7.36 -40.17 23.75
CA GLY A 677 7.56 -41.06 22.63
C GLY A 677 9.02 -41.18 22.29
N GLN A 678 9.30 -41.66 21.09
CA GLN A 678 10.64 -42.00 20.67
C GLN A 678 11.07 -41.20 19.46
N VAL A 679 12.30 -40.69 19.50
CA VAL A 679 12.89 -39.93 18.41
C VAL A 679 14.15 -40.62 17.92
N SER A 680 14.16 -40.98 16.65
CA SER A 680 15.34 -41.54 16.02
C SER A 680 15.74 -40.66 14.84
N VAL A 681 17.04 -40.35 14.75
CA VAL A 681 17.59 -39.54 13.69
C VAL A 681 18.85 -40.21 13.16
N GLU A 682 18.94 -40.31 11.84
CA GLU A 682 20.04 -40.96 11.15
C GLU A 682 20.71 -39.97 10.21
N ILE A 683 22.04 -39.93 10.24
CA ILE A 683 22.81 -39.06 9.35
C ILE A 683 23.88 -39.87 8.66
N GLU A 684 23.90 -39.81 7.33
CA GLU A 684 24.98 -40.39 6.55
C GLU A 684 26.07 -39.34 6.34
N TRP A 685 27.28 -39.66 6.77
CA TRP A 685 28.42 -38.76 6.71
C TRP A 685 29.38 -39.22 5.63
N GLU A 686 30.06 -38.27 5.00
CA GLU A 686 31.11 -38.59 4.05
C GLU A 686 32.46 -38.19 4.61
N LEU A 687 33.46 -39.04 4.39
CA LEU A 687 34.79 -38.86 4.96
C LEU A 687 35.81 -38.57 3.87
N GLN A 688 36.89 -37.92 4.27
CA GLN A 688 38.00 -37.66 3.36
C GLN A 688 39.28 -38.30 3.86
N ASN B 419 42.86 -25.18 -14.33
CA ASN B 419 42.35 -24.03 -15.09
C ASN B 419 42.43 -22.74 -14.28
N VAL B 420 42.90 -21.69 -14.94
CA VAL B 420 43.17 -20.41 -14.30
C VAL B 420 42.83 -19.30 -15.29
N PRO B 421 42.60 -18.08 -14.79
CA PRO B 421 42.24 -16.99 -15.68
C PRO B 421 43.43 -16.51 -16.50
N PHE B 422 43.13 -15.93 -17.66
CA PHE B 422 44.14 -15.37 -18.54
C PHE B 422 44.78 -14.21 -17.80
N HIS B 423 46.09 -14.19 -17.68
CA HIS B 423 46.73 -13.06 -17.02
C HIS B 423 46.45 -11.84 -17.87
N SER B 424 46.07 -10.74 -17.25
CA SER B 424 45.79 -9.54 -18.02
C SER B 424 47.11 -8.89 -18.37
N SER B 425 47.32 -8.64 -19.66
CA SER B 425 48.56 -8.05 -20.11
C SER B 425 48.23 -6.85 -20.96
N TYR B 426 47.71 -5.83 -20.30
CA TYR B 426 47.33 -4.59 -20.94
C TYR B 426 47.24 -3.51 -19.88
N ALA B 427 47.19 -2.27 -20.33
CA ALA B 427 47.07 -1.16 -19.41
C ALA B 427 45.75 -0.47 -19.76
N HIS B 428 44.94 -0.18 -18.76
CA HIS B 428 43.67 0.47 -19.01
C HIS B 428 43.92 1.86 -19.57
N SER B 429 43.11 2.26 -20.54
CA SER B 429 43.26 3.56 -21.16
C SER B 429 42.46 4.60 -20.38
N GLN B 430 41.68 4.11 -19.42
CA GLN B 430 40.84 4.95 -18.59
C GLN B 430 41.24 4.78 -17.14
N SER B 431 40.86 5.76 -16.33
CA SER B 431 41.03 5.68 -14.89
C SER B 431 39.68 5.51 -14.22
N LEU B 432 39.69 4.85 -13.07
CA LEU B 432 38.44 4.44 -12.42
C LEU B 432 37.52 5.62 -12.16
N ASP B 433 38.08 6.77 -11.83
CA ASP B 433 37.29 7.94 -11.49
C ASP B 433 36.84 8.75 -12.70
N ARG B 434 37.39 8.48 -13.87
CA ARG B 434 37.08 9.24 -15.07
C ARG B 434 36.07 8.57 -15.99
N LEU B 435 35.45 7.48 -15.55
CA LEU B 435 34.55 6.71 -16.43
C LEU B 435 33.33 7.49 -16.90
N MET B 436 33.11 8.70 -16.40
CA MET B 436 31.92 9.46 -16.73
C MET B 436 31.96 9.99 -18.16
N ASN B 437 30.79 10.37 -18.67
CA ASN B 437 30.68 11.13 -19.91
C ASN B 437 30.93 12.60 -19.61
N PRO B 438 32.00 13.20 -20.16
CA PRO B 438 32.40 14.55 -19.76
C PRO B 438 31.44 15.63 -20.21
N LEU B 439 30.50 15.33 -21.09
CA LEU B 439 29.66 16.38 -21.65
C LEU B 439 28.37 16.63 -20.88
N ILE B 440 27.97 15.72 -19.99
CA ILE B 440 26.60 15.69 -19.49
C ILE B 440 26.60 15.76 -17.97
N ASP B 441 25.55 16.35 -17.41
CA ASP B 441 25.33 16.34 -15.98
C ASP B 441 24.75 15.02 -15.50
N GLN B 442 25.06 14.67 -14.26
CA GLN B 442 24.27 13.67 -13.58
C GLN B 442 22.94 14.25 -13.15
N TYR B 443 21.97 13.39 -12.94
CA TYR B 443 20.73 13.79 -12.29
C TYR B 443 20.84 13.79 -10.77
N LEU B 444 21.94 13.30 -10.22
CA LEU B 444 22.17 13.28 -8.80
C LEU B 444 22.68 14.63 -8.31
N TYR B 445 22.46 14.89 -7.02
CA TYR B 445 22.88 16.11 -6.35
C TYR B 445 23.87 15.81 -5.25
N TYR B 446 24.61 16.83 -4.85
CA TYR B 446 25.56 16.73 -3.76
C TYR B 446 25.45 18.00 -2.93
N LEU B 447 26.09 17.98 -1.76
CA LEU B 447 25.97 19.08 -0.82
C LEU B 447 27.09 20.09 -1.07
N SER B 448 26.75 21.24 -1.63
CA SER B 448 27.77 22.22 -2.01
C SER B 448 28.18 23.13 -0.85
N LYS B 449 27.21 23.70 -0.14
CA LYS B 449 27.50 24.71 0.87
C LYS B 449 26.81 24.36 2.18
N THR B 450 27.55 24.43 3.28
CA THR B 450 26.94 24.31 4.60
C THR B 450 26.74 25.63 5.32
N ILE B 451 27.18 26.76 4.76
CA ILE B 451 26.96 28.07 5.38
C ILE B 451 26.75 29.10 4.29
N ASN B 452 25.97 30.14 4.60
CA ASN B 452 25.78 31.22 3.65
C ASN B 452 27.03 32.08 3.53
N GLY B 453 27.52 32.57 4.65
CA GLY B 453 28.66 33.48 4.62
C GLY B 453 29.34 33.48 5.97
N SER B 454 30.28 34.39 6.12
CA SER B 454 30.95 34.54 7.40
C SER B 454 30.03 35.22 8.39
N GLY B 455 30.05 34.76 9.62
CA GLY B 455 29.29 35.39 10.68
C GLY B 455 28.83 34.36 11.68
N GLN B 456 27.81 34.74 12.43
CA GLN B 456 27.17 33.84 13.38
C GLN B 456 25.87 33.33 12.78
N ASN B 457 25.55 32.07 13.08
CA ASN B 457 24.26 31.49 12.76
C ASN B 457 24.01 31.51 11.26
N GLN B 458 25.03 31.14 10.50
CA GLN B 458 24.96 31.13 9.05
C GLN B 458 24.61 29.78 8.48
N GLN B 459 24.26 28.80 9.30
CA GLN B 459 24.05 27.45 8.80
C GLN B 459 23.01 27.43 7.69
N THR B 460 23.27 26.63 6.67
CA THR B 460 22.34 26.39 5.58
C THR B 460 22.72 25.08 4.93
N LEU B 461 21.82 24.56 4.11
CA LEU B 461 22.12 23.42 3.27
C LEU B 461 21.83 23.80 1.83
N LYS B 462 22.86 23.81 0.99
CA LYS B 462 22.73 24.08 -0.42
C LYS B 462 23.20 22.88 -1.21
N PHE B 463 22.53 22.60 -2.31
CA PHE B 463 22.83 21.44 -3.14
C PHE B 463 23.05 21.88 -4.57
N SER B 464 23.82 21.10 -5.31
CA SER B 464 24.11 21.42 -6.69
C SER B 464 24.30 20.15 -7.49
N VAL B 465 24.00 20.23 -8.78
CA VAL B 465 24.12 19.06 -9.64
C VAL B 465 25.59 18.71 -9.82
N ALA B 466 25.89 17.42 -9.71
CA ALA B 466 27.22 16.93 -10.05
C ALA B 466 27.35 16.86 -11.56
N GLY B 467 28.34 17.56 -12.10
CA GLY B 467 28.48 17.67 -13.53
C GLY B 467 29.92 17.87 -13.94
N PRO B 468 30.15 18.05 -15.24
CA PRO B 468 31.53 18.13 -15.74
C PRO B 468 32.35 19.20 -15.07
N SER B 469 31.75 20.29 -14.62
CA SER B 469 32.51 21.35 -13.99
C SER B 469 33.23 20.87 -12.74
N ASN B 470 32.56 20.09 -11.91
CA ASN B 470 33.19 19.47 -10.74
C ASN B 470 33.04 17.96 -10.87
N MET B 471 34.12 17.27 -11.21
CA MET B 471 34.07 15.83 -11.40
C MET B 471 34.45 15.03 -10.18
N ALA B 472 34.97 15.67 -9.14
CA ALA B 472 35.40 14.91 -7.99
C ALA B 472 34.21 14.37 -7.22
N VAL B 473 33.12 15.13 -7.15
CA VAL B 473 32.01 14.83 -6.25
C VAL B 473 30.95 13.96 -6.90
N GLN B 474 31.18 13.46 -8.10
CA GLN B 474 30.14 12.66 -8.72
C GLN B 474 30.01 11.31 -8.03
N GLY B 475 28.79 10.78 -8.04
CA GLY B 475 28.58 9.44 -7.54
C GLY B 475 29.08 8.40 -8.52
N ARG B 476 29.77 7.40 -7.98
CA ARG B 476 30.40 6.39 -8.83
C ARG B 476 30.01 5.01 -8.37
N ASN B 477 29.91 4.10 -9.34
CA ASN B 477 29.48 2.73 -9.10
C ASN B 477 30.59 1.83 -8.59
N TYR B 478 31.85 2.20 -8.72
CA TYR B 478 32.93 1.32 -8.33
C TYR B 478 34.05 2.11 -7.71
N ILE B 479 34.90 1.42 -6.96
CA ILE B 479 35.91 2.07 -6.14
C ILE B 479 37.20 1.29 -6.25
N PRO B 480 38.34 1.92 -5.98
CA PRO B 480 39.63 1.25 -6.17
C PRO B 480 39.86 0.17 -5.13
N GLY B 481 40.78 -0.73 -5.47
CA GLY B 481 41.06 -1.89 -4.67
C GLY B 481 41.71 -1.56 -3.34
N PRO B 482 42.03 -2.58 -2.57
CA PRO B 482 42.53 -2.38 -1.21
C PRO B 482 43.96 -1.87 -1.19
N SER B 483 44.34 -1.32 -0.04
CA SER B 483 45.66 -0.73 0.11
C SER B 483 46.21 -1.03 1.49
N TYR B 484 47.49 -1.34 1.53
CA TYR B 484 48.22 -1.50 2.79
C TYR B 484 49.48 -0.65 2.63
N ARG B 485 49.57 0.47 3.35
CA ARG B 485 50.51 1.49 2.93
C ARG B 485 51.96 1.07 3.14
N GLN B 486 52.80 1.37 2.17
CA GLN B 486 54.25 1.20 2.20
C GLN B 486 54.93 2.54 2.43
N GLN B 487 56.10 2.50 3.06
CA GLN B 487 56.89 3.72 3.22
C GLN B 487 57.54 4.14 1.90
N ARG B 488 57.55 5.43 1.64
CA ARG B 488 58.02 5.97 0.38
C ARG B 488 59.51 6.25 0.44
N VAL B 489 60.25 5.77 -0.55
CA VAL B 489 61.70 5.89 -0.58
C VAL B 489 62.12 6.48 -1.92
N SER B 490 62.99 7.47 -1.86
CA SER B 490 63.51 8.16 -3.04
C SER B 490 64.84 7.57 -3.48
N THR B 491 65.05 7.52 -4.80
CA THR B 491 66.34 7.11 -5.32
C THR B 491 67.41 8.17 -5.13
N THR B 492 67.04 9.41 -4.81
CA THR B 492 68.00 10.47 -4.52
C THR B 492 68.26 10.48 -3.03
N VAL B 493 69.46 10.06 -2.64
CA VAL B 493 69.73 9.80 -1.23
C VAL B 493 69.75 11.07 -0.40
N THR B 494 69.75 12.23 -1.06
CA THR B 494 69.76 13.49 -0.35
C THR B 494 68.37 13.78 0.21
N GLN B 495 67.37 13.40 -0.55
CA GLN B 495 65.97 13.58 -0.18
C GLN B 495 65.57 12.80 1.06
N ASN B 496 66.08 11.58 1.18
CA ASN B 496 65.77 10.70 2.31
C ASN B 496 66.33 11.18 3.64
N ASN B 497 65.67 10.77 4.71
CA ASN B 497 66.07 11.14 6.07
C ASN B 497 67.39 10.51 6.45
N ASN B 498 68.15 11.21 7.30
CA ASN B 498 69.44 10.71 7.78
C ASN B 498 69.25 9.82 9.01
N SER B 499 68.67 8.66 8.80
CA SER B 499 68.43 7.70 9.87
C SER B 499 68.26 6.31 9.31
N GLU B 500 68.37 5.29 10.16
CA GLU B 500 68.21 3.93 9.70
C GLU B 500 66.77 3.47 9.92
N PHE B 501 65.99 3.50 8.84
CA PHE B 501 64.59 3.11 8.88
C PHE B 501 64.27 1.88 8.04
N ALA B 502 65.27 1.14 7.61
CA ALA B 502 65.00 -0.02 6.75
C ALA B 502 64.14 -1.08 7.43
N TRP B 503 64.38 -1.37 8.70
CA TRP B 503 63.55 -2.36 9.37
C TRP B 503 62.39 -1.77 10.17
N PRO B 504 62.65 -0.70 10.94
CA PRO B 504 61.56 -0.10 11.72
C PRO B 504 60.48 0.49 10.83
N GLY B 505 60.90 1.16 9.77
CA GLY B 505 60.00 1.79 8.82
C GLY B 505 59.09 0.86 8.03
N ALA B 506 59.63 -0.30 7.66
CA ALA B 506 58.91 -1.25 6.83
C ALA B 506 57.62 -1.83 7.40
N SER B 507 56.64 -1.98 6.52
CA SER B 507 55.34 -2.54 6.86
C SER B 507 55.53 -4.04 7.03
N SER B 508 54.94 -4.57 8.08
CA SER B 508 55.06 -5.98 8.42
C SER B 508 53.71 -6.54 8.81
N TRP B 509 53.62 -7.87 8.80
CA TRP B 509 52.50 -8.58 9.38
C TRP B 509 53.04 -9.62 10.35
N ALA B 510 52.34 -9.80 11.46
CA ALA B 510 52.80 -10.64 12.55
C ALA B 510 52.04 -11.96 12.56
N LEU B 511 52.78 -13.05 12.71
CA LEU B 511 52.21 -14.38 12.76
C LEU B 511 52.89 -15.15 13.89
N ASN B 512 52.11 -15.55 14.89
CA ASN B 512 52.61 -16.35 16.01
C ASN B 512 53.82 -15.69 16.66
N GLY B 513 53.71 -14.39 16.89
CA GLY B 513 54.78 -13.64 17.53
C GLY B 513 55.92 -13.27 16.62
N ARG B 514 56.02 -13.88 15.45
CA ARG B 514 57.09 -13.59 14.50
C ARG B 514 56.63 -12.56 13.48
N ASN B 515 57.27 -11.41 13.49
CA ASN B 515 57.00 -10.37 12.51
C ASN B 515 57.56 -10.79 11.17
N SER B 516 56.82 -10.52 10.11
CA SER B 516 57.25 -10.80 8.75
C SER B 516 57.06 -9.56 7.91
N LEU B 517 58.12 -9.14 7.22
CA LEU B 517 58.02 -8.02 6.31
C LEU B 517 56.96 -8.30 5.26
N MET B 518 56.28 -7.25 4.80
CA MET B 518 55.26 -7.40 3.79
C MET B 518 55.94 -7.23 2.44
N ASN B 519 56.13 -8.33 1.74
CA ASN B 519 56.82 -8.29 0.45
C ASN B 519 56.20 -9.29 -0.50
N PRO B 520 55.94 -8.88 -1.75
CA PRO B 520 55.83 -7.50 -2.21
C PRO B 520 54.59 -6.82 -1.66
N GLY B 521 53.63 -7.63 -1.20
CA GLY B 521 52.41 -7.12 -0.65
C GLY B 521 51.28 -7.13 -1.67
N PRO B 522 50.17 -6.48 -1.33
CA PRO B 522 49.08 -6.37 -2.30
C PRO B 522 49.49 -5.51 -3.48
N ALA B 523 48.82 -5.73 -4.61
CA ALA B 523 49.19 -5.02 -5.83
C ALA B 523 48.74 -3.58 -5.74
N MET B 524 49.69 -2.66 -5.84
CA MET B 524 49.41 -1.24 -5.73
C MET B 524 50.34 -0.48 -6.67
N ALA B 525 49.91 0.70 -7.08
CA ALA B 525 50.74 1.53 -7.94
C ALA B 525 52.01 1.91 -7.20
N SER B 526 53.14 1.82 -7.90
CA SER B 526 54.43 2.04 -7.27
C SER B 526 54.59 3.48 -6.80
N HIS B 527 54.09 4.43 -7.57
CA HIS B 527 54.31 5.83 -7.29
C HIS B 527 53.24 6.65 -7.98
N LYS B 528 53.05 7.87 -7.51
CA LYS B 528 52.14 8.77 -8.19
C LYS B 528 52.67 9.09 -9.58
N GLU B 529 51.75 9.44 -10.48
CA GLU B 529 52.15 9.93 -11.78
C GLU B 529 52.84 11.28 -11.62
N GLY B 530 53.98 11.43 -12.30
CA GLY B 530 54.79 12.61 -12.20
C GLY B 530 55.95 12.50 -11.24
N GLU B 531 55.90 11.58 -10.28
CA GLU B 531 57.04 11.26 -9.44
C GLU B 531 57.41 9.80 -9.72
N ASP B 532 58.47 9.60 -10.48
CA ASP B 532 59.02 8.28 -10.72
C ASP B 532 60.27 7.99 -9.90
N ARG B 533 60.75 8.96 -9.13
CA ARG B 533 61.96 8.75 -8.35
C ARG B 533 61.69 8.03 -7.04
N PHE B 534 60.42 7.86 -6.68
CA PHE B 534 60.04 7.22 -5.43
C PHE B 534 59.60 5.79 -5.70
N PHE B 535 59.87 4.91 -4.74
CA PHE B 535 59.42 3.53 -4.83
C PHE B 535 59.02 3.06 -3.45
N PRO B 536 58.04 2.18 -3.35
CA PRO B 536 57.67 1.62 -2.04
C PRO B 536 58.82 0.84 -1.46
N LEU B 537 58.95 0.92 -0.13
CA LEU B 537 60.07 0.28 0.55
C LEU B 537 60.11 -1.21 0.23
N SER B 538 59.15 -1.96 0.73
CA SER B 538 59.06 -3.39 0.47
C SER B 538 58.11 -3.74 -0.66
N GLY B 539 57.57 -2.74 -1.35
CA GLY B 539 56.44 -3.01 -2.24
C GLY B 539 56.78 -3.43 -3.65
N SER B 540 58.05 -3.40 -4.04
CA SER B 540 58.43 -3.69 -5.41
C SER B 540 59.27 -4.96 -5.49
N LEU B 541 59.22 -5.60 -6.65
CA LEU B 541 60.19 -6.64 -6.98
C LEU B 541 61.48 -6.00 -7.46
N ILE B 542 62.59 -6.41 -6.87
CA ILE B 542 63.88 -5.81 -7.22
C ILE B 542 64.76 -6.81 -7.98
N ILE B 560 64.71 -2.44 -9.73
CA ILE B 560 63.47 -2.01 -9.10
C ILE B 560 62.39 -1.83 -10.15
N THR B 561 61.48 -2.79 -10.23
CA THR B 561 60.36 -2.68 -11.15
C THR B 561 59.30 -1.74 -10.57
N ASN B 562 58.59 -1.05 -11.46
CA ASN B 562 57.52 -0.15 -11.05
C ASN B 562 56.19 -0.64 -11.59
N GLU B 563 55.15 -0.49 -10.78
CA GLU B 563 53.80 -0.98 -11.08
C GLU B 563 52.91 0.08 -11.71
N GLU B 564 53.45 1.24 -12.10
CA GLU B 564 52.63 2.39 -12.48
C GLU B 564 51.57 2.07 -13.53
N GLU B 565 51.66 0.93 -14.22
CA GLU B 565 50.61 0.56 -15.16
C GLU B 565 49.24 0.48 -14.49
N ILE B 566 49.19 0.07 -13.23
CA ILE B 566 47.92 -0.23 -12.57
C ILE B 566 47.39 0.96 -11.78
N LYS B 567 48.05 2.10 -11.87
CA LYS B 567 47.61 3.25 -11.09
C LYS B 567 46.21 3.71 -11.47
N THR B 568 45.63 3.16 -12.53
CA THR B 568 44.26 3.48 -12.89
C THR B 568 43.26 2.91 -11.88
N THR B 569 43.32 1.62 -11.62
CA THR B 569 42.38 0.99 -10.69
C THR B 569 42.93 0.77 -9.29
N ASN B 570 44.20 1.07 -9.03
CA ASN B 570 44.70 0.69 -7.72
C ASN B 570 45.30 1.90 -7.03
N PRO B 571 45.21 1.97 -5.71
CA PRO B 571 45.80 3.11 -4.99
C PRO B 571 47.31 3.03 -4.98
N VAL B 572 47.94 4.17 -4.72
CA VAL B 572 49.39 4.24 -4.64
C VAL B 572 49.86 3.62 -3.34
N ALA B 573 50.90 2.79 -3.43
CA ALA B 573 51.35 2.04 -2.26
C ALA B 573 51.88 2.95 -1.17
N THR B 574 52.25 4.18 -1.50
CA THR B 574 52.80 5.10 -0.52
C THR B 574 51.75 6.06 0.01
N GLU B 575 50.51 5.95 -0.44
CA GLU B 575 49.47 6.91 -0.12
C GLU B 575 48.39 6.29 0.75
N SER B 576 47.70 7.15 1.48
CA SER B 576 46.52 6.75 2.22
C SER B 576 45.39 6.41 1.26
N TYR B 577 44.55 5.46 1.66
CA TYR B 577 43.43 5.10 0.80
C TYR B 577 42.46 6.26 0.67
N GLY B 578 42.33 7.06 1.73
CA GLY B 578 41.41 8.18 1.71
C GLY B 578 41.17 8.67 3.12
N GLN B 579 40.03 9.32 3.32
CA GLN B 579 39.62 9.81 4.63
C GLN B 579 38.27 9.25 5.02
N VAL B 580 37.99 9.29 6.32
CA VAL B 580 36.68 8.98 6.88
C VAL B 580 36.42 9.96 8.01
N ALA B 581 35.16 10.17 8.34
CA ALA B 581 34.83 11.05 9.44
C ALA B 581 35.06 10.35 10.77
N THR B 582 35.64 11.06 11.72
CA THR B 582 35.92 10.48 13.02
C THR B 582 34.92 10.87 14.11
N ASN B 583 33.96 11.75 13.83
CA ASN B 583 33.07 12.19 14.90
C ASN B 583 31.76 12.67 14.30
N HIS B 584 30.78 12.86 15.18
CA HIS B 584 29.58 13.59 14.85
C HIS B 584 29.83 15.07 14.98
N GLN B 585 29.64 15.80 13.90
CA GLN B 585 29.63 17.25 13.99
C GLN B 585 28.42 17.70 14.77
N SER B 586 28.45 18.94 15.23
CA SER B 586 27.32 19.52 15.92
C SER B 586 27.57 21.00 16.03
N ALA B 587 26.62 21.69 16.66
CA ALA B 587 26.82 23.13 16.89
C ALA B 587 28.11 23.39 17.63
N GLN B 588 28.53 22.48 18.50
CA GLN B 588 29.75 22.69 19.28
C GLN B 588 30.96 21.96 18.72
N ALA B 589 30.83 21.17 17.67
CA ALA B 589 31.91 20.28 17.24
C ALA B 589 32.11 20.38 15.75
N GLN B 590 33.33 20.70 15.34
CA GLN B 590 33.66 20.72 13.92
C GLN B 590 33.85 19.32 13.40
N ALA B 591 33.62 19.15 12.11
CA ALA B 591 33.80 17.86 11.49
C ALA B 591 35.27 17.48 11.49
N GLN B 592 35.56 16.24 11.86
CA GLN B 592 36.92 15.76 11.94
C GLN B 592 37.05 14.52 11.07
N THR B 593 38.19 14.39 10.42
CA THR B 593 38.49 13.26 9.56
C THR B 593 39.80 12.63 9.99
N GLY B 594 40.04 11.44 9.47
CA GLY B 594 41.29 10.75 9.72
C GLY B 594 41.69 9.95 8.49
N TRP B 595 42.96 9.60 8.45
CA TRP B 595 43.51 8.99 7.25
C TRP B 595 43.42 7.48 7.34
N VAL B 596 42.84 6.86 6.33
CA VAL B 596 42.79 5.41 6.27
C VAL B 596 44.14 4.94 5.75
N GLN B 597 44.90 4.26 6.60
CA GLN B 597 46.20 3.76 6.16
C GLN B 597 46.07 2.41 5.47
N ASN B 598 45.27 1.51 6.01
CA ASN B 598 44.99 0.23 5.38
C ASN B 598 43.50 0.08 5.19
N GLN B 599 43.11 -0.55 4.09
CA GLN B 599 41.70 -0.79 3.80
C GLN B 599 41.54 -2.17 3.22
N GLY B 600 40.62 -2.94 3.78
CA GLY B 600 40.31 -4.25 3.26
C GLY B 600 39.33 -4.18 2.10
N ILE B 601 38.86 -5.35 1.70
CA ILE B 601 37.91 -5.44 0.60
C ILE B 601 36.60 -4.79 1.00
N LEU B 602 36.02 -4.04 0.07
CA LEU B 602 34.66 -3.54 0.16
C LEU B 602 33.91 -3.98 -1.08
N PRO B 603 32.60 -4.17 -0.97
CA PRO B 603 31.81 -4.48 -2.17
C PRO B 603 31.89 -3.33 -3.16
N GLY B 604 32.09 -3.68 -4.43
CA GLY B 604 32.27 -2.67 -5.46
C GLY B 604 33.69 -2.24 -5.69
N MET B 605 34.67 -2.98 -5.19
CA MET B 605 36.05 -2.72 -5.53
C MET B 605 36.46 -3.49 -6.78
N VAL B 606 37.31 -2.87 -7.58
CA VAL B 606 38.01 -3.53 -8.67
C VAL B 606 39.49 -3.26 -8.48
N TRP B 607 40.31 -4.19 -8.94
CA TRP B 607 41.75 -4.01 -8.86
C TRP B 607 42.42 -4.86 -9.93
N GLN B 608 43.68 -4.53 -10.18
CA GLN B 608 44.55 -5.30 -11.05
C GLN B 608 45.55 -6.07 -10.22
N ASP B 609 45.94 -7.24 -10.71
CA ASP B 609 46.97 -8.00 -10.04
C ASP B 609 48.34 -7.46 -10.44
N ARG B 610 49.38 -8.03 -9.86
CA ARG B 610 50.73 -7.59 -10.18
C ARG B 610 51.14 -8.03 -11.58
N ASP B 611 52.01 -7.26 -12.20
CA ASP B 611 52.49 -7.61 -13.52
C ASP B 611 53.60 -8.66 -13.40
N VAL B 612 53.69 -9.52 -14.41
CA VAL B 612 54.67 -10.60 -14.42
C VAL B 612 56.07 -10.14 -14.82
N ALA B 620 52.78 -20.55 -9.04
CA ALA B 620 52.60 -20.59 -7.59
C ALA B 620 51.49 -21.55 -7.21
N LYS B 621 51.58 -22.13 -6.02
CA LYS B 621 50.60 -23.09 -5.54
C LYS B 621 49.73 -22.46 -4.45
N ILE B 622 48.42 -22.58 -4.62
CA ILE B 622 47.48 -22.06 -3.62
C ILE B 622 47.59 -22.92 -2.37
N PRO B 623 47.93 -22.36 -1.21
CA PRO B 623 47.98 -23.18 0.01
C PRO B 623 46.65 -23.87 0.24
N HIS B 624 46.71 -25.05 0.83
CA HIS B 624 45.52 -25.88 0.99
C HIS B 624 44.88 -25.48 2.30
N THR B 625 43.73 -24.82 2.22
CA THR B 625 43.15 -24.15 3.38
C THR B 625 41.63 -24.24 3.31
N ASP B 626 41.00 -23.91 4.44
CA ASP B 626 39.55 -23.76 4.45
C ASP B 626 39.08 -22.73 3.46
N GLY B 627 39.74 -21.57 3.43
CA GLY B 627 39.31 -20.51 2.55
C GLY B 627 40.46 -19.61 2.15
N ASN B 628 40.25 -18.91 1.04
CA ASN B 628 41.18 -17.93 0.52
C ASN B 628 40.38 -16.90 -0.26
N PHE B 629 40.99 -15.77 -0.55
CA PHE B 629 40.34 -14.79 -1.38
C PHE B 629 41.28 -14.32 -2.48
N HIS B 630 40.82 -14.41 -3.72
CA HIS B 630 41.57 -13.99 -4.89
C HIS B 630 42.93 -14.64 -4.81
N PRO B 631 43.00 -15.95 -5.00
CA PRO B 631 44.23 -16.70 -4.70
C PRO B 631 45.43 -16.28 -5.53
N SER B 632 45.24 -15.47 -6.56
CA SER B 632 46.35 -15.04 -7.40
C SER B 632 47.52 -14.55 -6.55
N PRO B 633 48.73 -15.07 -6.75
CA PRO B 633 49.82 -14.81 -5.81
C PRO B 633 50.34 -13.39 -5.90
N LEU B 634 50.94 -12.93 -4.81
CA LEU B 634 51.34 -11.53 -4.73
C LEU B 634 52.65 -11.24 -5.44
N MET B 635 53.54 -12.21 -5.59
CA MET B 635 54.72 -11.97 -6.40
C MET B 635 54.43 -12.10 -7.89
N GLY B 636 53.22 -12.50 -8.25
CA GLY B 636 52.80 -12.53 -9.63
C GLY B 636 52.67 -13.95 -10.14
N GLY B 637 52.01 -14.07 -11.29
CA GLY B 637 51.79 -15.35 -11.91
C GLY B 637 50.43 -15.93 -11.64
N PHE B 638 50.33 -17.23 -11.85
CA PHE B 638 49.08 -17.97 -11.78
C PHE B 638 49.08 -18.81 -10.51
N GLY B 639 48.11 -18.56 -9.63
CA GLY B 639 47.92 -19.43 -8.50
C GLY B 639 47.11 -20.65 -8.90
N MET B 640 47.47 -21.80 -8.34
CA MET B 640 46.81 -23.05 -8.67
C MET B 640 46.82 -23.94 -7.45
N LYS B 641 45.75 -24.71 -7.25
CA LYS B 641 45.74 -25.67 -6.16
C LYS B 641 46.53 -26.92 -6.51
N HIS B 642 46.95 -27.04 -7.76
CA HIS B 642 47.79 -28.15 -8.18
C HIS B 642 48.90 -27.65 -9.09
N ASP C 219 11.30 1.49 -47.21
CA ASP C 219 10.34 0.89 -48.12
C ASP C 219 9.61 1.97 -48.94
N GLY C 220 9.33 3.10 -48.32
CA GLY C 220 8.66 4.19 -49.00
C GLY C 220 8.62 5.43 -48.14
N VAL C 221 8.44 6.57 -48.81
CA VAL C 221 8.35 7.84 -48.10
C VAL C 221 6.95 8.02 -47.51
N GLY C 222 5.95 7.45 -48.15
CA GLY C 222 4.57 7.60 -47.71
C GLY C 222 4.01 6.42 -46.96
N SER C 223 4.85 5.46 -46.57
CA SER C 223 4.44 4.32 -45.77
C SER C 223 5.23 4.32 -44.47
N SER C 224 4.53 4.26 -43.35
CA SER C 224 5.17 4.29 -42.05
C SER C 224 5.94 3.01 -41.78
N SER C 225 7.08 3.14 -41.12
CA SER C 225 8.00 2.03 -40.91
C SER C 225 7.76 1.29 -39.60
N GLY C 226 6.96 1.83 -38.69
CA GLY C 226 6.69 1.13 -37.45
C GLY C 226 5.59 1.82 -36.67
N ASN C 227 4.93 1.03 -35.82
CA ASN C 227 3.81 1.48 -35.00
C ASN C 227 4.28 1.93 -33.64
N TRP C 228 3.31 2.41 -32.85
CA TRP C 228 3.56 2.95 -31.53
C TRP C 228 3.19 1.92 -30.48
N HIS C 229 4.19 1.38 -29.78
CA HIS C 229 3.95 0.37 -28.75
C HIS C 229 4.39 0.93 -27.41
N CYS C 230 3.42 1.16 -26.52
CA CYS C 230 3.69 1.35 -25.10
C CYS C 230 2.61 0.61 -24.33
N ASP C 231 3.03 -0.31 -23.45
CA ASP C 231 2.19 -0.90 -22.42
C ASP C 231 2.97 -1.98 -21.68
N SER C 232 2.37 -2.55 -20.65
CA SER C 232 2.99 -3.61 -19.89
C SER C 232 2.05 -4.81 -19.83
N GLN C 233 2.60 -5.98 -20.05
CA GLN C 233 1.86 -7.23 -19.94
C GLN C 233 2.37 -7.99 -18.74
N TRP C 234 1.49 -8.21 -17.77
CA TRP C 234 1.81 -8.98 -16.58
C TRP C 234 1.38 -10.41 -16.82
N LEU C 235 2.34 -11.31 -16.96
CA LEU C 235 2.05 -12.71 -17.23
C LEU C 235 2.79 -13.53 -16.19
N GLY C 236 2.07 -14.12 -15.24
CA GLY C 236 2.69 -15.04 -14.32
C GLY C 236 3.88 -14.43 -13.62
N ASP C 237 5.03 -15.07 -13.82
CA ASP C 237 6.30 -14.69 -13.23
C ASP C 237 7.08 -13.70 -14.08
N ARG C 238 6.51 -13.17 -15.16
CA ARG C 238 7.22 -12.30 -16.07
C ARG C 238 6.43 -11.04 -16.34
N VAL C 239 7.16 -9.97 -16.64
CA VAL C 239 6.56 -8.70 -17.04
C VAL C 239 7.26 -8.26 -18.30
N ILE C 240 6.47 -7.74 -19.23
CA ILE C 240 6.99 -7.21 -20.47
C ILE C 240 6.57 -5.76 -20.55
N THR C 241 7.54 -4.86 -20.52
CA THR C 241 7.29 -3.43 -20.55
C THR C 241 7.83 -2.82 -21.82
N THR C 242 6.91 -2.27 -22.63
CA THR C 242 7.27 -1.66 -23.89
C THR C 242 7.11 -0.16 -23.77
N SER C 243 8.13 0.59 -24.18
CA SER C 243 8.10 2.04 -24.14
C SER C 243 8.51 2.62 -25.48
N THR C 244 7.74 3.59 -25.96
CA THR C 244 7.97 4.24 -27.24
C THR C 244 8.03 5.75 -27.06
N ARG C 245 9.12 6.37 -27.51
CA ARG C 245 9.28 7.80 -27.36
C ARG C 245 9.62 8.45 -28.69
N THR C 246 9.32 9.74 -28.78
CA THR C 246 9.66 10.58 -29.93
C THR C 246 10.89 11.42 -29.59
N TRP C 247 11.89 11.35 -30.46
CA TRP C 247 13.18 11.95 -30.19
C TRP C 247 13.54 12.96 -31.26
N ALA C 248 14.53 13.79 -30.94
CA ALA C 248 15.06 14.78 -31.87
C ALA C 248 16.57 14.83 -31.74
N LEU C 249 17.26 14.70 -32.87
CA LEU C 249 18.72 14.68 -32.88
C LEU C 249 19.26 15.87 -33.65
N PRO C 250 20.00 16.78 -33.01
CA PRO C 250 20.64 17.86 -33.73
C PRO C 250 21.99 17.40 -34.30
N THR C 251 22.74 18.35 -34.84
CA THR C 251 24.10 18.11 -35.26
C THR C 251 25.05 18.68 -34.21
N TYR C 252 25.93 17.84 -33.69
CA TYR C 252 26.83 18.23 -32.61
C TYR C 252 28.22 18.52 -33.13
N ASN C 253 28.81 19.60 -32.62
CA ASN C 253 30.18 20.01 -32.92
C ASN C 253 30.40 20.27 -34.41
N ASN C 254 29.34 20.58 -35.15
CA ASN C 254 29.43 20.78 -36.58
C ASN C 254 30.22 19.65 -37.23
N HIS C 255 29.88 18.42 -36.85
CA HIS C 255 30.47 17.20 -37.40
C HIS C 255 31.94 17.04 -37.05
N LEU C 256 32.42 17.64 -35.96
CA LEU C 256 33.84 17.67 -35.66
C LEU C 256 34.17 17.04 -34.31
N TYR C 257 34.88 15.90 -34.35
CA TYR C 257 35.55 15.42 -33.16
C TYR C 257 36.43 16.52 -32.59
N LYS C 258 36.32 16.79 -31.30
CA LYS C 258 37.09 17.87 -30.71
C LYS C 258 37.70 17.46 -29.38
N GLN C 259 38.98 17.76 -29.21
CA GLN C 259 39.63 17.57 -27.93
C GLN C 259 39.05 18.50 -26.87
N ILE C 260 38.82 17.96 -25.68
CA ILE C 260 38.30 18.73 -24.55
C ILE C 260 39.09 18.36 -23.30
N SER C 261 39.32 19.35 -22.46
CA SER C 261 40.04 19.15 -21.21
C SER C 261 39.61 20.26 -20.25
N ASN C 262 40.18 20.22 -19.05
CA ASN C 262 39.74 21.11 -17.99
C ASN C 262 40.21 22.53 -18.22
N SER C 263 41.43 22.68 -18.75
CA SER C 263 42.01 24.01 -18.92
C SER C 263 41.23 24.85 -19.91
N THR C 264 40.45 24.20 -20.78
CA THR C 264 39.53 24.96 -21.64
C THR C 264 38.56 25.77 -20.78
N SER C 265 38.06 25.18 -19.70
CA SER C 265 37.27 25.92 -18.73
C SER C 265 38.09 26.40 -17.53
N GLY C 266 39.37 26.05 -17.46
CA GLY C 266 40.28 26.53 -16.45
C GLY C 266 40.59 25.55 -15.34
N GLY C 267 39.70 24.61 -15.04
CA GLY C 267 40.00 23.43 -14.26
C GLY C 267 40.85 23.63 -13.01
N SER C 268 40.57 24.68 -12.23
CA SER C 268 41.51 25.15 -11.22
C SER C 268 41.93 24.08 -10.22
N SER C 269 41.16 23.00 -10.09
CA SER C 269 41.47 21.95 -9.14
C SER C 269 42.18 20.80 -9.87
N ASN C 270 43.14 20.20 -9.20
CA ASN C 270 43.77 19.01 -9.73
C ASN C 270 42.83 17.81 -9.69
N ASP C 271 41.97 17.75 -8.67
CA ASP C 271 41.03 16.65 -8.58
C ASP C 271 40.02 16.67 -9.71
N ASN C 272 39.85 17.83 -10.34
CA ASN C 272 38.91 18.00 -11.44
C ASN C 272 39.53 17.83 -12.82
N ALA C 273 40.81 17.45 -12.90
CA ALA C 273 41.51 17.43 -14.17
C ALA C 273 41.06 16.28 -15.05
N TYR C 274 40.71 16.61 -16.29
CA TYR C 274 40.26 15.58 -17.23
C TYR C 274 40.77 15.89 -18.63
N PHE C 275 40.84 14.84 -19.44
CA PHE C 275 41.21 14.95 -20.84
C PHE C 275 40.40 13.96 -21.67
N GLY C 276 39.79 14.45 -22.75
CA GLY C 276 38.99 13.57 -23.58
C GLY C 276 38.47 14.29 -24.80
N TYR C 277 37.45 13.71 -25.42
CA TYR C 277 36.95 14.19 -26.69
C TYR C 277 35.43 14.28 -26.68
N SER C 278 34.91 15.19 -27.50
CA SER C 278 33.48 15.31 -27.74
C SER C 278 33.20 15.04 -29.21
N THR C 279 32.22 14.21 -29.48
CA THR C 279 32.04 13.64 -30.81
C THR C 279 30.73 14.14 -31.41
N PRO C 280 30.60 14.07 -32.74
CA PRO C 280 29.32 14.45 -33.36
C PRO C 280 28.19 13.51 -33.06
N TRP C 281 28.46 12.30 -32.58
CA TRP C 281 27.38 11.36 -32.35
C TRP C 281 26.47 11.63 -31.15
N GLY C 282 25.39 10.85 -31.09
CA GLY C 282 24.40 10.94 -30.03
C GLY C 282 24.05 9.52 -29.62
N TYR C 283 23.59 9.33 -28.40
CA TYR C 283 23.24 8.00 -27.92
C TYR C 283 21.87 7.96 -27.26
N PHE C 284 21.24 6.79 -27.33
CA PHE C 284 19.93 6.59 -26.71
C PHE C 284 20.19 6.01 -25.34
N ASP C 285 19.65 6.64 -24.30
CA ASP C 285 19.83 6.12 -22.96
C ASP C 285 18.53 5.79 -22.24
N PHE C 286 18.34 4.53 -21.88
CA PHE C 286 17.15 4.10 -21.18
C PHE C 286 17.49 3.36 -19.88
N ASN C 287 18.62 3.71 -19.28
CA ASN C 287 19.07 3.07 -18.04
C ASN C 287 18.15 3.28 -16.84
N ARG C 288 17.56 4.46 -16.70
CA ARG C 288 16.66 4.73 -15.57
C ARG C 288 15.38 3.91 -15.60
N PHE C 289 14.85 3.61 -14.42
CA PHE C 289 13.63 2.79 -14.30
C PHE C 289 12.33 3.40 -14.80
N HIS C 290 12.08 4.68 -14.53
CA HIS C 290 10.82 5.26 -14.99
C HIS C 290 10.71 5.31 -16.49
N CYS C 291 11.78 5.03 -17.22
CA CYS C 291 11.65 4.81 -18.65
C CYS C 291 10.69 3.67 -18.93
N HIS C 292 10.85 2.55 -18.24
CA HIS C 292 10.12 1.33 -18.56
C HIS C 292 8.88 1.10 -17.71
N PHE C 293 8.70 1.82 -16.61
CA PHE C 293 7.60 1.54 -15.69
C PHE C 293 6.82 2.82 -15.43
N SER C 294 5.51 2.73 -15.57
CA SER C 294 4.66 3.78 -15.05
C SER C 294 4.64 3.68 -13.53
N PRO C 295 4.24 4.74 -12.85
CA PRO C 295 4.11 4.64 -11.39
C PRO C 295 3.18 3.54 -10.96
N ARG C 296 2.04 3.37 -11.63
CA ARG C 296 1.17 2.26 -11.30
C ARG C 296 1.87 0.93 -11.46
N ASP C 297 2.49 0.70 -12.62
CA ASP C 297 3.19 -0.56 -12.84
C ASP C 297 4.32 -0.75 -11.85
N TRP C 298 4.92 0.35 -11.39
CA TRP C 298 5.96 0.24 -10.39
C TRP C 298 5.38 -0.22 -9.07
N GLN C 299 4.15 0.19 -8.78
CA GLN C 299 3.50 -0.23 -7.55
C GLN C 299 3.20 -1.72 -7.58
N ARG C 300 2.57 -2.19 -8.67
CA ARG C 300 2.29 -3.61 -8.81
C ARG C 300 3.54 -4.45 -8.63
N LEU C 301 4.66 -3.94 -9.11
CA LEU C 301 5.90 -4.68 -8.98
C LEU C 301 6.31 -4.79 -7.52
N ILE C 302 6.38 -3.67 -6.83
CA ILE C 302 7.03 -3.64 -5.52
C ILE C 302 6.13 -4.16 -4.42
N ASN C 303 4.81 -4.06 -4.57
CA ASN C 303 3.96 -4.55 -3.51
C ASN C 303 3.79 -6.05 -3.58
N ASN C 304 3.88 -6.65 -4.75
CA ASN C 304 3.58 -8.05 -4.89
C ASN C 304 4.78 -8.97 -5.04
N ASN C 305 6.00 -8.46 -5.10
CA ASN C 305 7.10 -9.31 -5.52
C ASN C 305 8.30 -9.16 -4.61
N TRP C 306 8.95 -10.28 -4.34
CA TRP C 306 10.20 -10.29 -3.60
C TRP C 306 11.41 -9.97 -4.45
N GLY C 307 11.38 -10.27 -5.75
CA GLY C 307 12.56 -9.97 -6.54
C GLY C 307 12.25 -9.92 -8.02
N PHE C 308 13.15 -9.31 -8.76
CA PHE C 308 12.99 -9.17 -10.20
C PHE C 308 14.34 -8.96 -10.84
N ARG C 309 14.39 -9.10 -12.16
CA ARG C 309 15.62 -8.95 -12.92
C ARG C 309 15.29 -8.99 -14.41
N PRO C 310 16.06 -8.30 -15.23
CA PRO C 310 15.76 -8.30 -16.67
C PRO C 310 16.23 -9.58 -17.35
N LYS C 311 15.55 -9.89 -18.45
CA LYS C 311 15.86 -11.08 -19.25
C LYS C 311 16.25 -10.71 -20.68
N ARG C 312 15.31 -10.17 -21.45
CA ARG C 312 15.53 -9.87 -22.85
C ARG C 312 15.26 -8.40 -23.12
N LEU C 313 15.97 -7.87 -24.10
CA LEU C 313 15.86 -6.48 -24.51
C LEU C 313 15.57 -6.45 -26.00
N ASN C 314 14.65 -5.58 -26.40
CA ASN C 314 14.29 -5.49 -27.81
C ASN C 314 14.16 -4.01 -28.17
N PHE C 315 14.99 -3.56 -29.09
CA PHE C 315 15.12 -2.14 -29.41
C PHE C 315 14.70 -1.91 -30.85
N LYS C 316 13.98 -0.82 -31.09
CA LYS C 316 13.53 -0.48 -32.44
C LYS C 316 13.62 1.01 -32.66
N LEU C 317 14.04 1.39 -33.86
CA LEU C 317 14.22 2.78 -34.24
C LEU C 317 13.61 2.97 -35.62
N PHE C 318 12.61 3.84 -35.74
CA PHE C 318 11.81 3.86 -36.95
C PHE C 318 11.17 5.25 -37.13
N ASN C 319 10.43 5.38 -38.23
CA ASN C 319 9.83 6.63 -38.67
C ASN C 319 10.81 7.80 -38.59
N ILE C 320 12.00 7.58 -39.14
CA ILE C 320 13.00 8.63 -39.20
C ILE C 320 12.52 9.75 -40.10
N GLN C 321 12.86 10.99 -39.74
CA GLN C 321 12.57 12.15 -40.56
C GLN C 321 13.75 13.08 -40.42
N VAL C 322 14.21 13.67 -41.52
CA VAL C 322 15.33 14.59 -41.50
C VAL C 322 14.85 15.95 -41.96
N LYS C 323 15.34 17.00 -41.33
CA LYS C 323 14.95 18.37 -41.63
C LYS C 323 16.19 19.19 -41.94
N GLU C 324 16.05 20.16 -42.83
CA GLU C 324 17.12 21.09 -43.14
C GLU C 324 16.70 22.50 -42.74
N VAL C 325 17.63 23.22 -42.13
CA VAL C 325 17.34 24.52 -41.52
C VAL C 325 17.95 25.60 -42.39
N THR C 326 17.10 26.53 -42.85
CA THR C 326 17.54 27.64 -43.68
C THR C 326 16.92 28.92 -43.18
N ASP C 327 17.71 29.99 -43.20
CA ASP C 327 17.23 31.33 -42.91
C ASP C 327 17.00 32.02 -44.24
N ASN C 328 15.74 32.21 -44.60
CA ASN C 328 15.36 32.88 -45.84
C ASN C 328 14.90 34.28 -45.47
N ASN C 329 15.56 35.28 -46.05
CA ASN C 329 15.36 36.68 -45.66
C ASN C 329 15.71 36.75 -44.17
N GLY C 330 14.80 37.17 -43.31
CA GLY C 330 15.10 37.23 -41.89
C GLY C 330 14.47 36.11 -41.08
N VAL C 331 13.72 35.24 -41.74
CA VAL C 331 12.94 34.19 -41.07
C VAL C 331 13.56 32.84 -41.41
N LYS C 332 13.38 31.89 -40.49
CA LYS C 332 13.97 30.56 -40.62
C LYS C 332 12.99 29.60 -41.28
N THR C 333 13.53 28.68 -42.07
CA THR C 333 12.74 27.76 -42.87
C THR C 333 13.22 26.33 -42.65
N ILE C 334 12.27 25.41 -42.55
CA ILE C 334 12.56 24.00 -42.32
C ILE C 334 11.68 23.20 -43.27
N ALA C 335 12.28 22.21 -43.93
CA ALA C 335 11.53 21.35 -44.83
C ALA C 335 12.18 19.98 -44.90
N ASN C 336 11.43 19.02 -45.42
CA ASN C 336 11.89 17.65 -45.51
C ASN C 336 13.08 17.54 -46.46
N ASN C 337 14.07 16.77 -46.06
CA ASN C 337 15.15 16.35 -46.95
C ASN C 337 15.00 14.84 -47.11
N LEU C 338 14.50 14.42 -48.26
CA LEU C 338 14.10 13.03 -48.39
C LEU C 338 15.26 12.11 -48.73
N THR C 339 16.39 12.65 -49.15
CA THR C 339 17.55 11.84 -49.50
C THR C 339 18.53 11.67 -48.34
N SER C 340 18.36 12.44 -47.26
CA SER C 340 19.31 12.39 -46.17
C SER C 340 19.25 11.07 -45.44
N THR C 341 20.36 10.71 -44.81
CA THR C 341 20.45 9.49 -44.03
C THR C 341 20.88 9.78 -42.61
N VAL C 342 20.64 8.80 -41.75
CA VAL C 342 21.07 8.80 -40.37
C VAL C 342 21.90 7.55 -40.14
N GLN C 343 23.04 7.69 -39.48
CA GLN C 343 23.89 6.57 -39.12
C GLN C 343 23.59 6.11 -37.71
N VAL C 344 23.46 4.80 -37.54
CA VAL C 344 23.19 4.19 -36.24
C VAL C 344 23.94 2.87 -36.15
N PHE C 345 24.60 2.65 -35.01
CA PHE C 345 25.25 1.36 -34.79
C PHE C 345 25.27 1.07 -33.30
N THR C 346 25.35 -0.21 -32.99
CA THR C 346 25.48 -0.67 -31.62
C THR C 346 26.88 -1.23 -31.40
N ASP C 347 27.40 -1.03 -30.19
CA ASP C 347 28.70 -1.61 -29.86
C ASP C 347 28.42 -2.90 -29.13
N SER C 348 28.49 -4.01 -29.86
CA SER C 348 28.22 -5.31 -29.29
C SER C 348 29.48 -6.06 -28.90
N ASP C 349 30.65 -5.54 -29.26
CA ASP C 349 31.91 -6.05 -28.75
C ASP C 349 32.47 -5.19 -27.62
N TYR C 350 31.78 -4.10 -27.28
CA TYR C 350 32.12 -3.29 -26.12
C TYR C 350 33.51 -2.69 -26.28
N GLN C 351 33.84 -2.27 -27.49
CA GLN C 351 35.12 -1.66 -27.79
C GLN C 351 35.17 -0.18 -27.48
N LEU C 352 34.05 0.48 -27.43
CA LEU C 352 34.07 1.89 -27.10
C LEU C 352 33.96 2.10 -25.61
N PRO C 353 34.47 3.22 -25.11
CA PRO C 353 34.18 3.61 -23.73
C PRO C 353 32.69 3.61 -23.45
N TYR C 354 32.32 3.02 -22.33
CA TYR C 354 30.93 2.81 -21.97
C TYR C 354 30.54 3.89 -20.96
N VAL C 355 29.75 4.86 -21.40
CA VAL C 355 29.38 5.98 -20.55
C VAL C 355 28.00 5.84 -19.94
N LEU C 356 27.27 4.77 -20.25
CA LEU C 356 25.90 4.66 -19.77
C LEU C 356 25.82 4.52 -18.26
N GLY C 357 26.74 3.79 -17.63
CA GLY C 357 26.62 3.47 -16.24
C GLY C 357 27.05 4.55 -15.28
N SER C 358 27.01 5.81 -15.71
CA SER C 358 27.43 6.88 -14.80
C SER C 358 26.27 7.73 -14.29
N ALA C 359 25.05 7.19 -14.38
CA ALA C 359 23.83 7.86 -13.93
C ALA C 359 23.65 9.23 -14.56
N HIS C 360 23.92 9.32 -15.86
CA HIS C 360 23.79 10.56 -16.59
C HIS C 360 22.37 10.88 -17.07
N GLU C 361 22.18 12.15 -17.39
CA GLU C 361 20.94 12.72 -17.90
C GLU C 361 20.75 12.38 -19.39
N GLY C 362 19.58 12.64 -19.95
CA GLY C 362 19.34 12.36 -21.35
C GLY C 362 18.61 11.09 -21.72
N CYS C 363 18.12 10.37 -20.71
CA CYS C 363 17.35 9.15 -20.91
C CYS C 363 15.93 9.50 -21.32
N LEU C 364 15.18 8.51 -21.83
CA LEU C 364 13.80 8.75 -22.24
C LEU C 364 13.00 9.28 -21.06
N PRO C 365 12.15 10.26 -21.34
CA PRO C 365 11.35 10.94 -20.32
C PRO C 365 10.39 9.99 -19.64
N PRO C 366 10.12 10.23 -18.35
CA PRO C 366 9.23 9.36 -17.59
C PRO C 366 7.84 9.37 -18.21
N PHE C 367 7.37 10.54 -18.59
CA PHE C 367 6.07 10.65 -19.21
C PHE C 367 6.24 10.37 -20.70
N PRO C 368 5.40 9.52 -21.27
CA PRO C 368 5.56 9.19 -22.69
C PRO C 368 5.19 10.30 -23.64
N ALA C 369 4.47 11.32 -23.19
CA ALA C 369 4.03 12.38 -24.09
C ALA C 369 5.05 13.48 -24.26
N ASP C 370 6.25 13.31 -23.71
CA ASP C 370 7.29 14.30 -23.87
C ASP C 370 8.26 13.87 -24.96
N VAL C 371 8.77 14.85 -25.69
CA VAL C 371 9.76 14.64 -26.75
C VAL C 371 11.09 15.11 -26.22
N PHE C 372 12.14 14.34 -26.45
CA PHE C 372 13.41 14.60 -25.77
C PHE C 372 14.55 14.71 -26.77
N MET C 373 15.62 15.34 -26.30
CA MET C 373 16.79 15.64 -27.10
C MET C 373 17.90 14.65 -26.81
N ILE C 374 18.28 13.89 -27.83
CA ILE C 374 19.32 12.87 -27.69
C ILE C 374 20.58 13.51 -27.13
N PRO C 375 21.28 12.86 -26.21
CA PRO C 375 22.53 13.44 -25.69
C PRO C 375 23.69 13.26 -26.65
N GLN C 376 24.65 14.19 -26.53
CA GLN C 376 25.88 14.12 -27.30
C GLN C 376 26.88 13.16 -26.64
N TYR C 377 27.31 12.17 -27.40
CA TYR C 377 28.27 11.20 -26.89
C TYR C 377 29.60 11.88 -26.64
N GLY C 378 30.40 11.27 -25.77
CA GLY C 378 31.71 11.78 -25.43
C GLY C 378 32.41 10.74 -24.59
N TYR C 379 33.71 10.94 -24.38
CA TYR C 379 34.45 10.05 -23.52
C TYR C 379 35.72 10.72 -23.04
N LEU C 380 36.31 10.12 -22.02
CA LEU C 380 37.57 10.58 -21.44
C LEU C 380 38.60 9.47 -21.53
N THR C 381 39.86 9.84 -21.35
CA THR C 381 40.94 8.86 -21.28
C THR C 381 42.00 9.37 -20.32
N LEU C 382 43.15 8.71 -20.29
CA LEU C 382 44.17 9.03 -19.30
C LEU C 382 44.61 10.48 -19.43
N ASN C 383 45.08 11.04 -18.32
CA ASN C 383 45.65 12.37 -18.32
C ASN C 383 46.62 12.50 -17.17
N ASP C 384 47.54 13.46 -17.31
CA ASP C 384 48.36 13.94 -16.20
C ASP C 384 48.17 15.44 -16.15
N GLY C 385 47.53 15.93 -15.10
CA GLY C 385 47.00 17.27 -15.18
C GLY C 385 46.00 17.30 -16.33
N SER C 386 46.03 18.39 -17.11
CA SER C 386 45.18 18.49 -18.28
C SER C 386 45.80 17.88 -19.53
N GLN C 387 47.10 17.59 -19.50
CA GLN C 387 47.75 17.04 -20.68
C GLN C 387 47.53 15.54 -20.79
N ALA C 388 47.59 15.05 -22.02
CA ALA C 388 47.47 13.63 -22.31
C ALA C 388 48.78 12.93 -22.02
N VAL C 389 48.81 11.62 -22.28
CA VAL C 389 49.99 10.81 -22.06
C VAL C 389 50.13 9.83 -23.22
N GLY C 390 51.29 9.19 -23.28
CA GLY C 390 51.57 8.27 -24.36
C GLY C 390 50.67 7.06 -24.39
N ARG C 391 50.05 6.72 -23.26
CA ARG C 391 49.15 5.58 -23.20
C ARG C 391 47.71 5.97 -23.51
N SER C 392 47.43 7.25 -23.68
CA SER C 392 46.07 7.70 -23.95
C SER C 392 45.58 7.12 -25.28
N SER C 393 44.28 7.09 -25.45
CA SER C 393 43.66 6.53 -26.64
C SER C 393 42.75 7.55 -27.30
N PHE C 394 42.38 7.26 -28.53
CA PHE C 394 41.47 8.07 -29.32
C PHE C 394 40.60 7.12 -30.13
N TYR C 395 39.34 7.50 -30.33
CA TYR C 395 38.37 6.62 -30.95
C TYR C 395 37.57 7.38 -32.00
N CYS C 396 37.61 6.88 -33.23
CA CYS C 396 36.81 7.42 -34.31
C CYS C 396 35.62 6.49 -34.51
N LEU C 397 34.43 6.97 -34.15
CA LEU C 397 33.25 6.13 -34.27
C LEU C 397 32.94 5.79 -35.71
N GLU C 398 33.42 6.59 -36.66
CA GLU C 398 33.25 6.28 -38.08
C GLU C 398 33.96 5.00 -38.47
N TYR C 399 34.94 4.55 -37.70
CA TYR C 399 35.68 3.34 -37.99
C TYR C 399 34.89 2.08 -37.68
N PHE C 400 33.77 2.21 -37.09
CA PHE C 400 32.85 1.12 -36.83
C PHE C 400 31.83 0.99 -37.94
N PRO C 401 31.62 -0.20 -38.46
CA PRO C 401 30.56 -0.39 -39.44
C PRO C 401 29.22 -0.07 -38.84
N SER C 402 28.48 0.81 -39.50
CA SER C 402 27.20 1.27 -39.01
C SER C 402 26.18 1.12 -40.12
N GLN C 403 24.92 1.21 -39.75
CA GLN C 403 23.83 1.17 -40.71
C GLN C 403 23.34 2.58 -40.98
N MET C 404 22.96 2.83 -42.22
CA MET C 404 22.53 4.15 -42.66
C MET C 404 21.07 4.08 -43.04
N LEU C 405 20.29 5.06 -42.59
CA LEU C 405 18.85 4.99 -42.65
C LEU C 405 18.28 6.20 -43.37
N ARG C 406 17.48 5.96 -44.40
CA ARG C 406 16.68 7.01 -45.00
C ARG C 406 15.32 7.06 -44.32
N THR C 407 14.47 7.98 -44.77
CA THR C 407 13.19 8.19 -44.10
C THR C 407 12.25 7.00 -44.21
N GLY C 408 12.59 6.00 -45.01
CA GLY C 408 11.80 4.79 -45.06
C GLY C 408 12.38 3.62 -44.33
N ASN C 409 13.64 3.71 -43.91
CA ASN C 409 14.31 2.64 -43.19
C ASN C 409 13.97 2.66 -41.71
N ASN C 410 14.13 1.49 -41.08
CA ASN C 410 14.00 1.34 -39.64
C ASN C 410 15.04 0.36 -39.12
N PHE C 411 15.42 0.53 -37.86
CA PHE C 411 16.52 -0.21 -37.26
C PHE C 411 16.05 -0.91 -35.99
N GLN C 412 16.47 -2.15 -35.81
CA GLN C 412 16.09 -2.92 -34.63
C GLN C 412 17.14 -3.97 -34.32
N PHE C 413 17.22 -4.35 -33.05
CA PHE C 413 18.06 -5.48 -32.66
C PHE C 413 17.52 -6.01 -31.35
N SER C 414 17.93 -7.24 -31.01
CA SER C 414 17.50 -7.89 -29.79
C SER C 414 18.71 -8.26 -28.96
N TYR C 415 18.56 -8.09 -27.65
CA TYR C 415 19.65 -8.32 -26.70
C TYR C 415 19.20 -9.33 -25.66
N GLU C 416 20.18 -9.97 -25.03
CA GLU C 416 19.97 -10.99 -24.01
C GLU C 416 20.77 -10.61 -22.79
N PHE C 417 20.08 -10.29 -21.69
CA PHE C 417 20.78 -10.00 -20.44
C PHE C 417 21.51 -11.23 -19.95
N GLU C 418 22.72 -11.02 -19.42
CA GLU C 418 23.40 -12.13 -18.80
C GLU C 418 22.81 -12.40 -17.42
N ASN C 419 22.98 -13.62 -16.95
CA ASN C 419 22.34 -14.04 -15.72
C ASN C 419 22.83 -13.21 -14.55
N VAL C 420 21.91 -12.58 -13.84
CA VAL C 420 22.23 -11.74 -12.69
C VAL C 420 21.32 -12.15 -11.55
N PRO C 421 21.72 -11.85 -10.32
CA PRO C 421 20.86 -12.17 -9.17
C PRO C 421 19.66 -11.25 -9.13
N PHE C 422 18.54 -11.79 -8.65
CA PHE C 422 17.37 -10.96 -8.41
C PHE C 422 17.72 -9.82 -7.48
N HIS C 423 17.19 -8.65 -7.78
CA HIS C 423 17.36 -7.53 -6.87
C HIS C 423 16.40 -7.87 -5.73
N SER C 424 16.80 -7.65 -4.50
CA SER C 424 15.91 -7.99 -3.40
C SER C 424 15.00 -6.85 -3.00
N SER C 425 13.76 -6.91 -3.47
CA SER C 425 12.76 -5.93 -3.12
C SER C 425 11.97 -6.37 -1.90
N TYR C 426 12.63 -6.44 -0.76
CA TYR C 426 11.97 -6.83 0.47
C TYR C 426 12.77 -6.30 1.63
N ALA C 427 12.14 -6.20 2.79
CA ALA C 427 12.84 -5.71 3.97
C ALA C 427 12.85 -6.83 5.00
N HIS C 428 13.99 -7.04 5.65
CA HIS C 428 14.07 -8.09 6.64
C HIS C 428 13.17 -7.79 7.84
N SER C 429 12.50 -8.81 8.35
CA SER C 429 11.61 -8.64 9.51
C SER C 429 12.34 -8.98 10.81
N GLN C 430 13.57 -9.44 10.68
CA GLN C 430 14.43 -9.75 11.81
C GLN C 430 15.73 -9.00 11.66
N SER C 431 16.34 -8.67 12.79
CA SER C 431 17.62 -7.99 12.79
C SER C 431 18.73 -8.99 13.08
N LEU C 432 19.90 -8.73 12.51
CA LEU C 432 20.97 -9.71 12.53
C LEU C 432 21.32 -10.17 13.93
N ASP C 433 21.15 -9.30 14.91
CA ASP C 433 21.52 -9.62 16.28
C ASP C 433 20.38 -10.19 17.11
N ARG C 434 19.17 -10.27 16.56
CA ARG C 434 18.04 -10.84 17.27
C ARG C 434 17.65 -12.24 16.79
N LEU C 435 18.46 -12.89 15.97
CA LEU C 435 18.07 -14.18 15.41
C LEU C 435 17.86 -15.30 16.43
N MET C 436 18.21 -15.08 17.69
CA MET C 436 18.14 -16.09 18.74
C MET C 436 16.71 -16.45 19.12
N ASN C 437 16.58 -17.58 19.79
CA ASN C 437 15.33 -17.93 20.47
C ASN C 437 15.26 -17.20 21.81
N PRO C 438 14.25 -16.38 22.04
CA PRO C 438 14.21 -15.58 23.26
C PRO C 438 13.94 -16.38 24.52
N LEU C 439 13.50 -17.63 24.41
CA LEU C 439 13.06 -18.39 25.58
C LEU C 439 14.13 -19.28 26.19
N ILE C 440 15.26 -19.49 25.54
CA ILE C 440 16.19 -20.55 25.91
C ILE C 440 17.57 -19.97 26.12
N ASP C 441 18.28 -20.50 27.11
CA ASP C 441 19.66 -20.14 27.32
C ASP C 441 20.55 -20.78 26.25
N GLN C 442 21.74 -20.21 26.09
CA GLN C 442 22.76 -20.89 25.31
C GLN C 442 23.67 -21.70 26.22
N TYR C 443 24.07 -22.87 25.74
CA TYR C 443 25.05 -23.64 26.50
C TYR C 443 26.40 -22.95 26.59
N LEU C 444 26.65 -21.92 25.78
CA LEU C 444 27.92 -21.23 25.85
C LEU C 444 27.98 -20.31 27.07
N TYR C 445 29.20 -19.94 27.45
CA TYR C 445 29.46 -19.09 28.59
C TYR C 445 30.28 -17.88 28.18
N TYR C 446 30.09 -16.77 28.90
CA TYR C 446 30.82 -15.56 28.67
C TYR C 446 31.42 -15.09 29.99
N LEU C 447 32.37 -14.17 29.92
CA LEU C 447 33.09 -13.72 31.10
C LEU C 447 32.35 -12.54 31.71
N SER C 448 31.68 -12.78 32.84
CA SER C 448 30.86 -11.74 33.43
C SER C 448 31.63 -10.78 34.32
N LYS C 449 32.52 -11.28 35.18
CA LYS C 449 33.18 -10.42 36.17
C LYS C 449 34.68 -10.64 36.12
N THR C 450 35.43 -9.54 36.11
CA THR C 450 36.87 -9.62 36.31
C THR C 450 37.31 -9.23 37.71
N ILE C 451 36.39 -8.78 38.58
CA ILE C 451 36.73 -8.50 39.96
C ILE C 451 35.55 -8.89 40.85
N ASN C 452 35.88 -9.22 42.10
CA ASN C 452 34.85 -9.59 43.07
C ASN C 452 34.21 -8.35 43.67
N GLY C 453 34.99 -7.29 43.86
CA GLY C 453 34.46 -6.08 44.46
C GLY C 453 35.53 -5.02 44.52
N SER C 454 35.25 -3.98 45.29
CA SER C 454 36.20 -2.88 45.43
C SER C 454 37.29 -3.25 46.42
N GLY C 455 38.51 -2.87 46.10
CA GLY C 455 39.63 -3.09 46.98
C GLY C 455 40.89 -3.34 46.17
N GLN C 456 41.89 -3.86 46.85
CA GLN C 456 43.16 -4.20 46.23
C GLN C 456 43.21 -5.71 45.98
N ASN C 457 43.85 -6.08 44.87
CA ASN C 457 44.05 -7.48 44.52
C ASN C 457 42.72 -8.24 44.50
N GLN C 458 41.74 -7.68 43.81
CA GLN C 458 40.41 -8.26 43.73
C GLN C 458 40.21 -9.12 42.51
N GLN C 459 41.26 -9.35 41.71
CA GLN C 459 41.12 -10.04 40.44
C GLN C 459 40.37 -11.36 40.59
N THR C 460 39.49 -11.63 39.64
CA THR C 460 38.76 -12.89 39.59
C THR C 460 38.36 -13.13 38.15
N LEU C 461 37.91 -14.34 37.87
CA LEU C 461 37.25 -14.66 36.62
C LEU C 461 35.93 -15.34 36.94
N LYS C 462 34.84 -14.70 36.56
CA LYS C 462 33.51 -15.27 36.71
C LYS C 462 32.92 -15.49 35.33
N PHE C 463 31.97 -16.41 35.25
CA PHE C 463 31.40 -16.79 33.98
C PHE C 463 29.90 -16.97 34.15
N SER C 464 29.16 -16.74 33.08
CA SER C 464 27.72 -16.84 33.14
C SER C 464 27.22 -17.43 31.84
N VAL C 465 26.01 -17.95 31.91
CA VAL C 465 25.32 -18.41 30.72
C VAL C 465 24.85 -17.22 29.92
N ALA C 466 25.02 -17.29 28.60
CA ALA C 466 24.40 -16.32 27.72
C ALA C 466 22.94 -16.71 27.52
N GLY C 467 22.03 -15.83 27.92
CA GLY C 467 20.63 -16.14 27.89
C GLY C 467 19.74 -14.94 27.69
N PRO C 468 18.44 -15.17 27.67
CA PRO C 468 17.48 -14.09 27.38
C PRO C 468 17.68 -12.84 28.19
N SER C 469 18.13 -12.93 29.43
CA SER C 469 18.26 -11.73 30.24
C SER C 469 19.32 -10.79 29.67
N ASN C 470 20.41 -11.34 29.15
CA ASN C 470 21.45 -10.54 28.50
C ASN C 470 21.62 -11.06 27.08
N MET C 471 21.12 -10.33 26.09
CA MET C 471 21.26 -10.77 24.71
C MET C 471 22.44 -10.15 24.01
N ALA C 472 23.08 -9.16 24.60
CA ALA C 472 24.18 -8.50 23.92
C ALA C 472 25.34 -9.46 23.67
N VAL C 473 25.61 -10.35 24.63
CA VAL C 473 26.87 -11.08 24.67
C VAL C 473 26.78 -12.47 24.07
N GLN C 474 25.64 -12.87 23.52
CA GLN C 474 25.54 -14.22 23.04
C GLN C 474 26.42 -14.44 21.83
N GLY C 475 26.91 -15.67 21.68
CA GLY C 475 27.71 -16.00 20.52
C GLY C 475 26.84 -16.08 19.28
N ARG C 476 27.29 -15.45 18.21
CA ARG C 476 26.51 -15.35 16.99
C ARG C 476 27.32 -15.86 15.82
N ASN C 477 26.62 -16.45 14.87
CA ASN C 477 27.25 -17.03 13.70
C ASN C 477 27.58 -16.02 12.61
N TYR C 478 26.94 -14.85 12.61
CA TYR C 478 27.13 -13.92 11.51
C TYR C 478 27.18 -12.49 12.03
N ILE C 479 27.90 -11.66 11.30
CA ILE C 479 28.20 -10.29 11.71
C ILE C 479 27.84 -9.35 10.57
N PRO C 480 27.50 -8.10 10.88
CA PRO C 480 27.00 -7.20 9.84
C PRO C 480 28.08 -6.84 8.83
N GLY C 481 27.61 -6.37 7.68
CA GLY C 481 28.46 -6.06 6.56
C GLY C 481 29.41 -4.91 6.80
N PRO C 482 30.22 -4.60 5.81
CA PRO C 482 31.30 -3.63 5.98
C PRO C 482 30.81 -2.19 6.03
N SER C 483 31.68 -1.32 6.55
CA SER C 483 31.36 0.09 6.68
C SER C 483 32.55 0.95 6.31
N TYR C 484 32.26 2.12 5.76
CA TYR C 484 33.25 3.18 5.54
C TYR C 484 32.58 4.45 6.02
N ARG C 485 33.02 5.04 7.12
CA ARG C 485 32.15 6.00 7.80
C ARG C 485 31.94 7.26 6.98
N GLN C 486 30.71 7.77 7.00
CA GLN C 486 30.29 9.04 6.44
C GLN C 486 30.08 10.04 7.56
N GLN C 487 30.24 11.32 7.25
CA GLN C 487 29.86 12.35 8.19
C GLN C 487 28.35 12.50 8.25
N ARG C 488 27.83 12.98 9.38
CA ARG C 488 26.40 13.04 9.61
C ARG C 488 25.91 14.48 9.55
N VAL C 489 24.91 14.72 8.70
CA VAL C 489 24.37 16.05 8.47
C VAL C 489 22.92 16.04 8.93
N SER C 490 22.54 17.09 9.63
CA SER C 490 21.19 17.22 10.13
C SER C 490 20.37 18.09 9.21
N THR C 491 19.15 17.67 8.92
CA THR C 491 18.25 18.43 8.06
C THR C 491 17.91 19.76 8.70
N THR C 492 17.72 19.78 10.02
CA THR C 492 17.46 21.03 10.70
C THR C 492 18.82 21.69 10.59
N VAL C 493 18.88 22.94 10.16
CA VAL C 493 20.17 23.58 9.99
C VAL C 493 20.80 24.07 11.28
N THR C 494 20.00 24.40 12.28
CA THR C 494 20.61 24.90 13.51
C THR C 494 21.52 23.91 14.24
N GLN C 495 21.19 22.62 14.21
CA GLN C 495 22.02 21.61 14.85
C GLN C 495 23.41 21.46 14.22
N ASN C 496 23.50 21.62 12.91
CA ASN C 496 24.77 21.51 12.19
C ASN C 496 25.76 22.59 12.63
N ASN C 497 27.04 22.25 12.61
CA ASN C 497 28.12 23.16 13.00
C ASN C 497 28.22 24.38 12.09
N ASN C 498 28.54 25.53 12.68
CA ASN C 498 28.63 26.77 11.94
C ASN C 498 29.98 26.96 11.26
N SER C 499 30.25 26.15 10.24
CA SER C 499 31.49 26.22 9.50
C SER C 499 31.34 25.59 8.14
N GLU C 500 32.25 25.89 7.22
CA GLU C 500 32.18 25.31 5.88
C GLU C 500 32.88 23.96 5.87
N PHE C 501 32.17 22.93 6.28
CA PHE C 501 32.71 21.59 6.32
C PHE C 501 32.16 20.70 5.21
N ALA C 502 31.50 21.28 4.22
CA ALA C 502 30.89 20.46 3.19
C ALA C 502 31.88 19.61 2.41
N TRP C 503 33.02 20.18 2.01
CA TRP C 503 34.01 19.40 1.29
C TRP C 503 35.11 18.92 2.23
N PRO C 504 35.53 19.80 3.14
CA PRO C 504 36.59 19.51 4.10
C PRO C 504 36.22 18.42 5.09
N GLY C 505 34.96 18.01 5.14
CA GLY C 505 34.62 16.97 6.09
C GLY C 505 34.10 15.70 5.49
N ALA C 506 34.36 15.48 4.21
CA ALA C 506 33.71 14.42 3.46
C ALA C 506 34.62 13.21 3.27
N SER C 507 34.01 12.04 3.28
CA SER C 507 34.73 10.80 3.03
C SER C 507 35.11 10.70 1.56
N SER C 508 36.38 10.43 1.30
CA SER C 508 36.89 10.42 -0.06
C SER C 508 37.82 9.24 -0.24
N TRP C 509 38.13 8.95 -1.49
CA TRP C 509 39.20 8.02 -1.81
C TRP C 509 40.10 8.63 -2.87
N ALA C 510 41.39 8.40 -2.73
CA ALA C 510 42.40 8.98 -3.60
C ALA C 510 42.87 7.96 -4.62
N LEU C 511 43.00 8.40 -5.86
CA LEU C 511 43.48 7.55 -6.94
C LEU C 511 44.47 8.34 -7.77
N ASN C 512 45.71 7.85 -7.86
CA ASN C 512 46.75 8.47 -8.65
C ASN C 512 46.89 9.96 -8.30
N GLY C 513 46.80 10.26 -7.01
CA GLY C 513 46.98 11.61 -6.53
C GLY C 513 45.74 12.48 -6.55
N ARG C 514 44.62 11.98 -7.07
CA ARG C 514 43.38 12.73 -7.11
C ARG C 514 42.40 12.19 -6.08
N ASN C 515 41.72 13.09 -5.38
CA ASN C 515 40.73 12.74 -4.37
C ASN C 515 39.35 12.74 -4.99
N SER C 516 38.70 11.58 -4.97
CA SER C 516 37.31 11.46 -5.39
C SER C 516 36.44 11.30 -4.16
N LEU C 517 35.34 12.05 -4.12
CA LEU C 517 34.38 11.90 -3.03
C LEU C 517 33.83 10.49 -3.04
N MET C 518 33.53 9.96 -1.86
CA MET C 518 32.98 8.61 -1.77
C MET C 518 31.48 8.76 -1.88
N ASN C 519 30.95 8.42 -3.04
CA ASN C 519 29.55 8.63 -3.32
C ASN C 519 29.02 7.56 -4.25
N PRO C 520 27.85 6.98 -3.91
CA PRO C 520 27.26 7.01 -2.58
C PRO C 520 28.07 6.19 -1.59
N GLY C 521 28.90 5.30 -2.10
CA GLY C 521 29.75 4.49 -1.25
C GLY C 521 29.17 3.13 -0.99
N PRO C 522 29.69 2.43 0.01
CA PRO C 522 29.13 1.14 0.38
C PRO C 522 27.68 1.29 0.82
N ALA C 523 26.95 0.20 0.75
CA ALA C 523 25.55 0.23 1.16
C ALA C 523 25.49 0.19 2.68
N MET C 524 24.96 1.25 3.27
CA MET C 524 24.86 1.36 4.71
C MET C 524 23.58 2.09 5.04
N ALA C 525 22.99 1.73 6.18
CA ALA C 525 21.78 2.38 6.63
C ALA C 525 22.03 3.88 6.81
N SER C 526 21.01 4.67 6.54
CA SER C 526 21.18 6.12 6.54
C SER C 526 21.28 6.67 7.94
N HIS C 527 20.53 6.11 8.88
CA HIS C 527 20.47 6.68 10.22
C HIS C 527 20.02 5.60 11.18
N LYS C 528 20.28 5.84 12.47
CA LYS C 528 19.77 4.95 13.49
C LYS C 528 18.25 5.03 13.53
N GLU C 529 17.65 4.05 14.17
CA GLU C 529 16.20 4.02 14.32
C GLU C 529 15.79 5.23 15.13
N GLY C 530 14.73 5.92 14.69
CA GLY C 530 14.26 7.09 15.39
C GLY C 530 15.08 8.33 15.19
N GLU C 531 15.90 8.37 14.15
CA GLU C 531 16.71 9.55 13.86
C GLU C 531 16.54 9.93 12.41
N ASP C 532 15.33 10.37 12.09
CA ASP C 532 14.93 10.79 10.76
C ASP C 532 15.64 12.01 10.20
N ARG C 533 15.93 12.99 11.04
CA ARG C 533 16.56 14.21 10.57
C ARG C 533 17.93 14.05 9.93
N PHE C 534 18.79 13.22 10.51
CA PHE C 534 20.13 13.03 10.00
C PHE C 534 20.28 12.24 8.70
N PHE C 535 21.21 12.68 7.85
CA PHE C 535 21.53 11.97 6.61
C PHE C 535 23.04 11.86 6.53
N PRO C 536 23.57 10.84 5.87
CA PRO C 536 25.01 10.73 5.90
C PRO C 536 25.78 11.41 4.78
N LEU C 537 25.66 12.73 4.60
CA LEU C 537 26.44 13.44 3.58
C LEU C 537 26.30 12.81 2.19
N SER C 538 27.44 12.38 1.64
CA SER C 538 27.51 11.75 0.32
C SER C 538 26.93 10.34 0.22
N GLY C 539 26.65 9.71 1.34
CA GLY C 539 26.11 8.35 1.40
C GLY C 539 24.79 8.06 0.72
N SER C 540 23.84 9.00 0.72
CA SER C 540 22.53 8.74 0.11
C SER C 540 22.25 9.46 -1.22
N LEU C 541 21.68 8.73 -2.17
CA LEU C 541 21.31 9.28 -3.48
C LEU C 541 20.36 10.47 -3.31
N ILE C 542 20.55 11.51 -4.10
CA ILE C 542 19.71 12.69 -3.98
C ILE C 542 19.16 13.02 -5.34
N PHE C 543 17.84 13.14 -5.43
CA PHE C 543 17.17 13.48 -6.68
C PHE C 543 16.61 14.88 -6.59
N GLY C 544 16.47 15.53 -7.73
CA GLY C 544 15.87 16.85 -7.78
C GLY C 544 14.37 16.77 -8.03
N LYS C 545 13.65 17.77 -7.54
CA LYS C 545 12.21 17.80 -7.78
C LYS C 545 11.99 18.44 -9.15
N GLN C 546 10.77 18.34 -9.69
CA GLN C 546 10.53 18.92 -11.00
C GLN C 546 10.79 20.42 -11.00
N GLY C 547 11.54 20.89 -11.99
CA GLY C 547 11.87 22.29 -12.12
C GLY C 547 12.98 22.79 -11.22
N THR C 548 13.69 21.88 -10.56
CA THR C 548 14.78 22.27 -9.67
C THR C 548 15.93 22.94 -10.41
N GLY C 549 16.47 24.00 -9.83
CA GLY C 549 17.58 24.72 -10.41
C GLY C 549 18.84 23.88 -10.41
N ARG C 550 19.69 24.08 -11.42
CA ARG C 550 20.93 23.33 -11.53
C ARG C 550 21.95 23.56 -10.43
N ASP C 551 22.13 24.80 -10.01
CA ASP C 551 23.17 25.13 -9.03
C ASP C 551 22.77 25.85 -7.73
N ASN C 552 23.34 25.38 -6.63
CA ASN C 552 23.15 25.95 -5.29
C ASN C 552 21.71 26.04 -4.80
N VAL C 553 20.92 25.01 -5.10
CA VAL C 553 19.54 25.00 -4.67
C VAL C 553 19.42 24.72 -3.19
N ASP C 554 18.28 25.12 -2.62
CA ASP C 554 17.99 24.94 -1.22
C ASP C 554 17.74 23.46 -0.89
N ALA C 555 17.88 23.09 0.37
CA ALA C 555 17.70 21.70 0.80
C ALA C 555 16.30 21.17 0.51
N ASP C 556 15.28 22.01 0.63
CA ASP C 556 13.92 21.64 0.31
C ASP C 556 13.74 21.26 -1.16
N LYS C 557 14.49 21.91 -2.04
CA LYS C 557 14.39 21.68 -3.47
C LYS C 557 14.78 20.28 -3.93
N VAL C 558 15.41 19.51 -3.07
CA VAL C 558 15.83 18.16 -3.45
C VAL C 558 15.33 17.15 -2.46
N MET C 559 15.22 15.90 -2.91
CA MET C 559 14.78 14.84 -2.03
C MET C 559 15.90 13.86 -1.77
N ILE C 560 16.22 13.64 -0.50
CA ILE C 560 17.30 12.74 -0.13
C ILE C 560 16.73 11.39 0.23
N THR C 561 17.11 10.34 -0.48
CA THR C 561 16.56 9.04 -0.10
C THR C 561 17.30 8.46 1.08
N ASN C 562 16.60 7.67 1.88
CA ASN C 562 17.21 7.05 3.04
C ASN C 562 17.07 5.54 3.00
N GLU C 563 18.19 4.84 3.01
CA GLU C 563 18.17 3.39 3.00
C GLU C 563 18.12 2.87 4.43
N GLU C 564 17.01 3.10 5.11
CA GLU C 564 16.87 2.62 6.48
C GLU C 564 16.36 1.20 6.52
N GLU C 565 15.96 0.68 5.36
CA GLU C 565 15.46 -0.68 5.26
C GLU C 565 16.52 -1.73 5.59
N ILE C 566 17.76 -1.42 5.20
CA ILE C 566 18.89 -2.31 5.37
C ILE C 566 19.62 -2.14 6.69
N LYS C 567 19.05 -1.38 7.61
CA LYS C 567 19.67 -1.16 8.91
C LYS C 567 19.86 -2.43 9.76
N THR C 568 18.97 -3.40 9.60
CA THR C 568 19.06 -4.63 10.36
C THR C 568 20.34 -5.40 10.11
N THR C 569 20.77 -5.50 8.85
CA THR C 569 22.00 -6.24 8.56
C THR C 569 23.21 -5.39 8.20
N ASN C 570 23.00 -4.12 7.87
CA ASN C 570 24.11 -3.24 7.50
C ASN C 570 24.30 -2.17 8.57
N PRO C 571 25.56 -1.90 8.92
CA PRO C 571 25.88 -0.89 9.92
C PRO C 571 25.44 0.51 9.51
N VAL C 572 25.09 1.34 10.47
CA VAL C 572 24.66 2.69 10.17
C VAL C 572 25.82 3.48 9.57
N ALA C 573 25.54 4.17 8.46
CA ALA C 573 26.61 4.83 7.72
C ALA C 573 27.37 5.85 8.55
N THR C 574 26.72 6.46 9.53
CA THR C 574 27.35 7.51 10.31
C THR C 574 27.94 7.02 11.62
N GLU C 575 27.93 5.72 11.85
CA GLU C 575 28.39 5.16 13.11
C GLU C 575 29.65 4.34 12.91
N SER C 576 30.42 4.21 13.98
CA SER C 576 31.58 3.32 13.97
C SER C 576 31.12 1.88 13.87
N TYR C 577 31.87 1.09 13.10
CA TYR C 577 31.52 -0.31 12.95
C TYR C 577 31.54 -1.01 14.30
N GLY C 578 32.44 -0.61 15.18
CA GLY C 578 32.53 -1.23 16.49
C GLY C 578 33.82 -0.83 17.18
N GLN C 579 34.27 -1.68 18.10
CA GLN C 579 35.50 -1.46 18.85
C GLN C 579 36.42 -2.66 18.73
N VAL C 580 37.70 -2.41 19.00
CA VAL C 580 38.73 -3.43 19.13
C VAL C 580 39.67 -3.02 20.26
N ALA C 581 40.28 -4.02 20.88
CA ALA C 581 41.27 -3.77 21.92
C ALA C 581 42.55 -3.25 21.29
N THR C 582 43.11 -2.18 21.86
CA THR C 582 44.33 -1.59 21.33
C THR C 582 45.59 -2.01 22.04
N ASN C 583 45.51 -2.79 23.12
CA ASN C 583 46.73 -3.11 23.85
C ASN C 583 46.54 -4.41 24.61
N HIS C 584 47.59 -4.83 25.31
CA HIS C 584 47.53 -5.93 26.26
C HIS C 584 47.31 -5.37 27.65
N GLN C 585 46.26 -5.84 28.31
CA GLN C 585 46.09 -5.48 29.71
C GLN C 585 47.14 -6.16 30.56
N SER C 586 47.42 -5.55 31.71
CA SER C 586 48.33 -6.13 32.69
C SER C 586 47.96 -5.53 34.04
N ALA C 587 48.66 -5.97 35.08
CA ALA C 587 48.43 -5.39 36.40
C ALA C 587 48.70 -3.89 36.39
N GLN C 588 49.59 -3.44 35.51
CA GLN C 588 49.94 -2.02 35.41
C GLN C 588 49.21 -1.30 34.29
N ALA C 589 48.41 -2.00 33.49
CA ALA C 589 47.81 -1.41 32.31
C ALA C 589 46.35 -1.80 32.20
N GLN C 590 45.47 -0.78 32.16
CA GLN C 590 44.06 -1.00 31.95
C GLN C 590 43.79 -1.40 30.51
N ALA C 591 42.64 -2.03 30.30
CA ALA C 591 42.23 -2.38 28.94
C ALA C 591 41.95 -1.11 28.15
N GLN C 592 42.32 -1.12 26.88
CA GLN C 592 42.12 0.04 26.02
C GLN C 592 41.52 -0.41 24.69
N THR C 593 40.57 0.38 24.21
CA THR C 593 39.87 0.10 22.97
C THR C 593 39.94 1.33 22.07
N GLY C 594 39.58 1.12 20.81
CA GLY C 594 39.53 2.21 19.85
C GLY C 594 38.44 1.92 18.85
N TRP C 595 38.00 2.98 18.19
CA TRP C 595 36.83 2.88 17.33
C TRP C 595 37.25 2.43 15.93
N VAL C 596 36.46 1.53 15.36
CA VAL C 596 36.70 1.08 13.99
C VAL C 596 35.87 1.96 13.08
N GLN C 597 36.54 2.84 12.34
CA GLN C 597 35.82 3.76 11.46
C GLN C 597 35.47 3.11 10.14
N ASN C 598 36.32 2.25 9.63
CA ASN C 598 36.06 1.53 8.40
C ASN C 598 36.45 0.08 8.61
N GLN C 599 35.66 -0.83 8.07
CA GLN C 599 35.92 -2.25 8.23
C GLN C 599 35.72 -2.95 6.90
N GLY C 600 36.77 -3.56 6.39
CA GLY C 600 36.66 -4.38 5.21
C GLY C 600 35.92 -5.66 5.48
N ILE C 601 35.78 -6.48 4.43
CA ILE C 601 35.08 -7.74 4.57
C ILE C 601 35.78 -8.63 5.58
N LEU C 602 35.01 -9.31 6.40
CA LEU C 602 35.44 -10.40 7.25
C LEU C 602 34.63 -11.63 6.89
N PRO C 603 35.17 -12.83 7.11
CA PRO C 603 34.37 -14.04 6.88
C PRO C 603 33.17 -14.05 7.81
N GLY C 604 32.02 -14.41 7.27
CA GLY C 604 30.80 -14.39 8.04
C GLY C 604 30.07 -13.07 8.08
N MET C 605 30.41 -12.12 7.22
CA MET C 605 29.59 -10.92 7.06
C MET C 605 28.44 -11.20 6.10
N VAL C 606 27.32 -10.54 6.37
CA VAL C 606 26.20 -10.51 5.44
C VAL C 606 25.75 -9.07 5.31
N TRP C 607 25.25 -8.72 4.14
CA TRP C 607 24.83 -7.35 3.89
C TRP C 607 23.79 -7.33 2.79
N GLN C 608 23.08 -6.23 2.71
CA GLN C 608 22.12 -5.93 1.65
C GLN C 608 22.71 -4.90 0.71
N ASP C 609 22.36 -5.02 -0.56
CA ASP C 609 22.78 -4.02 -1.52
C ASP C 609 21.93 -2.76 -1.37
N ARG C 610 22.24 -1.74 -2.15
CA ARG C 610 21.46 -0.53 -2.14
C ARG C 610 20.18 -0.73 -2.95
N ASP C 611 19.14 0.01 -2.58
CA ASP C 611 17.86 -0.19 -3.21
C ASP C 611 17.80 0.54 -4.55
N VAL C 612 16.92 0.07 -5.42
CA VAL C 612 16.70 0.71 -6.71
C VAL C 612 15.40 1.49 -6.64
N TYR C 613 15.35 2.60 -7.38
CA TYR C 613 14.27 3.55 -7.31
C TYR C 613 13.62 3.71 -8.67
N LEU C 614 12.41 4.28 -8.67
CA LEU C 614 11.76 4.56 -9.93
C LEU C 614 12.61 5.46 -10.80
N GLN C 615 13.35 6.38 -10.18
CA GLN C 615 14.20 7.32 -10.88
C GLN C 615 15.62 6.83 -11.04
N GLY C 616 16.00 5.73 -10.43
CA GLY C 616 17.38 5.34 -10.36
C GLY C 616 17.87 4.55 -11.55
N PRO C 617 19.16 4.28 -11.57
CA PRO C 617 19.73 3.48 -12.66
C PRO C 617 19.32 2.03 -12.59
N ILE C 618 19.44 1.36 -13.74
CA ILE C 618 19.08 -0.04 -13.85
C ILE C 618 20.31 -0.92 -13.79
N TRP C 619 21.21 -0.77 -14.76
CA TRP C 619 22.40 -1.58 -14.83
C TRP C 619 23.64 -0.70 -14.84
N ALA C 620 24.78 -1.34 -14.63
CA ALA C 620 26.08 -0.75 -14.89
C ALA C 620 26.96 -1.80 -15.55
N LYS C 621 28.07 -1.35 -16.13
CA LYS C 621 29.03 -2.26 -16.71
C LYS C 621 30.13 -2.52 -15.71
N ILE C 622 30.32 -3.79 -15.36
CA ILE C 622 31.43 -4.14 -14.47
C ILE C 622 32.74 -3.84 -15.18
N PRO C 623 33.59 -2.98 -14.65
CA PRO C 623 34.86 -2.69 -15.33
C PRO C 623 35.62 -3.97 -15.60
N HIS C 624 36.37 -4.00 -16.69
CA HIS C 624 37.06 -5.22 -17.09
C HIS C 624 38.42 -5.21 -16.42
N THR C 625 38.59 -6.07 -15.42
CA THR C 625 39.75 -6.03 -14.55
C THR C 625 40.10 -7.45 -14.14
N ASP C 626 41.28 -7.61 -13.56
CA ASP C 626 41.70 -8.92 -13.08
C ASP C 626 40.72 -9.46 -12.06
N GLY C 627 40.31 -8.64 -11.12
CA GLY C 627 39.43 -9.11 -10.06
C GLY C 627 38.51 -8.02 -9.57
N ASN C 628 37.43 -8.46 -8.95
CA ASN C 628 36.44 -7.58 -8.35
C ASN C 628 35.76 -8.35 -7.24
N PHE C 629 35.11 -7.64 -6.33
CA PHE C 629 34.34 -8.29 -5.29
C PHE C 629 32.95 -7.73 -5.22
N HIS C 630 31.97 -8.62 -5.29
CA HIS C 630 30.55 -8.32 -5.26
C HIS C 630 30.30 -7.20 -6.27
N PRO C 631 30.36 -7.52 -7.54
CA PRO C 631 30.36 -6.50 -8.58
C PRO C 631 29.13 -5.61 -8.62
N SER C 632 28.10 -5.94 -7.87
CA SER C 632 26.88 -5.14 -7.83
C SER C 632 27.22 -3.66 -7.65
N PRO C 633 26.70 -2.79 -8.50
CA PRO C 633 27.16 -1.40 -8.49
C PRO C 633 26.66 -0.63 -7.29
N LEU C 634 27.39 0.43 -6.96
CA LEU C 634 27.13 1.12 -5.70
C LEU C 634 25.97 2.09 -5.79
N MET C 635 25.59 2.54 -6.98
CA MET C 635 24.40 3.36 -7.08
C MET C 635 23.13 2.51 -7.18
N GLY C 636 23.25 1.21 -7.12
CA GLY C 636 22.11 0.33 -7.20
C GLY C 636 21.94 -0.24 -8.60
N GLY C 637 21.26 -1.36 -8.67
CA GLY C 637 21.00 -2.00 -9.94
C GLY C 637 21.87 -3.22 -10.16
N PHE C 638 21.83 -3.69 -11.40
CA PHE C 638 22.41 -4.97 -11.77
C PHE C 638 23.75 -4.75 -12.46
N GLY C 639 24.83 -5.20 -11.81
CA GLY C 639 26.12 -5.15 -12.46
C GLY C 639 26.26 -6.26 -13.49
N MET C 640 26.85 -5.92 -14.63
CA MET C 640 26.92 -6.85 -15.73
C MET C 640 28.25 -6.64 -16.47
N LYS C 641 28.86 -7.74 -16.90
CA LYS C 641 30.05 -7.63 -17.72
C LYS C 641 29.72 -7.29 -19.17
N HIS C 642 28.56 -7.72 -19.67
CA HIS C 642 28.10 -7.37 -21.00
C HIS C 642 26.72 -6.76 -20.87
N PRO C 643 26.64 -5.51 -20.42
CA PRO C 643 25.35 -4.87 -20.25
C PRO C 643 24.68 -4.66 -21.60
N PRO C 644 23.50 -4.06 -21.64
CA PRO C 644 22.94 -3.65 -22.91
C PRO C 644 23.91 -2.74 -23.64
N PRO C 645 24.20 -3.05 -24.90
CA PRO C 645 25.24 -2.31 -25.62
C PRO C 645 24.81 -0.88 -25.90
N GLN C 646 25.80 -0.04 -26.16
CA GLN C 646 25.52 1.34 -26.49
C GLN C 646 25.01 1.47 -27.91
N ILE C 647 24.15 2.46 -28.13
CA ILE C 647 23.53 2.70 -29.41
C ILE C 647 23.90 4.11 -29.82
N LEU C 648 24.73 4.24 -30.85
CA LEU C 648 25.23 5.53 -31.27
C LEU C 648 24.53 5.97 -32.55
N ILE C 649 24.36 7.27 -32.71
CA ILE C 649 23.57 7.80 -33.81
C ILE C 649 24.08 9.19 -34.17
N LYS C 650 23.97 9.56 -35.44
CA LYS C 650 24.36 10.90 -35.88
C LYS C 650 23.65 11.26 -37.17
N ASN C 651 23.66 12.55 -37.47
CA ASN C 651 23.18 13.05 -38.76
C ASN C 651 24.31 13.01 -39.78
N THR C 652 24.08 12.32 -40.89
CA THR C 652 25.09 12.26 -41.94
C THR C 652 25.36 13.66 -42.46
N PRO C 653 26.62 14.12 -42.49
CA PRO C 653 26.89 15.50 -42.89
C PRO C 653 26.61 15.72 -44.36
N VAL C 654 25.91 16.81 -44.65
CA VAL C 654 25.61 17.20 -46.03
C VAL C 654 26.25 18.54 -46.31
N PRO C 655 27.31 18.62 -47.14
CA PRO C 655 28.05 19.85 -47.41
C PRO C 655 27.30 20.84 -48.27
N ASN C 668 34.47 22.54 -45.10
CA ASN C 668 33.86 22.69 -43.78
C ASN C 668 32.66 23.63 -43.80
N SER C 669 31.80 23.49 -44.79
CA SER C 669 30.54 24.22 -44.84
C SER C 669 29.43 23.25 -45.21
N PHE C 670 28.45 23.11 -44.33
CA PHE C 670 27.44 22.07 -44.43
C PHE C 670 26.07 22.70 -44.37
N ILE C 671 25.07 21.92 -44.77
CA ILE C 671 23.69 22.35 -44.63
C ILE C 671 23.25 22.15 -43.19
N THR C 672 22.65 23.17 -42.59
CA THR C 672 22.18 23.06 -41.22
C THR C 672 20.97 22.14 -41.16
N GLN C 673 21.08 21.08 -40.36
CA GLN C 673 20.23 19.92 -40.55
C GLN C 673 20.00 19.21 -39.22
N TYR C 674 18.82 18.64 -39.05
CA TYR C 674 18.55 17.82 -37.87
C TYR C 674 17.53 16.75 -38.25
N SER C 675 17.44 15.74 -37.40
CA SER C 675 16.54 14.62 -37.63
C SER C 675 15.66 14.39 -36.41
N THR C 676 14.55 13.70 -36.64
CA THR C 676 13.63 13.31 -35.58
C THR C 676 13.01 11.98 -35.94
N GLY C 677 12.42 11.32 -34.95
CA GLY C 677 11.83 10.02 -35.19
C GLY C 677 11.30 9.43 -33.90
N GLN C 678 11.10 8.10 -33.92
CA GLN C 678 10.56 7.38 -32.78
C GLN C 678 11.58 6.37 -32.29
N VAL C 679 11.47 5.99 -31.02
CA VAL C 679 12.22 4.88 -30.45
C VAL C 679 11.29 4.07 -29.58
N SER C 680 11.28 2.76 -29.78
CA SER C 680 10.56 1.84 -28.91
C SER C 680 11.55 0.87 -28.30
N VAL C 681 11.34 0.52 -27.03
CA VAL C 681 12.19 -0.39 -26.31
C VAL C 681 11.32 -1.34 -25.49
N GLU C 682 11.71 -2.60 -25.44
CA GLU C 682 10.93 -3.65 -24.81
C GLU C 682 11.85 -4.49 -23.95
N ILE C 683 11.58 -4.53 -22.65
CA ILE C 683 12.36 -5.35 -21.73
C ILE C 683 11.45 -6.39 -21.12
N GLU C 684 11.95 -7.62 -21.02
CA GLU C 684 11.23 -8.69 -20.35
C GLU C 684 11.85 -8.90 -18.97
N TRP C 685 11.03 -8.77 -17.94
CA TRP C 685 11.48 -8.85 -16.57
C TRP C 685 10.97 -10.14 -15.94
N GLU C 686 11.82 -10.82 -15.20
CA GLU C 686 11.42 -12.02 -14.48
C GLU C 686 11.15 -11.66 -13.02
N LEU C 687 10.13 -12.29 -12.45
CA LEU C 687 9.66 -11.96 -11.11
C LEU C 687 9.89 -13.11 -10.15
N GLN C 688 10.00 -12.77 -8.88
CA GLN C 688 10.10 -13.75 -7.80
C GLN C 688 8.93 -13.52 -6.85
N LYS C 689 8.01 -14.45 -6.82
CA LYS C 689 6.76 -14.24 -6.10
C LYS C 689 6.96 -14.31 -4.60
N GLU C 690 6.03 -13.70 -3.88
CA GLU C 690 6.10 -13.57 -2.44
C GLU C 690 5.38 -14.74 -1.75
N ASN C 691 6.13 -15.55 -1.03
CA ASN C 691 5.64 -16.81 -0.49
C ASN C 691 5.24 -16.75 0.98
N SER C 692 5.31 -15.57 1.60
CA SER C 692 5.40 -15.48 3.06
C SER C 692 4.17 -16.01 3.79
N LYS C 693 4.40 -16.52 5.00
CA LYS C 693 3.37 -16.98 5.92
C LYS C 693 3.01 -15.95 6.97
N ARG C 694 3.53 -14.73 6.87
CA ARG C 694 3.24 -13.69 7.84
C ARG C 694 1.74 -13.53 8.04
N TRP C 695 1.33 -13.43 9.30
CA TRP C 695 -0.09 -13.35 9.61
C TRP C 695 -0.65 -11.94 9.43
N ASN C 696 0.00 -10.95 10.01
CA ASN C 696 -0.52 -9.60 10.00
C ASN C 696 -0.19 -8.93 8.67
N PRO C 697 -0.93 -7.89 8.29
CA PRO C 697 -0.76 -7.32 6.96
C PRO C 697 0.53 -6.54 6.80
N GLU C 698 1.06 -6.60 5.57
CA GLU C 698 2.31 -5.96 5.17
C GLU C 698 2.20 -4.45 5.15
N ILE C 699 3.35 -3.80 5.06
CA ILE C 699 3.41 -2.44 4.56
C ILE C 699 3.40 -2.46 3.04
N GLN C 700 2.65 -1.54 2.44
CA GLN C 700 2.47 -1.47 1.00
C GLN C 700 2.72 -0.04 0.57
N TYR C 701 3.21 0.15 -0.64
CA TYR C 701 3.31 1.50 -1.17
C TYR C 701 1.92 1.94 -1.59
N THR C 702 1.47 3.06 -1.04
CA THR C 702 0.13 3.52 -1.31
C THR C 702 0.13 5.02 -1.44
N SER C 703 -0.83 5.54 -2.18
CA SER C 703 -1.11 6.96 -2.23
C SER C 703 -2.19 7.26 -1.20
N ASN C 704 -1.96 8.25 -0.36
CA ASN C 704 -2.97 8.57 0.63
C ASN C 704 -4.20 9.17 -0.04
N TYR C 705 -5.30 9.15 0.70
CA TYR C 705 -6.52 9.76 0.22
C TYR C 705 -6.49 11.20 0.72
N TYR C 706 -6.19 12.10 -0.20
CA TYR C 706 -5.90 13.47 0.09
C TYR C 706 -6.79 14.35 -0.74
N LYS C 707 -6.94 15.59 -0.32
CA LYS C 707 -7.65 16.58 -1.13
C LYS C 707 -6.65 17.64 -1.49
N SER C 708 -6.11 17.60 -2.70
CA SER C 708 -5.14 18.60 -3.12
C SER C 708 -5.39 19.10 -4.53
N ASN C 709 -4.73 20.18 -4.91
CA ASN C 709 -4.90 20.74 -6.22
C ASN C 709 -4.49 19.81 -7.34
N ASN C 710 -3.36 19.12 -7.15
CA ASN C 710 -2.83 18.23 -8.17
C ASN C 710 -2.72 16.75 -7.80
N VAL C 711 -3.15 15.90 -8.72
CA VAL C 711 -3.04 14.47 -8.54
C VAL C 711 -1.55 14.15 -8.60
N GLU C 712 -1.06 13.26 -7.74
CA GLU C 712 0.34 12.88 -7.76
C GLU C 712 0.65 12.06 -9.00
N PHE C 713 1.90 12.13 -9.46
CA PHE C 713 2.35 11.41 -10.65
C PHE C 713 1.48 11.71 -11.87
N ALA C 714 1.21 12.99 -12.06
CA ALA C 714 0.38 13.50 -13.15
C ALA C 714 0.77 14.94 -13.46
N VAL C 715 0.26 15.46 -14.57
CA VAL C 715 0.54 16.83 -15.01
C VAL C 715 -0.30 17.91 -14.32
N ASN C 716 0.26 19.12 -14.22
CA ASN C 716 -0.44 20.25 -13.63
C ASN C 716 -1.20 21.02 -14.71
N THR C 717 -1.65 22.23 -14.37
CA THR C 717 -2.42 23.01 -15.34
C THR C 717 -1.57 23.41 -16.53
N GLU C 718 -0.33 23.81 -16.31
CA GLU C 718 0.54 24.19 -17.42
C GLU C 718 1.00 22.99 -18.22
N GLY C 719 0.69 21.78 -17.80
CA GLY C 719 1.04 20.61 -18.55
C GLY C 719 2.36 19.98 -18.18
N VAL C 720 2.91 20.30 -17.03
CA VAL C 720 4.19 19.75 -16.63
C VAL C 720 3.97 18.50 -15.79
N TYR C 721 4.67 17.42 -16.15
CA TYR C 721 4.63 16.17 -15.43
C TYR C 721 5.67 16.21 -14.33
N SER C 722 5.35 15.63 -13.18
CA SER C 722 6.29 15.63 -12.07
C SER C 722 6.21 14.32 -11.32
N GLU C 723 7.26 14.03 -10.56
CA GLU C 723 7.34 12.85 -9.71
C GLU C 723 7.52 13.41 -8.31
N PRO C 724 6.50 13.30 -7.47
CA PRO C 724 6.47 13.86 -6.11
C PRO C 724 7.52 13.34 -5.13
N ARG C 725 7.80 12.05 -5.10
CA ARG C 725 8.80 11.54 -4.19
C ARG C 725 9.52 10.34 -4.77
N PRO C 726 10.74 10.07 -4.30
CA PRO C 726 11.46 8.89 -4.79
C PRO C 726 10.74 7.66 -4.27
N ILE C 727 10.64 6.60 -5.07
CA ILE C 727 9.98 5.40 -4.61
C ILE C 727 10.96 4.25 -4.51
N GLY C 728 11.09 3.67 -3.32
CA GLY C 728 11.98 2.54 -3.11
C GLY C 728 11.32 1.24 -3.52
N THR C 729 12.09 0.17 -3.46
CA THR C 729 11.59 -1.13 -3.91
C THR C 729 11.19 -2.04 -2.74
N ARG C 730 11.46 -1.60 -1.51
CA ARG C 730 11.44 -2.52 -0.37
C ARG C 730 10.27 -2.21 0.55
N TYR C 731 9.25 -3.06 0.49
CA TYR C 731 8.04 -2.99 1.28
C TYR C 731 7.67 -4.31 1.92
N LEU C 732 7.49 -5.36 1.13
CA LEU C 732 7.27 -6.69 1.66
C LEU C 732 8.45 -7.10 2.54
N THR C 733 8.22 -8.08 3.40
CA THR C 733 9.24 -8.48 4.35
C THR C 733 9.59 -9.95 4.19
N ARG C 734 10.75 -10.30 4.72
CA ARG C 734 11.19 -11.68 4.82
C ARG C 734 11.85 -11.89 6.16
N ASN C 735 11.95 -13.16 6.54
CA ASN C 735 12.74 -13.53 7.70
C ASN C 735 14.21 -13.48 7.35
N LEU C 736 15.02 -13.21 8.36
CA LEU C 736 16.45 -13.10 8.13
C LEU C 736 17.09 -14.48 8.07
N VAL D 239 -31.03 -3.91 -43.97
CA VAL D 239 -30.60 -2.58 -44.37
C VAL D 239 -29.14 -2.36 -44.04
N ILE D 240 -28.37 -1.90 -45.02
CA ILE D 240 -26.97 -1.55 -44.81
C ILE D 240 -26.82 -0.07 -45.15
N THR D 241 -26.36 0.71 -44.18
CA THR D 241 -26.06 2.11 -44.39
C THR D 241 -24.56 2.30 -44.52
N THR D 242 -24.16 3.28 -45.33
CA THR D 242 -22.75 3.60 -45.49
C THR D 242 -22.62 5.11 -45.53
N SER D 243 -21.57 5.63 -44.95
CA SER D 243 -21.29 7.07 -44.99
C SER D 243 -19.83 7.28 -45.31
N THR D 244 -19.49 8.47 -45.77
CA THR D 244 -18.11 8.89 -45.93
C THR D 244 -18.06 10.40 -45.73
N ARG D 245 -17.01 10.87 -45.07
CA ARG D 245 -16.84 12.31 -44.84
C ARG D 245 -15.37 12.65 -44.96
N THR D 246 -15.09 13.95 -44.97
CA THR D 246 -13.73 14.47 -44.90
C THR D 246 -13.57 15.27 -43.62
N TRP D 247 -12.48 15.02 -42.91
CA TRP D 247 -12.25 15.56 -41.59
C TRP D 247 -10.99 16.41 -41.57
N ALA D 248 -10.92 17.30 -40.58
CA ALA D 248 -9.76 18.14 -40.36
C ALA D 248 -9.39 18.09 -38.88
N LEU D 249 -8.18 17.63 -38.60
CA LEU D 249 -7.70 17.43 -37.24
C LEU D 249 -6.63 18.45 -36.88
N PRO D 250 -6.92 19.40 -36.01
CA PRO D 250 -5.88 20.34 -35.57
C PRO D 250 -4.94 19.69 -34.57
N THR D 251 -4.07 20.50 -34.00
CA THR D 251 -3.17 20.07 -32.94
C THR D 251 -3.52 20.81 -31.65
N TYR D 252 -4.00 20.06 -30.67
CA TYR D 252 -4.43 20.64 -29.40
C TYR D 252 -3.38 20.73 -28.29
N ASN D 253 -3.29 21.91 -27.69
CA ASN D 253 -2.41 22.21 -26.56
C ASN D 253 -0.95 21.88 -26.79
N ASN D 254 -0.43 22.08 -28.00
CA ASN D 254 0.99 21.79 -28.30
C ASN D 254 1.38 20.37 -27.88
N HIS D 255 0.55 19.39 -28.21
CA HIS D 255 0.75 17.98 -27.88
C HIS D 255 0.91 17.75 -26.37
N LEU D 256 0.14 18.47 -25.56
CA LEU D 256 0.25 18.32 -24.11
C LEU D 256 -1.03 18.03 -23.36
N TYR D 257 -0.94 17.14 -22.38
CA TYR D 257 -2.02 16.86 -21.46
C TYR D 257 -2.06 17.99 -20.44
N LYS D 258 -3.25 18.49 -20.13
CA LYS D 258 -3.34 19.57 -19.18
C LYS D 258 -4.50 19.35 -18.22
N GLN D 259 -4.21 19.46 -16.93
CA GLN D 259 -5.24 19.49 -15.91
C GLN D 259 -6.20 20.64 -16.17
N ILE D 260 -7.49 20.31 -16.13
CA ILE D 260 -8.53 21.31 -16.20
C ILE D 260 -9.42 21.09 -14.99
N SER D 261 -10.12 22.13 -14.57
CA SER D 261 -10.98 21.99 -13.41
C SER D 261 -12.01 23.10 -13.39
N ASN D 262 -12.88 23.03 -12.38
CA ASN D 262 -13.80 24.11 -12.10
C ASN D 262 -13.06 25.45 -12.06
N SER D 263 -11.93 25.47 -11.36
CA SER D 263 -11.13 26.69 -11.20
C SER D 263 -10.49 27.16 -12.50
N THR D 264 -10.17 26.22 -13.38
CA THR D 264 -9.58 26.51 -14.68
C THR D 264 -10.53 27.31 -15.56
N SER D 265 -11.82 27.00 -15.45
CA SER D 265 -12.88 27.63 -16.23
C SER D 265 -13.50 28.83 -15.51
N GLY D 266 -12.87 29.28 -14.43
CA GLY D 266 -13.34 30.43 -13.67
C GLY D 266 -14.08 30.25 -12.35
N GLY D 267 -14.42 29.02 -11.99
CA GLY D 267 -15.08 28.78 -10.72
C GLY D 267 -16.54 29.15 -10.50
N SER D 268 -16.85 29.26 -9.19
CA SER D 268 -18.13 29.69 -8.57
C SER D 268 -19.31 28.74 -8.32
N SER D 269 -19.29 27.50 -8.80
CA SER D 269 -20.45 26.65 -8.50
C SER D 269 -20.14 25.23 -8.03
N ASN D 270 -20.65 24.86 -6.86
CA ASN D 270 -20.45 23.52 -6.35
C ASN D 270 -21.14 22.45 -7.18
N ASP D 271 -22.36 22.74 -7.61
CA ASP D 271 -23.12 21.79 -8.42
C ASP D 271 -22.43 21.59 -9.74
N ASN D 272 -21.74 22.63 -10.18
CA ASN D 272 -21.04 22.60 -11.44
C ASN D 272 -19.56 22.28 -11.30
N ALA D 273 -19.06 22.03 -10.09
CA ALA D 273 -17.65 21.78 -9.89
C ALA D 273 -17.21 20.52 -10.61
N TYR D 274 -15.98 20.54 -11.12
CA TYR D 274 -15.47 19.37 -11.83
C TYR D 274 -13.96 19.38 -11.79
N PHE D 275 -13.38 18.23 -12.08
CA PHE D 275 -11.94 18.07 -12.17
C PHE D 275 -11.66 17.04 -13.26
N GLY D 276 -10.61 17.28 -14.05
CA GLY D 276 -10.28 16.35 -15.09
C GLY D 276 -9.09 16.80 -15.90
N TYR D 277 -8.94 16.19 -17.07
CA TYR D 277 -7.80 16.45 -17.93
C TYR D 277 -8.27 16.66 -19.37
N SER D 278 -7.46 17.37 -20.14
CA SER D 278 -7.65 17.54 -21.57
C SER D 278 -6.45 16.98 -22.29
N THR D 279 -6.68 16.32 -23.40
CA THR D 279 -5.64 15.59 -24.09
C THR D 279 -5.33 16.21 -25.43
N PRO D 280 -4.12 15.99 -25.96
CA PRO D 280 -3.84 16.33 -27.36
C PRO D 280 -4.65 15.52 -28.35
N TRP D 281 -5.33 14.47 -27.91
CA TRP D 281 -5.97 13.53 -28.81
C TRP D 281 -7.35 14.00 -29.25
N GLY D 282 -7.70 13.68 -30.49
CA GLY D 282 -9.04 13.82 -30.99
C GLY D 282 -9.70 12.46 -31.16
N TYR D 283 -10.98 12.48 -31.49
CA TYR D 283 -11.73 11.23 -31.55
C TYR D 283 -12.92 11.37 -32.49
N PHE D 284 -13.34 10.25 -33.07
CA PHE D 284 -14.45 10.23 -34.01
C PHE D 284 -15.75 9.84 -33.31
N ASP D 285 -16.80 10.62 -33.56
CA ASP D 285 -18.11 10.35 -32.98
C ASP D 285 -19.15 10.33 -34.08
N PHE D 286 -19.65 9.14 -34.42
CA PHE D 286 -20.77 8.97 -35.33
C PHE D 286 -22.08 8.62 -34.64
N ASN D 287 -22.16 8.79 -33.32
CA ASN D 287 -23.24 8.25 -32.49
C ASN D 287 -24.64 8.79 -32.83
N ARG D 288 -24.81 9.73 -33.74
CA ARG D 288 -26.15 10.21 -34.10
C ARG D 288 -26.64 9.54 -35.36
N PHE D 289 -27.95 9.32 -35.44
CA PHE D 289 -28.54 8.61 -36.58
C PHE D 289 -28.28 9.31 -37.89
N HIS D 290 -28.55 10.61 -37.98
CA HIS D 290 -28.44 11.29 -39.27
C HIS D 290 -27.04 11.18 -39.86
N CYS D 291 -26.06 10.72 -39.10
CA CYS D 291 -24.80 10.35 -39.70
C CYS D 291 -24.98 9.20 -40.68
N HIS D 292 -25.83 8.24 -40.33
CA HIS D 292 -25.99 7.03 -41.13
C HIS D 292 -27.24 7.00 -42.00
N PHE D 293 -28.10 8.00 -41.94
CA PHE D 293 -29.38 7.97 -42.64
C PHE D 293 -29.66 9.28 -43.35
N SER D 294 -30.18 9.17 -44.58
CA SER D 294 -30.78 10.30 -45.26
C SER D 294 -32.26 10.39 -44.92
N PRO D 295 -32.83 11.60 -44.97
CA PRO D 295 -34.27 11.77 -44.69
C PRO D 295 -35.15 11.15 -45.77
N GLY D 307 -39.61 -1.76 -35.81
CA GLY D 307 -38.53 -2.42 -35.12
C GLY D 307 -37.23 -2.49 -35.90
N PHE D 308 -36.14 -2.03 -35.28
CA PHE D 308 -34.83 -2.08 -35.92
C PHE D 308 -33.76 -2.03 -34.84
N ARG D 309 -32.53 -2.37 -35.22
CA ARG D 309 -31.42 -2.44 -34.30
C ARG D 309 -30.13 -2.71 -35.06
N PRO D 310 -29.00 -2.17 -34.63
CA PRO D 310 -27.74 -2.44 -35.33
C PRO D 310 -27.26 -3.86 -35.11
N LYS D 311 -26.42 -4.32 -36.03
CA LYS D 311 -25.87 -5.66 -36.02
C LYS D 311 -24.36 -5.66 -36.13
N ARG D 312 -23.82 -5.16 -37.23
CA ARG D 312 -22.39 -5.11 -37.47
C ARG D 312 -21.98 -3.66 -37.71
N LEU D 313 -20.68 -3.43 -37.67
CA LEU D 313 -20.10 -2.12 -37.88
C LEU D 313 -18.79 -2.31 -38.62
N ASN D 314 -18.44 -1.34 -39.46
CA ASN D 314 -17.16 -1.39 -40.13
C ASN D 314 -16.67 0.05 -40.28
N PHE D 315 -15.37 0.25 -40.09
CA PHE D 315 -14.81 1.58 -39.98
C PHE D 315 -13.53 1.61 -40.78
N LYS D 316 -13.33 2.67 -41.56
CA LYS D 316 -12.14 2.82 -42.37
C LYS D 316 -11.66 4.26 -42.32
N LEU D 317 -10.34 4.41 -42.32
CA LEU D 317 -9.71 5.72 -42.28
C LEU D 317 -8.57 5.70 -43.29
N PHE D 318 -8.62 6.59 -44.27
CA PHE D 318 -7.71 6.48 -45.41
C PHE D 318 -7.48 7.85 -46.02
N ASN D 319 -6.61 7.88 -47.04
CA ASN D 319 -6.23 9.10 -47.74
C ASN D 319 -5.68 10.14 -46.76
N ILE D 320 -4.64 9.75 -46.02
CA ILE D 320 -4.06 10.62 -45.03
C ILE D 320 -3.22 11.70 -45.70
N GLN D 321 -3.43 12.95 -45.28
CA GLN D 321 -2.73 14.09 -45.83
C GLN D 321 -2.32 14.99 -44.68
N VAL D 322 -1.03 15.26 -44.57
CA VAL D 322 -0.47 16.01 -43.44
C VAL D 322 0.00 17.36 -43.92
N LYS D 323 -0.70 18.41 -43.50
CA LYS D 323 -0.37 19.78 -43.89
C LYS D 323 0.52 20.40 -42.82
N GLU D 324 1.60 21.04 -43.23
CA GLU D 324 2.43 21.82 -42.33
C GLU D 324 2.28 23.30 -42.67
N VAL D 325 2.14 24.12 -41.64
CA VAL D 325 1.83 25.53 -41.79
C VAL D 325 3.01 26.34 -41.27
N THR D 326 3.35 27.40 -42.00
CA THR D 326 4.36 28.35 -41.56
C THR D 326 3.84 29.76 -41.78
N ASP D 327 4.53 30.72 -41.20
CA ASP D 327 4.35 32.12 -41.55
C ASP D 327 5.63 32.60 -42.21
N ASN D 328 5.58 32.76 -43.52
CA ASN D 328 6.71 33.27 -44.30
C ASN D 328 6.45 34.73 -44.58
N ASN D 329 7.33 35.60 -44.06
CA ASN D 329 7.11 37.05 -44.04
C ASN D 329 5.81 37.27 -43.27
N GLY D 330 4.78 37.87 -43.87
CA GLY D 330 3.54 38.06 -43.16
C GLY D 330 2.40 37.17 -43.61
N VAL D 331 2.69 36.19 -44.47
CA VAL D 331 1.66 35.34 -45.04
C VAL D 331 1.89 33.90 -44.58
N LYS D 332 0.81 33.12 -44.56
CA LYS D 332 0.86 31.74 -44.12
C LYS D 332 0.92 30.80 -45.30
N THR D 333 1.78 29.78 -45.19
CA THR D 333 2.07 28.89 -46.30
C THR D 333 1.80 27.44 -45.88
N ILE D 334 0.82 26.82 -46.52
CA ILE D 334 0.38 25.48 -46.17
C ILE D 334 1.01 24.50 -47.14
N ALA D 335 1.96 23.70 -46.65
CA ALA D 335 2.70 22.77 -47.48
C ALA D 335 2.45 21.35 -47.01
N ASN D 336 2.48 20.42 -47.96
CA ASN D 336 2.38 19.00 -47.62
C ASN D 336 3.64 18.54 -46.92
N ASN D 337 3.46 17.76 -45.87
CA ASN D 337 4.55 17.03 -45.23
C ASN D 337 4.26 15.55 -45.41
N LEU D 338 5.04 14.90 -46.26
CA LEU D 338 4.76 13.50 -46.59
C LEU D 338 5.25 12.53 -45.52
N THR D 339 6.42 12.79 -44.95
CA THR D 339 7.03 11.89 -43.98
C THR D 339 6.26 11.79 -42.68
N SER D 340 5.47 12.81 -42.33
CA SER D 340 4.81 12.84 -41.04
C SER D 340 3.79 11.72 -40.92
N THR D 341 3.41 11.43 -39.68
CA THR D 341 2.52 10.32 -39.37
C THR D 341 1.31 10.81 -38.59
N VAL D 342 0.28 9.96 -38.57
CA VAL D 342 -0.90 10.16 -37.75
C VAL D 342 -1.19 8.87 -37.00
N GLN D 343 -1.45 8.99 -35.71
CA GLN D 343 -1.65 7.88 -34.80
C GLN D 343 -3.13 7.67 -34.55
N VAL D 344 -3.58 6.42 -34.64
CA VAL D 344 -4.97 6.09 -34.35
C VAL D 344 -4.99 4.75 -33.63
N PHE D 345 -5.88 4.62 -32.66
CA PHE D 345 -6.14 3.33 -32.05
C PHE D 345 -7.57 3.31 -31.57
N THR D 346 -8.12 2.10 -31.46
CA THR D 346 -9.40 1.90 -30.82
C THR D 346 -9.17 1.41 -29.41
N ASP D 347 -10.04 1.82 -28.50
CA ASP D 347 -10.03 1.25 -27.17
C ASP D 347 -11.11 0.19 -27.18
N SER D 348 -10.70 -1.06 -27.37
CA SER D 348 -11.62 -2.17 -27.43
C SER D 348 -11.71 -2.93 -26.12
N ASP D 349 -10.89 -2.57 -25.14
CA ASP D 349 -11.03 -3.08 -23.79
C ASP D 349 -11.76 -2.11 -22.88
N TYR D 350 -12.18 -0.96 -23.40
CA TYR D 350 -13.02 -0.03 -22.66
C TYR D 350 -12.30 0.47 -21.41
N GLN D 351 -11.00 0.66 -21.54
CA GLN D 351 -10.15 1.06 -20.44
C GLN D 351 -10.14 2.56 -20.18
N LEU D 352 -10.47 3.36 -21.16
CA LEU D 352 -10.52 4.81 -21.01
C LEU D 352 -11.92 5.24 -20.60
N PRO D 353 -12.04 6.43 -20.02
CA PRO D 353 -13.36 7.02 -19.83
C PRO D 353 -14.12 7.12 -21.15
N TYR D 354 -15.41 6.82 -21.10
CA TYR D 354 -16.23 6.74 -22.31
C TYR D 354 -17.11 7.98 -22.37
N VAL D 355 -16.77 8.91 -23.28
CA VAL D 355 -17.47 10.18 -23.37
C VAL D 355 -18.52 10.20 -24.48
N LEU D 356 -18.66 9.12 -25.24
CA LEU D 356 -19.54 9.18 -26.40
C LEU D 356 -21.01 9.12 -26.05
N GLY D 357 -21.37 8.90 -24.80
CA GLY D 357 -22.76 8.69 -24.47
C GLY D 357 -23.45 9.93 -23.94
N SER D 358 -22.77 11.06 -24.00
CA SER D 358 -23.29 12.29 -23.40
C SER D 358 -23.99 13.20 -24.39
N ALA D 359 -24.19 12.77 -25.64
CA ALA D 359 -24.90 13.57 -26.64
C ALA D 359 -24.16 14.86 -26.94
N HIS D 360 -22.86 14.74 -27.19
CA HIS D 360 -22.02 15.87 -27.51
C HIS D 360 -22.10 16.28 -28.98
N GLU D 361 -21.74 17.54 -29.22
CA GLU D 361 -21.51 18.03 -30.56
C GLU D 361 -20.22 17.42 -31.09
N GLY D 362 -19.86 17.75 -32.32
CA GLY D 362 -18.67 17.18 -32.93
C GLY D 362 -18.90 15.91 -33.69
N CYS D 363 -20.15 15.49 -33.85
CA CYS D 363 -20.49 14.32 -34.63
C CYS D 363 -20.19 14.55 -36.11
N LEU D 364 -20.12 13.45 -36.85
CA LEU D 364 -20.11 13.54 -38.30
C LEU D 364 -21.30 14.38 -38.78
N PRO D 365 -21.11 15.24 -39.77
CA PRO D 365 -22.18 16.17 -40.13
C PRO D 365 -23.27 15.45 -40.92
N PRO D 366 -24.50 15.93 -40.85
CA PRO D 366 -25.59 15.26 -41.58
C PRO D 366 -25.48 15.40 -43.09
N PHE D 367 -24.70 16.35 -43.59
CA PHE D 367 -24.68 16.55 -45.03
C PHE D 367 -23.40 15.99 -45.62
N PRO D 368 -23.49 15.00 -46.50
CA PRO D 368 -22.30 14.23 -46.89
C PRO D 368 -21.19 15.04 -47.54
N ALA D 369 -21.46 16.26 -47.99
CA ALA D 369 -20.40 17.05 -48.61
C ALA D 369 -19.74 18.01 -47.65
N ASP D 370 -20.18 18.06 -46.39
CA ASP D 370 -19.55 18.93 -45.40
C ASP D 370 -18.20 18.37 -44.96
N VAL D 371 -17.34 19.28 -44.51
CA VAL D 371 -16.07 18.94 -43.90
C VAL D 371 -16.11 19.42 -42.46
N PHE D 372 -15.80 18.51 -41.53
CA PHE D 372 -16.00 18.76 -40.11
C PHE D 372 -14.66 18.74 -39.39
N MET D 373 -14.63 19.46 -38.28
CA MET D 373 -13.50 19.48 -37.36
C MET D 373 -13.66 18.32 -36.39
N ILE D 374 -12.54 17.67 -36.07
CA ILE D 374 -12.55 16.55 -35.11
C ILE D 374 -12.43 17.10 -33.70
N PRO D 375 -13.33 16.74 -32.79
CA PRO D 375 -13.35 17.36 -31.47
C PRO D 375 -12.28 16.79 -30.56
N GLN D 376 -11.93 17.56 -29.54
CA GLN D 376 -10.85 17.20 -28.65
C GLN D 376 -11.32 16.18 -27.63
N TYR D 377 -10.42 15.30 -27.22
CA TYR D 377 -10.73 14.31 -26.21
C TYR D 377 -10.25 14.79 -24.85
N GLY D 378 -11.16 14.75 -23.88
CA GLY D 378 -10.84 15.06 -22.50
C GLY D 378 -11.81 14.31 -21.63
N TYR D 379 -11.45 14.15 -20.36
CA TYR D 379 -12.29 13.37 -19.48
C TYR D 379 -12.30 13.98 -18.09
N LEU D 380 -13.30 13.56 -17.32
CA LEU D 380 -13.43 13.94 -15.93
C LEU D 380 -13.17 12.74 -15.04
N THR D 381 -12.68 13.01 -13.85
CA THR D 381 -12.45 11.98 -12.85
C THR D 381 -13.02 12.49 -11.54
N LEU D 382 -12.76 11.76 -10.46
CA LEU D 382 -13.30 12.13 -9.15
C LEU D 382 -12.80 13.50 -8.74
N ASN D 383 -13.69 14.27 -8.15
CA ASN D 383 -13.32 15.59 -7.63
C ASN D 383 -13.96 15.78 -6.27
N ASP D 384 -13.39 16.68 -5.50
CA ASP D 384 -14.07 17.28 -4.36
C ASP D 384 -13.95 18.78 -4.51
N GLY D 385 -15.06 19.45 -4.76
CA GLY D 385 -14.97 20.82 -5.21
C GLY D 385 -14.16 20.83 -6.47
N SER D 386 -13.26 21.81 -6.60
CA SER D 386 -12.33 21.86 -7.70
C SER D 386 -11.16 20.91 -7.52
N GLN D 387 -10.82 20.58 -6.28
CA GLN D 387 -9.67 19.74 -5.99
C GLN D 387 -9.95 18.29 -6.30
N ALA D 388 -8.88 17.52 -6.43
CA ALA D 388 -8.95 16.10 -6.72
C ALA D 388 -8.66 15.31 -5.47
N VAL D 389 -9.27 14.14 -5.36
CA VAL D 389 -9.06 13.29 -4.22
C VAL D 389 -7.98 12.27 -4.56
N GLY D 390 -7.62 11.43 -3.60
CA GLY D 390 -6.54 10.51 -3.83
C GLY D 390 -6.94 9.39 -4.75
N ARG D 391 -8.24 9.17 -4.89
CA ARG D 391 -8.73 8.07 -5.70
C ARG D 391 -8.80 8.45 -7.18
N SER D 392 -8.71 9.74 -7.49
CA SER D 392 -8.79 10.20 -8.87
C SER D 392 -7.70 9.58 -9.73
N SER D 393 -8.02 9.32 -10.98
CA SER D 393 -7.12 8.62 -11.87
C SER D 393 -6.71 9.51 -13.03
N PHE D 394 -5.58 9.18 -13.62
CA PHE D 394 -5.01 9.91 -14.73
C PHE D 394 -4.58 8.92 -15.80
N TYR D 395 -4.97 9.19 -17.04
CA TYR D 395 -4.67 8.30 -18.15
C TYR D 395 -3.79 9.02 -19.17
N CYS D 396 -2.69 8.38 -19.53
CA CYS D 396 -1.86 8.85 -20.64
C CYS D 396 -2.18 8.00 -21.86
N LEU D 397 -2.83 8.59 -22.84
CA LEU D 397 -3.24 7.83 -24.01
C LEU D 397 -2.05 7.34 -24.82
N GLU D 398 -0.89 7.97 -24.67
CA GLU D 398 0.33 7.49 -25.31
C GLU D 398 0.66 6.08 -24.87
N TYR D 399 0.09 5.61 -23.78
CA TYR D 399 0.48 4.37 -23.15
C TYR D 399 -0.30 3.17 -23.66
N PHE D 400 -1.12 3.37 -24.62
CA PHE D 400 -1.79 2.41 -25.47
C PHE D 400 -0.99 2.13 -26.72
N PRO D 401 -0.98 0.91 -27.23
CA PRO D 401 -0.38 0.68 -28.55
C PRO D 401 -1.26 1.27 -29.64
N SER D 402 -0.64 2.00 -30.56
CA SER D 402 -1.40 2.64 -31.63
C SER D 402 -0.68 2.44 -32.95
N GLN D 403 -1.44 2.58 -34.02
CA GLN D 403 -0.94 2.41 -35.37
C GLN D 403 -0.61 3.77 -35.97
N MET D 404 0.59 3.90 -36.51
CA MET D 404 1.07 5.16 -37.06
C MET D 404 0.94 5.12 -38.58
N LEU D 405 0.36 6.19 -39.15
CA LEU D 405 -0.04 6.21 -40.55
C LEU D 405 0.63 7.36 -41.27
N ARG D 406 1.43 7.04 -42.27
CA ARG D 406 1.86 8.01 -43.26
C ARG D 406 0.80 8.13 -44.36
N THR D 407 1.08 8.97 -45.37
CA THR D 407 0.04 9.36 -46.31
C THR D 407 -0.49 8.20 -47.14
N GLY D 408 0.30 7.13 -47.31
CA GLY D 408 -0.18 5.99 -48.05
C GLY D 408 -0.82 4.90 -47.21
N ASN D 409 -0.76 5.05 -45.89
CA ASN D 409 -1.29 4.07 -44.96
C ASN D 409 -2.79 4.24 -44.77
N ASN D 410 -3.46 3.15 -44.43
CA ASN D 410 -4.89 3.17 -44.12
C ASN D 410 -5.14 2.43 -42.82
N PHE D 411 -6.35 2.61 -42.28
CA PHE D 411 -6.73 2.01 -41.02
C PHE D 411 -8.17 1.51 -41.09
N GLN D 412 -8.38 0.27 -40.68
CA GLN D 412 -9.74 -0.28 -40.69
C GLN D 412 -9.89 -1.30 -39.58
N PHE D 413 -11.12 -1.44 -39.10
CA PHE D 413 -11.46 -2.51 -38.17
C PHE D 413 -12.95 -2.75 -38.26
N SER D 414 -13.38 -3.93 -37.87
CA SER D 414 -14.79 -4.27 -37.85
C SER D 414 -15.23 -4.57 -36.43
N TYR D 415 -16.43 -4.11 -36.11
CA TYR D 415 -17.01 -4.25 -34.78
C TYR D 415 -18.33 -5.00 -34.88
N GLU D 416 -18.69 -5.67 -33.80
CA GLU D 416 -19.90 -6.47 -33.72
C GLU D 416 -20.75 -5.96 -32.57
N PHE D 417 -21.96 -5.50 -32.88
CA PHE D 417 -22.87 -5.08 -31.84
C PHE D 417 -23.34 -6.28 -31.02
N GLU D 418 -23.47 -6.09 -29.72
CA GLU D 418 -24.01 -7.16 -28.90
C GLU D 418 -25.53 -7.18 -28.99
N ASN D 419 -26.11 -8.35 -28.75
CA ASN D 419 -27.54 -8.51 -28.93
C ASN D 419 -28.32 -7.57 -28.04
N VAL D 420 -29.21 -6.79 -28.65
CA VAL D 420 -30.05 -5.83 -27.94
C VAL D 420 -31.47 -5.99 -28.45
N PRO D 421 -32.46 -5.51 -27.71
CA PRO D 421 -33.84 -5.62 -28.18
C PRO D 421 -34.15 -4.60 -29.27
N PHE D 422 -35.03 -4.98 -30.18
CA PHE D 422 -35.47 -4.13 -31.26
C PHE D 422 -36.14 -2.89 -30.71
N HIS D 423 -35.76 -1.72 -31.21
CA HIS D 423 -36.43 -0.52 -30.75
C HIS D 423 -37.85 -0.58 -31.28
N SER D 424 -38.82 -0.21 -30.45
CA SER D 424 -40.19 -0.22 -30.89
C SER D 424 -40.44 1.06 -31.65
N SER D 425 -41.00 0.96 -32.85
CA SER D 425 -41.26 2.14 -33.64
C SER D 425 -42.70 2.10 -34.06
N TYR D 426 -43.56 2.18 -33.07
CA TYR D 426 -44.98 2.15 -33.28
C TYR D 426 -45.68 2.73 -32.07
N ALA D 427 -46.92 3.14 -32.26
CA ALA D 427 -47.71 3.68 -31.16
C ALA D 427 -48.84 2.70 -31.02
N HIS D 428 -49.11 2.26 -29.80
CA HIS D 428 -50.18 1.30 -29.60
C HIS D 428 -51.52 1.88 -29.99
N SER D 429 -52.32 1.10 -30.70
CA SER D 429 -53.66 1.54 -31.10
C SER D 429 -54.52 1.71 -29.86
N GLN D 430 -54.38 0.78 -28.92
CA GLN D 430 -55.13 0.78 -27.67
C GLN D 430 -54.34 1.37 -26.51
N SER D 431 -55.03 1.56 -25.39
CA SER D 431 -54.47 2.12 -24.16
C SER D 431 -54.69 1.13 -23.02
N LEU D 432 -53.90 1.30 -21.96
CA LEU D 432 -53.81 0.28 -20.93
C LEU D 432 -55.15 0.03 -20.25
N ASP D 433 -55.85 1.09 -19.87
CA ASP D 433 -57.08 0.97 -19.11
C ASP D 433 -58.28 0.56 -19.95
N ARG D 434 -58.22 0.71 -21.26
CA ARG D 434 -59.34 0.40 -22.15
C ARG D 434 -59.25 -0.99 -22.76
N LEU D 435 -58.28 -1.80 -22.37
CA LEU D 435 -58.19 -3.16 -22.90
C LEU D 435 -59.44 -3.96 -22.53
N GLY D 475 -61.33 -3.85 -12.79
CA GLY D 475 -60.24 -4.75 -12.47
C GLY D 475 -59.36 -5.04 -13.67
N ARG D 476 -58.06 -4.79 -13.53
CA ARG D 476 -57.12 -4.89 -14.63
C ARG D 476 -55.89 -5.68 -14.20
N ASN D 477 -55.25 -6.33 -15.17
CA ASN D 477 -54.07 -7.14 -14.90
C ASN D 477 -52.77 -6.37 -14.88
N TYR D 478 -52.74 -5.14 -15.39
CA TYR D 478 -51.49 -4.43 -15.51
C TYR D 478 -51.70 -2.96 -15.22
N ILE D 479 -50.62 -2.29 -14.84
CA ILE D 479 -50.67 -0.87 -14.46
C ILE D 479 -49.59 -0.13 -15.22
N PRO D 480 -49.76 1.18 -15.39
CA PRO D 480 -48.80 1.94 -16.20
C PRO D 480 -47.45 2.09 -15.52
N GLY D 481 -46.47 2.47 -16.34
CA GLY D 481 -45.08 2.55 -15.92
C GLY D 481 -44.80 3.62 -14.89
N PRO D 482 -43.54 3.71 -14.47
CA PRO D 482 -43.17 4.57 -13.34
C PRO D 482 -43.16 6.03 -13.73
N SER D 483 -43.17 6.88 -12.70
CA SER D 483 -43.25 8.32 -12.92
C SER D 483 -42.38 9.06 -11.92
N TYR D 484 -41.78 10.15 -12.39
CA TYR D 484 -41.10 11.11 -11.53
C TYR D 484 -41.54 12.48 -12.04
N ARG D 485 -42.32 13.23 -11.25
CA ARG D 485 -43.07 14.31 -11.86
C ARG D 485 -42.18 15.50 -12.25
N GLN D 486 -42.46 16.06 -13.41
CA GLN D 486 -41.85 17.28 -13.92
C GLN D 486 -42.84 18.44 -13.78
N GLN D 487 -42.30 19.64 -13.63
CA GLN D 487 -43.14 20.83 -13.70
C GLN D 487 -43.61 21.05 -15.14
N ARG D 488 -44.78 21.66 -15.29
CA ARG D 488 -45.40 21.88 -16.59
C ARG D 488 -45.16 23.30 -17.06
N VAL D 489 -44.72 23.44 -18.30
CA VAL D 489 -44.45 24.75 -18.90
C VAL D 489 -45.23 24.87 -20.19
N SER D 490 -45.83 26.04 -20.41
CA SER D 490 -46.63 26.30 -21.60
C SER D 490 -45.86 27.16 -22.59
N THR D 491 -46.04 26.85 -23.89
CA THR D 491 -45.39 27.62 -24.93
C THR D 491 -45.99 29.01 -25.09
N THR D 492 -47.15 29.27 -24.48
CA THR D 492 -47.72 30.61 -24.45
C THR D 492 -47.25 31.29 -23.17
N VAL D 493 -46.38 32.29 -23.31
CA VAL D 493 -45.71 32.84 -22.15
C VAL D 493 -46.70 33.45 -21.17
N THR D 494 -47.79 34.03 -21.66
CA THR D 494 -48.75 34.66 -20.77
C THR D 494 -49.42 33.65 -19.84
N GLN D 495 -49.40 32.37 -20.19
CA GLN D 495 -49.94 31.35 -19.30
C GLN D 495 -49.00 31.02 -18.15
N ASN D 496 -47.71 30.92 -18.43
CA ASN D 496 -46.73 30.58 -17.41
C ASN D 496 -46.57 31.68 -16.36
N ASN D 497 -46.15 31.29 -15.17
CA ASN D 497 -45.98 32.23 -14.07
C ASN D 497 -44.86 33.25 -14.31
N ASN D 498 -45.07 34.47 -13.83
CA ASN D 498 -44.11 35.55 -13.99
C ASN D 498 -43.06 35.51 -12.88
N SER D 499 -42.21 34.49 -12.91
CA SER D 499 -41.16 34.32 -11.93
C SER D 499 -40.06 33.47 -12.55
N GLU D 500 -38.86 33.52 -11.99
CA GLU D 500 -37.78 32.73 -12.53
C GLU D 500 -37.77 31.39 -11.83
N PHE D 501 -38.18 30.35 -12.56
CA PHE D 501 -38.23 29.01 -12.01
C PHE D 501 -37.46 27.96 -12.80
N ALA D 502 -36.49 28.37 -13.58
CA ALA D 502 -35.75 27.41 -14.39
C ALA D 502 -35.01 26.36 -13.56
N TRP D 503 -34.35 26.79 -12.49
CA TRP D 503 -33.66 25.84 -11.63
C TRP D 503 -34.47 25.48 -10.39
N PRO D 504 -35.14 26.47 -9.80
CA PRO D 504 -35.97 26.33 -8.60
C PRO D 504 -37.16 25.40 -8.80
N GLY D 505 -37.78 25.44 -9.97
CA GLY D 505 -38.92 24.59 -10.25
C GLY D 505 -38.55 23.28 -10.91
N ALA D 506 -37.26 23.04 -11.07
CA ALA D 506 -36.78 21.84 -11.75
C ALA D 506 -36.61 20.57 -10.92
N SER D 507 -37.04 19.45 -11.51
CA SER D 507 -36.88 18.14 -10.93
C SER D 507 -35.42 17.73 -10.97
N SER D 508 -34.90 17.34 -9.81
CA SER D 508 -33.47 17.11 -9.67
C SER D 508 -33.22 15.88 -8.84
N TRP D 509 -32.08 15.26 -9.07
CA TRP D 509 -31.56 14.23 -8.18
C TRP D 509 -30.20 14.66 -7.64
N ALA D 510 -30.02 14.47 -6.34
CA ALA D 510 -28.79 14.84 -5.65
C ALA D 510 -27.88 13.64 -5.56
N LEU D 511 -26.60 13.85 -5.82
CA LEU D 511 -25.60 12.81 -5.71
C LEU D 511 -24.36 13.40 -5.05
N ASN D 512 -23.98 12.86 -3.90
CA ASN D 512 -22.79 13.31 -3.19
C ASN D 512 -22.84 14.80 -2.87
N GLY D 513 -24.05 15.28 -2.62
CA GLY D 513 -24.23 16.68 -2.30
C GLY D 513 -24.41 17.61 -3.47
N ARG D 514 -24.19 17.14 -4.69
CA ARG D 514 -24.37 17.94 -5.89
C ARG D 514 -25.71 17.62 -6.54
N ASN D 515 -26.48 18.66 -6.78
CA ASN D 515 -27.78 18.53 -7.43
C ASN D 515 -27.61 18.49 -8.94
N SER D 516 -28.30 17.56 -9.58
CA SER D 516 -28.32 17.46 -11.02
C SER D 516 -29.75 17.50 -11.50
N LEU D 517 -30.02 18.33 -12.50
CA LEU D 517 -31.33 18.36 -13.13
C LEU D 517 -31.67 16.98 -13.68
N MET D 518 -32.94 16.60 -13.58
CA MET D 518 -33.37 15.30 -14.06
C MET D 518 -33.71 15.49 -15.53
N ASN D 519 -32.84 14.98 -16.38
CA ASN D 519 -32.96 15.26 -17.80
C ASN D 519 -32.48 14.07 -18.59
N PRO D 520 -33.24 13.65 -19.61
CA PRO D 520 -34.64 14.00 -19.81
C PRO D 520 -35.51 13.35 -18.75
N GLY D 521 -34.99 12.31 -18.12
CA GLY D 521 -35.71 11.64 -17.07
C GLY D 521 -36.31 10.33 -17.53
N PRO D 522 -37.15 9.74 -16.70
CA PRO D 522 -37.85 8.52 -17.11
C PRO D 522 -38.79 8.79 -18.26
N ALA D 523 -39.15 7.73 -18.99
CA ALA D 523 -39.98 7.88 -20.18
C ALA D 523 -41.41 8.11 -19.75
N MET D 524 -41.96 9.26 -20.12
CA MET D 524 -43.31 9.63 -19.74
C MET D 524 -43.94 10.41 -20.90
N ALA D 525 -45.26 10.45 -20.92
CA ALA D 525 -45.95 11.19 -21.95
C ALA D 525 -45.74 12.69 -21.74
N SER D 526 -45.47 13.39 -22.83
CA SER D 526 -45.11 14.81 -22.72
C SER D 526 -46.26 15.65 -22.20
N HIS D 527 -47.49 15.33 -22.57
CA HIS D 527 -48.63 16.16 -22.22
C HIS D 527 -49.90 15.31 -22.29
N LYS D 528 -50.95 15.80 -21.63
CA LYS D 528 -52.24 15.16 -21.77
C LYS D 528 -52.76 15.34 -23.19
N GLU D 529 -53.64 14.42 -23.59
CA GLU D 529 -54.23 14.53 -24.92
C GLU D 529 -55.12 15.76 -25.00
N GLY D 530 -54.87 16.58 -26.00
CA GLY D 530 -55.59 17.82 -26.18
C GLY D 530 -54.84 19.07 -25.81
N GLU D 531 -53.77 18.97 -25.01
CA GLU D 531 -52.93 20.11 -24.70
C GLU D 531 -51.56 19.87 -25.32
N ASP D 532 -51.29 20.53 -26.43
CA ASP D 532 -49.98 20.50 -27.05
C ASP D 532 -49.15 21.75 -26.76
N ARG D 533 -49.72 22.71 -26.03
CA ARG D 533 -48.98 23.92 -25.70
C ARG D 533 -48.13 23.76 -24.45
N PHE D 534 -48.29 22.67 -23.72
CA PHE D 534 -47.51 22.40 -22.53
C PHE D 534 -46.44 21.36 -22.82
N PHE D 535 -45.31 21.48 -22.14
CA PHE D 535 -44.26 20.48 -22.21
C PHE D 535 -43.61 20.35 -20.84
N PRO D 536 -43.11 19.17 -20.50
CA PRO D 536 -42.40 19.01 -19.23
C PRO D 536 -41.11 19.81 -19.24
N LEU D 537 -40.84 20.47 -18.12
CA LEU D 537 -39.74 21.42 -18.03
C LEU D 537 -38.43 20.83 -18.54
N SER D 538 -37.89 19.84 -17.83
CA SER D 538 -36.71 19.14 -18.29
C SER D 538 -37.03 17.81 -18.95
N GLY D 539 -38.31 17.47 -19.10
CA GLY D 539 -38.68 16.11 -19.44
C GLY D 539 -38.53 15.71 -20.89
N SER D 540 -38.18 16.62 -21.79
CA SER D 540 -38.11 16.31 -23.20
C SER D 540 -36.80 16.79 -23.80
N LEU D 541 -36.36 16.09 -24.83
CA LEU D 541 -35.21 16.52 -25.59
C LEU D 541 -35.51 17.83 -26.30
N ILE D 542 -34.48 18.62 -26.54
CA ILE D 542 -34.61 19.87 -27.27
C ILE D 542 -33.43 20.01 -28.23
N PHE D 543 -33.73 20.19 -29.51
CA PHE D 543 -32.71 20.37 -30.53
C PHE D 543 -32.75 21.82 -31.02
N GLY D 544 -31.60 22.30 -31.49
CA GLY D 544 -31.54 23.62 -32.09
C GLY D 544 -31.74 23.60 -33.59
N LYS D 545 -32.35 24.67 -34.09
CA LYS D 545 -32.48 24.86 -35.53
C LYS D 545 -31.16 25.30 -36.12
N GLN D 546 -31.04 25.16 -37.44
CA GLN D 546 -29.80 25.47 -38.13
C GLN D 546 -29.34 26.89 -37.81
N GLY D 547 -28.07 27.02 -37.43
CA GLY D 547 -27.51 28.30 -37.09
C GLY D 547 -28.05 28.94 -35.83
N THR D 548 -28.64 28.16 -34.93
CA THR D 548 -29.20 28.71 -33.71
C THR D 548 -28.10 29.18 -32.76
N GLY D 549 -28.37 30.26 -32.04
CA GLY D 549 -27.41 30.80 -31.10
C GLY D 549 -27.19 29.90 -29.91
N ARG D 550 -26.10 30.18 -29.19
CA ARG D 550 -25.68 29.35 -28.06
C ARG D 550 -26.39 29.69 -26.75
N ASP D 551 -26.76 30.95 -26.52
CA ASP D 551 -27.24 31.37 -25.21
C ASP D 551 -28.52 32.20 -25.32
N ASN D 552 -29.54 31.81 -24.54
CA ASN D 552 -30.71 32.65 -24.27
C ASN D 552 -31.51 32.94 -25.53
N VAL D 553 -31.69 31.91 -26.34
CA VAL D 553 -32.37 32.03 -27.62
C VAL D 553 -33.85 31.71 -27.40
N ASP D 554 -34.72 32.39 -28.14
CA ASP D 554 -36.14 32.22 -27.89
C ASP D 554 -36.63 30.88 -28.41
N ALA D 555 -37.90 30.59 -28.11
CA ALA D 555 -38.41 29.24 -28.27
C ALA D 555 -38.49 28.83 -29.74
N ASP D 556 -38.60 29.80 -30.63
CA ASP D 556 -38.72 29.51 -32.06
C ASP D 556 -37.39 29.13 -32.70
N LYS D 557 -36.28 29.21 -31.96
CA LYS D 557 -35.00 28.79 -32.49
C LYS D 557 -34.66 27.34 -32.16
N VAL D 558 -35.51 26.65 -31.40
CA VAL D 558 -35.22 25.30 -30.93
C VAL D 558 -36.45 24.44 -31.11
N MET D 559 -36.21 23.16 -31.39
CA MET D 559 -37.28 22.19 -31.64
C MET D 559 -37.47 21.36 -30.39
N ILE D 560 -38.63 21.51 -29.75
CA ILE D 560 -38.96 20.79 -28.54
C ILE D 560 -39.75 19.54 -28.95
N THR D 561 -39.14 18.37 -28.76
CA THR D 561 -39.82 17.14 -29.12
C THR D 561 -41.00 16.88 -28.20
N ASN D 562 -41.89 16.01 -28.63
CA ASN D 562 -42.99 15.53 -27.81
C ASN D 562 -43.04 14.02 -27.86
N GLU D 563 -43.29 13.40 -26.70
CA GLU D 563 -43.34 11.96 -26.57
C GLU D 563 -44.74 11.39 -26.61
N GLU D 564 -45.76 12.20 -26.93
CA GLU D 564 -47.14 11.80 -26.70
C GLU D 564 -47.49 10.46 -27.32
N GLU D 565 -46.69 9.96 -28.26
CA GLU D 565 -46.93 8.65 -28.84
C GLU D 565 -47.11 7.56 -27.79
N ILE D 566 -46.48 7.71 -26.63
CA ILE D 566 -46.41 6.65 -25.62
C ILE D 566 -47.45 6.83 -24.54
N LYS D 567 -48.31 7.84 -24.65
CA LYS D 567 -49.26 8.11 -23.57
C LYS D 567 -50.22 6.97 -23.31
N THR D 568 -50.25 5.97 -24.18
CA THR D 568 -51.10 4.82 -23.94
C THR D 568 -50.66 4.05 -22.70
N THR D 569 -49.39 3.64 -22.64
CA THR D 569 -48.88 2.87 -21.52
C THR D 569 -48.14 3.68 -20.47
N ASN D 570 -47.89 4.96 -20.69
CA ASN D 570 -47.05 5.64 -19.72
C ASN D 570 -47.80 6.80 -19.09
N PRO D 571 -47.49 7.13 -17.84
CA PRO D 571 -48.11 8.30 -17.23
C PRO D 571 -47.62 9.57 -17.86
N VAL D 572 -48.40 10.63 -17.66
CA VAL D 572 -48.02 11.93 -18.20
C VAL D 572 -46.97 12.56 -17.31
N ALA D 573 -45.95 13.15 -17.94
CA ALA D 573 -44.81 13.67 -17.19
C ALA D 573 -45.23 14.67 -16.13
N THR D 574 -46.19 15.53 -16.43
CA THR D 574 -46.54 16.62 -15.53
C THR D 574 -47.66 16.27 -14.58
N GLU D 575 -48.10 15.01 -14.55
CA GLU D 575 -49.23 14.60 -13.74
C GLU D 575 -48.77 13.65 -12.64
N SER D 576 -49.55 13.60 -11.57
CA SER D 576 -49.31 12.64 -10.52
C SER D 576 -49.57 11.22 -11.01
N TYR D 577 -48.98 10.25 -10.32
CA TYR D 577 -49.20 8.86 -10.74
C TYR D 577 -50.57 8.38 -10.28
N GLY D 578 -51.07 8.91 -9.18
CA GLY D 578 -52.33 8.42 -8.65
C GLY D 578 -52.59 8.97 -7.27
N GLN D 579 -53.40 8.23 -6.51
CA GLN D 579 -53.74 8.58 -5.15
C GLN D 579 -53.71 7.35 -4.26
N VAL D 580 -53.39 7.55 -2.99
CA VAL D 580 -53.31 6.47 -2.02
C VAL D 580 -54.01 6.88 -0.74
N ALA D 581 -54.37 5.87 0.05
CA ALA D 581 -54.99 6.10 1.35
C ALA D 581 -53.93 6.54 2.35
N THR D 582 -54.19 7.63 3.05
CA THR D 582 -53.26 8.13 4.06
C THR D 582 -53.63 7.77 5.48
N ASN D 583 -54.77 7.12 5.73
CA ASN D 583 -55.19 6.86 7.10
C ASN D 583 -56.18 5.71 7.12
N HIS D 584 -56.65 5.40 8.33
CA HIS D 584 -57.74 4.46 8.55
C HIS D 584 -59.03 5.25 8.79
N GLN D 585 -60.04 4.97 7.97
CA GLN D 585 -61.34 5.56 8.23
C GLN D 585 -61.95 4.96 9.49
N SER D 586 -62.89 5.69 10.06
CA SER D 586 -63.61 5.23 11.24
C SER D 586 -64.85 6.08 11.37
N ALA D 587 -65.62 5.81 12.43
CA ALA D 587 -66.76 6.68 12.72
C ALA D 587 -66.33 8.14 12.86
N GLN D 588 -65.16 8.37 13.46
CA GLN D 588 -64.68 9.72 13.71
C GLN D 588 -63.72 10.23 12.65
N ALA D 589 -63.37 9.42 11.66
CA ALA D 589 -62.32 9.79 10.72
C ALA D 589 -62.78 9.58 9.30
N GLN D 590 -62.85 10.67 8.54
CA GLN D 590 -63.12 10.57 7.11
C GLN D 590 -61.95 9.93 6.40
N ALA D 591 -62.25 9.29 5.27
CA ALA D 591 -61.19 8.74 4.44
C ALA D 591 -60.37 9.87 3.84
N GLN D 592 -59.05 9.78 4.00
CA GLN D 592 -58.13 10.79 3.49
C GLN D 592 -57.19 10.15 2.49
N THR D 593 -56.86 10.91 1.45
CA THR D 593 -55.99 10.46 0.39
C THR D 593 -54.88 11.47 0.18
N GLY D 594 -53.87 11.05 -0.57
CA GLY D 594 -52.78 11.92 -0.92
C GLY D 594 -52.28 11.55 -2.29
N TRP D 595 -51.55 12.48 -2.90
CA TRP D 595 -51.13 12.35 -4.28
C TRP D 595 -49.78 11.67 -4.37
N VAL D 596 -49.61 10.79 -5.36
CA VAL D 596 -48.34 10.13 -5.59
C VAL D 596 -47.58 10.96 -6.62
N GLN D 597 -46.54 11.64 -6.15
CA GLN D 597 -45.75 12.49 -7.04
C GLN D 597 -44.71 11.69 -7.79
N ASN D 598 -44.22 10.61 -7.21
CA ASN D 598 -43.25 9.73 -7.85
C ASN D 598 -43.55 8.30 -7.46
N GLN D 599 -43.35 7.39 -8.40
CA GLN D 599 -43.66 5.99 -8.16
C GLN D 599 -42.55 5.13 -8.75
N GLY D 600 -41.97 4.27 -7.93
CA GLY D 600 -41.03 3.30 -8.43
C GLY D 600 -41.74 2.14 -9.09
N ILE D 601 -40.92 1.20 -9.57
CA ILE D 601 -41.47 0.00 -10.20
C ILE D 601 -42.40 -0.72 -9.25
N LEU D 602 -43.45 -1.31 -9.80
CA LEU D 602 -44.34 -2.24 -9.12
C LEU D 602 -44.52 -3.47 -9.99
N PRO D 603 -44.69 -4.63 -9.40
CA PRO D 603 -44.97 -5.82 -10.22
C PRO D 603 -46.24 -5.61 -11.03
N GLY D 604 -46.14 -5.88 -12.33
CA GLY D 604 -47.25 -5.68 -13.22
C GLY D 604 -47.27 -4.38 -13.98
N MET D 605 -46.21 -3.58 -13.90
CA MET D 605 -46.11 -2.40 -14.73
C MET D 605 -45.67 -2.76 -16.14
N VAL D 606 -46.09 -1.93 -17.09
CA VAL D 606 -45.58 -1.97 -18.45
C VAL D 606 -45.25 -0.54 -18.83
N TRP D 607 -44.29 -0.38 -19.72
CA TRP D 607 -43.92 0.97 -20.14
C TRP D 607 -43.24 0.91 -21.48
N GLN D 608 -43.24 2.07 -22.15
CA GLN D 608 -42.54 2.28 -23.41
C GLN D 608 -41.34 3.18 -23.18
N ASP D 609 -40.26 2.89 -23.92
CA ASP D 609 -39.05 3.68 -23.81
C ASP D 609 -39.22 4.99 -24.56
N ARG D 610 -38.21 5.83 -24.52
CA ARG D 610 -38.24 7.10 -25.21
C ARG D 610 -37.90 6.88 -26.69
N ASP D 611 -38.53 7.68 -27.54
CA ASP D 611 -38.38 7.49 -28.97
C ASP D 611 -37.03 8.03 -29.45
N VAL D 612 -36.58 7.51 -30.58
CA VAL D 612 -35.32 7.92 -31.18
C VAL D 612 -35.63 8.90 -32.30
N TYR D 613 -34.71 9.83 -32.51
CA TYR D 613 -34.87 10.86 -33.52
C TYR D 613 -33.69 10.85 -34.47
N LEU D 614 -33.96 11.24 -35.71
CA LEU D 614 -32.91 11.27 -36.72
C LEU D 614 -31.76 12.14 -36.29
N GLN D 615 -32.02 13.09 -35.40
CA GLN D 615 -31.00 13.94 -34.81
C GLN D 615 -30.52 13.42 -33.45
N GLY D 616 -31.08 12.33 -32.95
CA GLY D 616 -30.78 11.86 -31.63
C GLY D 616 -29.64 10.86 -31.59
N PRO D 617 -29.23 10.47 -30.40
CA PRO D 617 -28.15 9.50 -30.26
C PRO D 617 -28.62 8.09 -30.56
N ILE D 618 -27.66 7.23 -30.85
CA ILE D 618 -27.94 5.84 -31.18
C ILE D 618 -27.79 4.98 -29.95
N TRP D 619 -26.58 4.91 -29.41
CA TRP D 619 -26.28 4.03 -28.29
C TRP D 619 -25.72 4.82 -27.13
N ALA D 620 -25.67 4.17 -25.98
CA ALA D 620 -24.94 4.63 -24.82
C ALA D 620 -24.26 3.43 -24.18
N LYS D 621 -23.25 3.69 -23.35
CA LYS D 621 -22.55 2.63 -22.65
C LYS D 621 -23.20 2.42 -21.30
N ILE D 622 -23.61 1.18 -21.03
CA ILE D 622 -24.14 0.86 -19.71
C ILE D 622 -23.01 0.97 -18.69
N PRO D 623 -23.13 1.82 -17.68
CA PRO D 623 -22.06 1.91 -16.68
C PRO D 623 -21.79 0.56 -16.05
N HIS D 624 -20.55 0.33 -15.66
CA HIS D 624 -20.15 -0.97 -15.15
C HIS D 624 -20.38 -0.96 -13.66
N THR D 625 -21.39 -1.69 -13.21
CA THR D 625 -21.86 -1.61 -11.84
C THR D 625 -22.37 -2.98 -11.41
N ASP D 626 -22.58 -3.12 -10.11
CA ASP D 626 -23.17 -4.35 -9.59
C ASP D 626 -24.55 -4.59 -10.18
N GLY D 627 -25.37 -3.55 -10.26
CA GLY D 627 -26.72 -3.74 -10.73
C GLY D 627 -27.28 -2.52 -11.41
N ASN D 628 -28.23 -2.79 -12.30
CA ASN D 628 -28.91 -1.77 -13.08
C ASN D 628 -30.30 -2.29 -13.40
N PHE D 629 -31.20 -1.38 -13.76
CA PHE D 629 -32.54 -1.80 -14.13
C PHE D 629 -32.93 -1.14 -15.44
N HIS D 630 -33.31 -1.97 -16.40
CA HIS D 630 -33.78 -1.58 -17.71
C HIS D 630 -32.75 -0.64 -18.30
N PRO D 631 -31.58 -1.15 -18.63
CA PRO D 631 -30.42 -0.31 -18.94
C PRO D 631 -30.58 0.63 -20.12
N SER D 632 -31.65 0.50 -20.88
CA SER D 632 -31.86 1.36 -22.03
C SER D 632 -31.69 2.83 -21.64
N PRO D 633 -30.81 3.56 -22.30
CA PRO D 633 -30.46 4.91 -21.83
C PRO D 633 -31.63 5.86 -21.86
N LEU D 634 -31.56 6.87 -21.00
CA LEU D 634 -32.71 7.75 -20.83
C LEU D 634 -32.88 8.72 -21.99
N MET D 635 -31.82 9.06 -22.69
CA MET D 635 -31.98 9.93 -23.85
C MET D 635 -32.37 9.16 -25.09
N GLY D 636 -32.57 7.86 -24.99
CA GLY D 636 -33.08 7.06 -26.08
C GLY D 636 -31.98 6.25 -26.74
N GLY D 637 -32.41 5.20 -27.41
CA GLY D 637 -31.50 4.34 -28.14
C GLY D 637 -31.17 3.06 -27.41
N PHE D 638 -30.07 2.46 -27.83
CA PHE D 638 -29.70 1.10 -27.45
C PHE D 638 -28.62 1.15 -26.37
N GLY D 639 -28.92 0.61 -25.19
CA GLY D 639 -27.92 0.50 -24.16
C GLY D 639 -27.07 -0.75 -24.37
N MET D 640 -25.78 -0.63 -24.09
CA MET D 640 -24.84 -1.70 -24.35
C MET D 640 -23.77 -1.72 -23.27
N LYS D 641 -23.35 -2.92 -22.88
CA LYS D 641 -22.21 -3.04 -21.99
C LYS D 641 -20.89 -2.91 -22.75
N HIS D 642 -20.82 -3.39 -23.96
CA HIS D 642 -19.65 -3.22 -24.82
C HIS D 642 -20.11 -2.45 -26.05
N PRO D 643 -20.26 -1.14 -25.93
CA PRO D 643 -20.73 -0.36 -27.06
C PRO D 643 -19.67 -0.29 -28.14
N PRO D 644 -19.94 0.33 -29.27
CA PRO D 644 -18.90 0.59 -30.23
C PRO D 644 -17.73 1.30 -29.57
N PRO D 645 -16.52 0.84 -29.80
CA PRO D 645 -15.37 1.39 -29.07
C PRO D 645 -15.09 2.81 -29.48
N GLN D 646 -14.30 3.49 -28.66
CA GLN D 646 -13.83 4.81 -29.03
C GLN D 646 -12.66 4.70 -30.00
N ILE D 647 -12.49 5.72 -30.83
CA ILE D 647 -11.44 5.76 -31.83
C ILE D 647 -10.69 7.07 -31.62
N LEU D 648 -9.41 6.98 -31.31
CA LEU D 648 -8.63 8.12 -30.87
C LEU D 648 -7.54 8.42 -31.89
N ILE D 649 -7.30 9.70 -32.14
CA ILE D 649 -6.42 10.09 -33.23
C ILE D 649 -5.69 11.38 -32.86
N LYS D 650 -4.42 11.45 -33.25
CA LYS D 650 -3.67 12.69 -33.07
C LYS D 650 -2.57 12.78 -34.12
N ASN D 651 -2.07 13.99 -34.30
CA ASN D 651 -0.94 14.23 -35.17
C ASN D 651 0.34 14.05 -34.39
N THR D 652 1.13 13.07 -34.78
CA THR D 652 2.41 12.85 -34.11
C THR D 652 3.22 14.13 -34.11
N PRO D 653 3.59 14.66 -32.96
CA PRO D 653 4.33 15.92 -32.93
C PRO D 653 5.68 15.78 -33.63
N VAL D 654 6.00 16.77 -34.45
CA VAL D 654 7.32 16.82 -35.06
C VAL D 654 8.02 18.05 -34.50
N PRO D 655 9.14 17.88 -33.83
CA PRO D 655 9.80 19.03 -33.20
C PRO D 655 10.41 19.96 -34.22
N ALA D 656 10.58 21.22 -33.82
CA ALA D 656 11.40 22.14 -34.58
C ALA D 656 12.86 21.82 -34.34
N ASP D 657 13.73 22.71 -34.78
CA ASP D 657 15.15 22.47 -34.59
C ASP D 657 15.52 22.52 -33.11
N PRO D 658 16.13 21.49 -32.57
CA PRO D 658 16.68 21.57 -31.23
C PRO D 658 17.94 22.41 -31.23
N PRO D 659 18.41 22.86 -30.08
CA PRO D 659 19.73 23.48 -30.00
C PRO D 659 20.82 22.47 -30.31
N THR D 660 22.02 22.99 -30.54
CA THR D 660 23.17 22.12 -30.81
C THR D 660 23.97 21.77 -29.57
N ALA D 661 23.67 22.39 -28.43
CA ALA D 661 24.22 21.98 -27.14
C ALA D 661 23.14 21.21 -26.37
N PHE D 662 23.53 20.11 -25.75
CA PHE D 662 22.55 19.24 -25.12
C PHE D 662 21.85 19.92 -23.96
N ASN D 663 20.54 19.71 -23.89
CA ASN D 663 19.71 20.20 -22.80
C ASN D 663 18.70 19.12 -22.47
N LYS D 664 18.39 18.96 -21.18
CA LYS D 664 17.55 17.85 -20.74
C LYS D 664 16.06 18.16 -20.81
N ASP D 665 15.67 19.41 -20.91
CA ASP D 665 14.25 19.74 -20.83
C ASP D 665 13.51 19.18 -22.03
N LYS D 666 12.21 18.98 -21.86
CA LYS D 666 11.42 18.49 -22.99
C LYS D 666 11.28 19.59 -24.03
N LEU D 667 11.03 19.18 -25.26
CA LEU D 667 10.96 20.12 -26.36
C LEU D 667 9.57 20.74 -26.41
N ASN D 668 9.51 22.07 -26.28
CA ASN D 668 8.25 22.80 -26.42
C ASN D 668 8.06 23.43 -27.79
N SER D 669 9.04 23.32 -28.68
CA SER D 669 9.04 24.01 -29.97
C SER D 669 8.69 23.03 -31.07
N PHE D 670 7.56 23.25 -31.73
CA PHE D 670 7.06 22.30 -32.71
C PHE D 670 6.59 23.02 -33.97
N ILE D 671 6.62 22.28 -35.07
CA ILE D 671 6.15 22.76 -36.35
C ILE D 671 4.62 22.77 -36.35
N THR D 672 4.05 23.94 -36.60
CA THR D 672 2.60 24.05 -36.72
C THR D 672 2.11 23.12 -37.81
N GLN D 673 1.08 22.34 -37.50
CA GLN D 673 0.72 21.24 -38.39
C GLN D 673 -0.73 20.85 -38.15
N TYR D 674 -1.37 20.33 -39.19
CA TYR D 674 -2.64 19.64 -39.04
C TYR D 674 -2.85 18.73 -40.25
N SER D 675 -3.80 17.81 -40.13
CA SER D 675 -3.97 16.77 -41.12
C SER D 675 -5.42 16.65 -41.54
N THR D 676 -5.65 15.90 -42.61
CA THR D 676 -6.98 15.68 -43.13
C THR D 676 -7.02 14.38 -43.91
N GLY D 677 -8.23 13.89 -44.13
CA GLY D 677 -8.40 12.60 -44.78
C GLY D 677 -9.86 12.21 -44.84
N GLN D 678 -10.10 10.93 -45.06
CA GLN D 678 -11.43 10.43 -45.34
C GLN D 678 -11.85 9.40 -44.30
N VAL D 679 -13.10 9.52 -43.83
CA VAL D 679 -13.69 8.62 -42.86
C VAL D 679 -14.93 7.98 -43.46
N SER D 680 -14.91 6.65 -43.54
CA SER D 680 -16.07 5.89 -43.97
C SER D 680 -16.48 4.92 -42.87
N VAL D 681 -17.77 4.89 -42.57
CA VAL D 681 -18.33 4.01 -41.56
C VAL D 681 -19.57 3.32 -42.13
N GLU D 682 -19.64 2.01 -41.94
CA GLU D 682 -20.70 1.17 -42.47
C GLU D 682 -21.39 0.47 -41.31
N ILE D 683 -22.72 0.47 -41.29
CA ILE D 683 -23.49 -0.23 -40.26
C ILE D 683 -24.54 -1.10 -40.93
N GLU D 684 -24.55 -2.37 -40.59
CA GLU D 684 -25.60 -3.29 -41.01
C GLU D 684 -26.71 -3.29 -39.96
N TRP D 685 -27.92 -2.95 -40.39
CA TRP D 685 -29.07 -2.85 -39.51
C TRP D 685 -30.01 -4.01 -39.74
N GLU D 686 -30.70 -4.44 -38.69
CA GLU D 686 -31.73 -5.46 -38.82
C GLU D 686 -33.10 -4.85 -38.58
N LEU D 687 -34.08 -5.27 -39.37
CA LEU D 687 -35.41 -4.69 -39.35
C LEU D 687 -36.42 -5.72 -38.85
N GLN D 688 -37.53 -5.21 -38.33
CA GLN D 688 -38.62 -6.06 -37.89
C GLN D 688 -39.90 -5.73 -38.65
N VAL E 420 -43.87 -21.10 -18.00
CA VAL E 420 -44.15 -20.18 -16.89
C VAL E 420 -43.82 -20.88 -15.59
N PRO E 421 -43.60 -20.11 -14.53
CA PRO E 421 -43.24 -20.73 -13.25
C PRO E 421 -44.43 -21.44 -12.61
N PHE E 422 -44.13 -22.43 -11.79
CA PHE E 422 -45.17 -23.16 -11.08
C PHE E 422 -45.84 -22.23 -10.10
N HIS E 423 -47.16 -22.15 -10.15
CA HIS E 423 -47.90 -21.31 -9.23
C HIS E 423 -47.70 -21.85 -7.82
N SER E 424 -47.55 -20.96 -6.86
CA SER E 424 -47.35 -21.40 -5.49
C SER E 424 -48.69 -21.60 -4.80
N SER E 425 -48.86 -22.78 -4.22
CA SER E 425 -50.10 -23.09 -3.52
C SER E 425 -49.70 -23.62 -2.17
N TYR E 426 -49.13 -22.74 -1.37
CA TYR E 426 -48.70 -23.07 -0.02
C TYR E 426 -48.57 -21.79 0.77
N ALA E 427 -48.52 -21.90 2.09
CA ALA E 427 -48.37 -20.75 2.95
C ALA E 427 -47.08 -20.90 3.73
N HIS E 428 -46.30 -19.83 3.80
CA HIS E 428 -45.04 -19.86 4.52
C HIS E 428 -45.25 -20.13 6.00
N SER E 429 -44.38 -20.92 6.58
CA SER E 429 -44.47 -21.26 7.99
C SER E 429 -43.71 -20.24 8.82
N GLN E 430 -42.83 -19.51 8.15
CA GLN E 430 -42.01 -18.49 8.78
C GLN E 430 -42.43 -17.11 8.28
N SER E 431 -42.06 -16.10 9.04
CA SER E 431 -42.25 -14.72 8.64
C SER E 431 -40.89 -14.10 8.32
N LEU E 432 -40.91 -13.13 7.42
CA LEU E 432 -39.67 -12.58 6.88
C LEU E 432 -38.76 -12.05 7.97
N ASP E 433 -39.32 -11.46 9.01
CA ASP E 433 -38.55 -10.85 10.08
C ASP E 433 -38.10 -11.84 11.15
N ARG E 434 -38.64 -13.05 11.15
CA ARG E 434 -38.31 -14.04 12.16
C ARG E 434 -37.29 -15.08 11.73
N LEU E 435 -36.66 -14.89 10.57
CA LEU E 435 -35.76 -15.91 10.04
C LEU E 435 -34.54 -16.17 10.92
N MET E 436 -34.33 -15.41 11.98
CA MET E 436 -33.15 -15.55 12.80
C MET E 436 -33.18 -16.82 13.64
N ASN E 437 -32.01 -17.22 14.13
CA ASN E 437 -31.89 -18.24 15.16
C ASN E 437 -32.17 -17.62 16.53
N PRO E 438 -33.24 -18.02 17.22
CA PRO E 438 -33.65 -17.33 18.45
C PRO E 438 -32.69 -17.50 19.60
N LEU E 439 -31.74 -18.42 19.52
CA LEU E 439 -30.90 -18.71 20.68
C LEU E 439 -29.63 -17.90 20.75
N ILE E 440 -29.22 -17.23 19.66
CA ILE E 440 -27.86 -16.74 19.53
C ILE E 440 -27.88 -15.25 19.25
N ASP E 441 -26.84 -14.56 19.70
CA ASP E 441 -26.63 -13.16 19.37
C ASP E 441 -26.04 -13.00 17.97
N GLN E 442 -26.36 -11.88 17.34
CA GLN E 442 -25.56 -11.44 16.21
C GLN E 442 -24.24 -10.86 16.70
N TYR E 443 -23.26 -10.85 15.81
CA TYR E 443 -22.04 -10.11 16.06
C TYR E 443 -22.16 -8.64 15.71
N LEU E 444 -23.26 -8.23 15.09
CA LEU E 444 -23.50 -6.85 14.75
C LEU E 444 -24.03 -6.07 15.95
N TYR E 445 -23.82 -4.76 15.90
CA TYR E 445 -24.25 -3.83 16.94
C TYR E 445 -25.26 -2.84 16.38
N TYR E 446 -26.00 -2.21 17.29
CA TYR E 446 -26.97 -1.19 16.93
C TYR E 446 -26.88 -0.08 17.96
N LEU E 447 -27.52 1.04 17.69
CA LEU E 447 -27.41 2.21 18.54
C LEU E 447 -28.55 2.19 19.55
N SER E 448 -28.21 1.90 20.82
CA SER E 448 -29.24 1.76 21.85
C SER E 448 -29.66 3.09 22.46
N LYS E 449 -28.72 3.92 22.87
CA LYS E 449 -29.01 5.15 23.60
C LYS E 449 -28.33 6.34 22.97
N THR E 450 -29.08 7.42 22.78
CA THR E 450 -28.48 8.68 22.36
C THR E 450 -28.30 9.69 23.49
N ILE E 451 -28.75 9.40 24.70
CA ILE E 451 -28.55 10.30 25.83
C ILE E 451 -28.33 9.48 27.09
N ASN E 452 -27.56 10.03 28.04
CA ASN E 452 -27.37 9.36 29.32
C ASN E 452 -28.63 9.43 30.16
N GLY E 453 -29.14 10.63 30.40
CA GLY E 453 -30.28 10.80 31.27
C GLY E 453 -30.96 12.10 30.96
N SER E 454 -31.93 12.45 31.80
CA SER E 454 -32.61 13.72 31.64
C SER E 454 -31.70 14.85 32.09
N GLY E 455 -31.74 15.94 31.36
CA GLY E 455 -30.99 17.13 31.73
C GLY E 455 -30.52 17.87 30.50
N GLN E 456 -29.50 18.70 30.70
CA GLN E 456 -28.88 19.41 29.62
C GLN E 456 -27.57 18.73 29.25
N ASN E 457 -27.24 18.74 27.97
CA ASN E 457 -25.94 18.31 27.49
C ASN E 457 -25.68 16.85 27.85
N GLN E 458 -26.69 16.01 27.65
CA GLN E 458 -26.60 14.60 27.99
C GLN E 458 -26.23 13.73 26.81
N GLN E 459 -25.88 14.32 25.66
CA GLN E 459 -25.65 13.52 24.47
C GLN E 459 -24.60 12.45 24.72
N THR E 460 -24.86 11.27 24.17
CA THR E 460 -23.91 10.17 24.19
C THR E 460 -24.27 9.23 23.06
N LEU E 461 -23.37 8.32 22.76
CA LEU E 461 -23.64 7.22 21.84
C LEU E 461 -23.35 5.92 22.54
N LYS E 462 -24.37 5.10 22.73
CA LYS E 462 -24.23 3.79 23.33
C LYS E 462 -24.68 2.74 22.34
N PHE E 463 -24.00 1.60 22.32
CA PHE E 463 -24.28 0.54 21.38
C PHE E 463 -24.50 -0.76 22.14
N SER E 464 -25.25 -1.67 21.54
CA SER E 464 -25.53 -2.95 22.18
C SER E 464 -25.71 -4.01 21.12
N VAL E 465 -25.40 -5.25 21.49
CA VAL E 465 -25.50 -6.35 20.55
C VAL E 465 -26.96 -6.63 20.24
N ALA E 466 -27.25 -6.82 18.96
CA ALA E 466 -28.57 -7.28 18.56
C ALA E 466 -28.69 -8.77 18.84
N GLY E 467 -29.67 -9.14 19.65
CA GLY E 467 -29.82 -10.51 20.08
C GLY E 467 -31.25 -10.87 20.36
N PRO E 468 -31.47 -12.10 20.82
CA PRO E 468 -32.84 -12.58 21.02
C PRO E 468 -33.69 -11.69 21.89
N SER E 469 -33.09 -10.99 22.86
CA SER E 469 -33.87 -10.14 23.74
C SER E 469 -34.59 -9.05 22.97
N ASN E 470 -33.92 -8.41 22.02
CA ASN E 470 -34.56 -7.43 21.14
C ASN E 470 -34.39 -7.91 19.71
N MET E 471 -35.47 -8.40 19.11
CA MET E 471 -35.39 -8.93 17.76
C MET E 471 -35.78 -7.91 16.69
N ALA E 472 -36.33 -6.77 17.07
CA ALA E 472 -36.74 -5.82 16.07
C ALA E 472 -35.56 -5.18 15.37
N VAL E 473 -34.48 -4.93 16.10
CA VAL E 473 -33.38 -4.12 15.61
C VAL E 473 -32.31 -4.93 14.91
N GLN E 474 -32.52 -6.22 14.70
CA GLN E 474 -31.47 -7.00 14.07
C GLN E 474 -31.33 -6.64 12.60
N GLY E 475 -30.11 -6.77 12.10
CA GLY E 475 -29.88 -6.58 10.69
C GLY E 475 -30.37 -7.77 9.89
N ARG E 476 -31.06 -7.50 8.79
CA ARG E 476 -31.67 -8.56 8.01
C ARG E 476 -31.26 -8.42 6.55
N ASN E 477 -31.14 -9.58 5.89
CA ASN E 477 -30.72 -9.65 4.51
C ASN E 477 -31.82 -9.37 3.50
N TYR E 478 -33.08 -9.42 3.89
CA TYR E 478 -34.15 -9.26 2.93
C TYR E 478 -35.29 -8.48 3.55
N ILE E 479 -36.14 -7.93 2.71
CA ILE E 479 -37.16 -6.98 3.14
C ILE E 479 -38.45 -7.29 2.39
N PRO E 480 -39.59 -6.90 2.95
CA PRO E 480 -40.87 -7.25 2.32
C PRO E 480 -41.11 -6.49 1.03
N GLY E 481 -42.01 -7.03 0.23
CA GLY E 481 -42.29 -6.52 -1.09
C GLY E 481 -42.96 -5.16 -1.08
N PRO E 482 -43.27 -4.65 -2.25
CA PRO E 482 -43.78 -3.28 -2.37
C PRO E 482 -45.22 -3.16 -1.89
N SER E 483 -45.62 -1.93 -1.62
CA SER E 483 -46.94 -1.65 -1.09
C SER E 483 -47.49 -0.39 -1.70
N TYR E 484 -48.78 -0.43 -2.03
CA TYR E 484 -49.52 0.75 -2.48
C TYR E 484 -50.77 0.77 -1.62
N ARG E 485 -50.89 1.74 -0.70
CA ARG E 485 -51.84 1.55 0.39
C ARG E 485 -53.29 1.65 -0.08
N GLN E 486 -54.12 0.76 0.44
CA GLN E 486 -55.57 0.74 0.24
C GLN E 486 -56.26 1.25 1.49
N GLN E 487 -57.44 1.85 1.31
CA GLN E 487 -58.24 2.28 2.44
C GLN E 487 -58.87 1.09 3.14
N ARG E 488 -58.90 1.14 4.48
CA ARG E 488 -59.36 0.02 5.28
C ARG E 488 -60.86 0.14 5.54
N VAL E 489 -61.58 -0.95 5.28
CA VAL E 489 -63.04 -0.96 5.40
C VAL E 489 -63.45 -2.14 6.28
N SER E 490 -64.33 -1.86 7.23
CA SER E 490 -64.84 -2.85 8.17
C SER E 490 -66.15 -3.44 7.68
N THR E 491 -66.35 -4.72 7.94
CA THR E 491 -67.64 -5.35 7.66
C THR E 491 -68.73 -4.93 8.64
N THR E 492 -68.36 -4.32 9.77
CA THR E 492 -69.33 -3.81 10.73
C THR E 492 -69.61 -2.36 10.39
N VAL E 493 -70.77 -2.12 9.77
CA VAL E 493 -71.17 -0.79 9.34
C VAL E 493 -71.00 0.31 10.38
N THR E 494 -71.17 -0.02 11.66
CA THR E 494 -71.04 0.98 12.68
C THR E 494 -69.61 1.54 12.73
N GLN E 495 -68.63 0.66 12.58
CA GLN E 495 -67.23 1.06 12.60
C GLN E 495 -66.85 1.98 11.45
N ASN E 496 -67.37 1.71 10.26
CA ASN E 496 -67.06 2.52 9.09
C ASN E 496 -67.62 3.93 9.21
N ASN E 497 -66.94 4.87 8.56
CA ASN E 497 -67.37 6.27 8.62
C ASN E 497 -68.72 6.43 7.95
N ASN E 498 -69.54 7.34 8.48
CA ASN E 498 -70.85 7.61 7.93
C ASN E 498 -70.78 8.64 6.81
N SER E 499 -70.18 8.24 5.68
CA SER E 499 -70.05 9.11 4.52
C SER E 499 -69.76 8.24 3.30
N GLU E 500 -69.85 8.83 2.11
CA GLU E 500 -69.58 8.05 0.91
C GLU E 500 -68.11 8.20 0.54
N PHE E 501 -67.34 7.16 0.86
CA PHE E 501 -65.91 7.12 0.59
C PHE E 501 -65.58 6.07 -0.46
N ALA E 502 -66.59 5.55 -1.15
CA ALA E 502 -66.35 4.50 -2.12
C ALA E 502 -65.43 4.91 -3.28
N TRP E 503 -65.64 6.09 -3.84
CA TRP E 503 -64.80 6.53 -4.95
C TRP E 503 -63.68 7.46 -4.53
N PRO E 504 -63.99 8.46 -3.71
CA PRO E 504 -62.99 9.41 -3.25
C PRO E 504 -61.92 8.71 -2.42
N GLY E 505 -62.36 7.80 -1.56
CA GLY E 505 -61.48 7.04 -0.70
C GLY E 505 -60.53 6.08 -1.38
N ALA E 506 -61.01 5.42 -2.43
CA ALA E 506 -60.22 4.42 -3.14
C ALA E 506 -58.95 4.90 -3.83
N SER E 507 -57.91 4.05 -3.76
CA SER E 507 -56.63 4.31 -4.39
C SER E 507 -56.80 4.19 -5.89
N SER E 508 -56.12 5.04 -6.64
CA SER E 508 -56.26 4.99 -8.09
C SER E 508 -55.02 5.47 -8.83
N TRP E 509 -54.91 5.07 -10.09
CA TRP E 509 -53.80 5.48 -10.92
C TRP E 509 -54.33 6.19 -12.16
N ALA E 510 -53.63 7.22 -12.58
CA ALA E 510 -54.09 8.10 -13.65
C ALA E 510 -53.33 7.81 -14.93
N LEU E 511 -54.06 7.69 -16.03
CA LEU E 511 -53.48 7.44 -17.34
C LEU E 511 -54.16 8.36 -18.35
N ASN E 512 -53.38 9.24 -18.96
CA ASN E 512 -53.88 10.14 -20.00
C ASN E 512 -55.10 10.92 -19.52
N GLY E 513 -55.02 11.45 -18.30
CA GLY E 513 -56.09 12.22 -17.73
C GLY E 513 -57.23 11.41 -17.16
N ARG E 514 -57.32 10.13 -17.50
CA ARG E 514 -58.38 9.27 -17.00
C ARG E 514 -57.92 8.51 -15.77
N ASN E 515 -58.56 8.78 -14.64
CA ASN E 515 -58.30 8.08 -13.40
C ASN E 515 -58.85 6.67 -13.50
N SER E 516 -58.09 5.70 -13.00
CA SER E 516 -58.51 4.32 -12.96
C SER E 516 -58.33 3.79 -11.55
N LEU E 517 -59.39 3.21 -11.00
CA LEU E 517 -59.29 2.57 -9.70
C LEU E 517 -58.22 1.50 -9.72
N MET E 518 -57.55 1.31 -8.60
CA MET E 518 -56.51 0.28 -8.49
C MET E 518 -57.19 -0.99 -8.02
N ASN E 519 -57.36 -1.93 -8.93
CA ASN E 519 -58.04 -3.17 -8.60
C ASN E 519 -57.40 -4.34 -9.35
N PRO E 520 -57.12 -5.45 -8.67
CA PRO E 520 -57.03 -5.59 -7.21
C PRO E 520 -55.80 -4.87 -6.67
N GLY E 521 -54.85 -4.61 -7.56
CA GLY E 521 -53.62 -3.93 -7.18
C GLY E 521 -52.50 -4.92 -6.95
N PRO E 522 -51.39 -4.43 -6.39
CA PRO E 522 -50.29 -5.33 -6.05
C PRO E 522 -50.70 -6.29 -4.94
N ALA E 523 -50.02 -7.43 -4.89
CA ALA E 523 -50.38 -8.46 -3.92
C ALA E 523 -49.94 -8.03 -2.54
N MET E 524 -50.91 -7.93 -1.62
CA MET E 524 -50.64 -7.49 -0.26
C MET E 524 -51.57 -8.24 0.68
N ALA E 525 -51.14 -8.38 1.93
CA ALA E 525 -51.97 -9.02 2.93
C ALA E 525 -53.25 -8.22 3.12
N SER E 526 -54.37 -8.94 3.19
CA SER E 526 -55.67 -8.27 3.24
C SER E 526 -55.85 -7.50 4.54
N HIS E 527 -55.35 -8.03 5.64
CA HIS E 527 -55.58 -7.42 6.94
C HIS E 527 -54.52 -7.91 7.91
N LYS E 528 -54.34 -7.16 8.99
CA LYS E 528 -53.44 -7.61 10.02
C LYS E 528 -53.96 -8.89 10.65
N GLU E 529 -53.03 -9.67 11.20
CA GLU E 529 -53.43 -10.83 11.98
C GLU E 529 -54.13 -10.38 13.25
N GLY E 530 -55.26 -11.01 13.54
CA GLY E 530 -56.08 -10.65 14.67
C GLY E 530 -57.26 -9.76 14.34
N GLU E 531 -57.20 -9.04 13.22
CA GLU E 531 -58.35 -8.31 12.70
C GLU E 531 -58.70 -8.91 11.35
N ASP E 532 -59.75 -9.72 11.32
CA ASP E 532 -60.29 -10.26 10.07
C ASP E 532 -61.55 -9.54 9.60
N ARG E 533 -62.04 -8.57 10.37
CA ARG E 533 -63.25 -7.87 9.97
C ARG E 533 -62.99 -6.76 8.98
N PHE E 534 -61.72 -6.44 8.73
CA PHE E 534 -61.34 -5.37 7.83
C PHE E 534 -60.88 -5.94 6.50
N PHE E 535 -61.16 -5.23 5.42
CA PHE E 535 -60.69 -5.62 4.10
C PHE E 535 -60.31 -4.38 3.33
N PRO E 536 -59.31 -4.48 2.45
CA PRO E 536 -58.95 -3.33 1.61
C PRO E 536 -60.11 -2.95 0.71
N LEU E 537 -60.24 -1.65 0.48
CA LEU E 537 -61.36 -1.14 -0.30
C LEU E 537 -61.40 -1.79 -1.67
N SER E 538 -60.43 -1.47 -2.53
CA SER E 538 -60.33 -2.05 -3.85
C SER E 538 -59.36 -3.22 -3.92
N GLY E 539 -58.82 -3.67 -2.79
CA GLY E 539 -57.69 -4.58 -2.83
C GLY E 539 -58.01 -6.05 -2.91
N SER E 540 -59.27 -6.44 -2.82
CA SER E 540 -59.64 -7.84 -2.78
C SER E 540 -60.46 -8.21 -4.00
N LEU E 541 -60.41 -9.50 -4.35
CA LEU E 541 -61.35 -10.06 -5.31
C LEU E 541 -62.65 -10.40 -4.58
N ILE E 542 -63.76 -9.92 -5.12
CA ILE E 542 -65.06 -10.14 -4.48
C ILE E 542 -65.91 -11.12 -5.26
N ILE E 560 -65.90 -11.82 -0.62
CA ILE E 560 -64.66 -11.09 -0.32
C ILE E 560 -63.56 -12.06 0.10
N THR E 561 -62.65 -12.36 -0.82
CA THR E 561 -61.52 -13.21 -0.48
C THR E 561 -60.48 -12.42 0.29
N ASN E 562 -59.77 -13.11 1.19
CA ASN E 562 -58.71 -12.49 1.97
C ASN E 562 -57.37 -13.13 1.62
N GLU E 563 -56.34 -12.29 1.59
CA GLU E 563 -54.99 -12.68 1.20
C GLU E 563 -54.10 -13.05 2.37
N GLU E 564 -54.64 -13.17 3.58
CA GLU E 564 -53.83 -13.26 4.79
C GLU E 564 -52.75 -14.34 4.74
N GLU E 565 -52.83 -15.27 3.78
CA GLU E 565 -51.77 -16.27 3.65
C GLU E 565 -50.40 -15.62 3.43
N ILE E 566 -50.36 -14.49 2.75
CA ILE E 566 -49.10 -13.91 2.31
C ILE E 566 -48.59 -12.85 3.27
N LYS E 567 -49.26 -12.69 4.41
CA LYS E 567 -48.83 -11.65 5.35
C LYS E 567 -47.43 -11.90 5.89
N THR E 568 -46.84 -13.06 5.61
CA THR E 568 -45.47 -13.31 6.01
C THR E 568 -44.47 -12.46 5.23
N THR E 569 -44.52 -12.50 3.91
CA THR E 569 -43.58 -11.74 3.09
C THR E 569 -44.14 -10.43 2.55
N ASN E 570 -45.41 -10.12 2.77
CA ASN E 570 -45.92 -8.94 2.10
C ASN E 570 -46.55 -7.98 3.11
N PRO E 571 -46.47 -6.68 2.88
CA PRO E 571 -47.07 -5.73 3.82
C PRO E 571 -48.58 -5.75 3.73
N VAL E 572 -49.22 -5.25 4.78
CA VAL E 572 -50.67 -5.17 4.81
C VAL E 572 -51.15 -4.05 3.91
N ALA E 573 -52.17 -4.34 3.11
CA ALA E 573 -52.63 -3.38 2.11
C ALA E 573 -53.19 -2.11 2.74
N THR E 574 -53.56 -2.16 4.01
CA THR E 574 -54.12 -1.00 4.68
C THR E 574 -53.09 -0.24 5.50
N GLU E 575 -51.84 -0.69 5.50
CA GLU E 575 -50.81 -0.16 6.37
C GLU E 575 -49.74 0.56 5.57
N SER E 576 -49.07 1.47 6.25
CA SER E 576 -47.88 2.12 5.69
C SER E 576 -46.75 1.12 5.60
N TYR E 577 -45.90 1.29 4.58
CA TYR E 577 -44.77 0.38 4.44
C TYR E 577 -43.81 0.55 5.60
N GLY E 578 -43.69 1.75 6.14
CA GLY E 578 -42.77 2.01 7.23
C GLY E 578 -42.56 3.49 7.39
N GLN E 579 -41.42 3.84 7.98
CA GLN E 579 -41.04 5.23 8.16
C GLN E 579 -39.68 5.50 7.53
N VAL E 580 -39.41 6.78 7.27
CA VAL E 580 -38.10 7.27 6.85
C VAL E 580 -37.87 8.60 7.55
N ALA E 581 -36.61 8.98 7.69
CA ALA E 581 -36.29 10.25 8.30
C ALA E 581 -36.53 11.37 7.30
N THR E 582 -37.13 12.47 7.78
CA THR E 582 -37.40 13.60 6.90
C THR E 582 -36.43 14.75 7.04
N ASN E 583 -35.47 14.70 7.96
CA ASN E 583 -34.59 15.84 8.15
C ASN E 583 -33.28 15.38 8.77
N HIS E 584 -32.31 16.29 8.75
CA HIS E 584 -31.10 16.16 9.55
C HIS E 584 -31.38 16.62 10.97
N GLN E 585 -31.18 15.74 11.93
CA GLN E 585 -31.20 16.16 13.31
C GLN E 585 -29.99 17.04 13.57
N SER E 586 -30.05 17.77 14.67
CA SER E 586 -28.91 18.59 15.09
C SER E 586 -29.18 19.03 16.51
N ALA E 587 -28.24 19.82 17.05
CA ALA E 587 -28.45 20.37 18.38
C ALA E 587 -29.75 21.14 18.46
N GLN E 588 -30.17 21.77 17.36
CA GLN E 588 -31.39 22.55 17.38
C GLN E 588 -32.60 21.84 16.79
N ALA E 589 -32.45 20.63 16.27
CA ALA E 589 -33.52 20.00 15.50
C ALA E 589 -33.71 18.56 15.93
N GLN E 590 -34.94 18.23 16.34
CA GLN E 590 -35.25 16.86 16.68
C GLN E 590 -35.42 16.01 15.43
N ALA E 591 -35.17 14.73 15.58
CA ALA E 591 -35.34 13.82 14.45
C ALA E 591 -36.81 13.72 14.07
N GLN E 592 -37.08 13.79 12.78
CA GLN E 592 -38.44 13.74 12.28
C GLN E 592 -38.56 12.61 11.27
N THR E 593 -39.69 11.94 11.30
CA THR E 593 -39.97 10.84 10.39
C THR E 593 -41.28 11.09 9.67
N GLY E 594 -41.52 10.32 8.63
CA GLY E 594 -42.75 10.39 7.89
C GLY E 594 -43.14 9.01 7.41
N TRP E 595 -44.40 8.87 7.05
CA TRP E 595 -44.94 7.55 6.74
C TRP E 595 -44.84 7.30 5.25
N VAL E 596 -44.23 6.17 4.88
CA VAL E 596 -44.18 5.78 3.48
C VAL E 596 -45.52 5.16 3.13
N GLN E 597 -46.28 5.82 2.27
CA GLN E 597 -47.56 5.26 1.88
C GLN E 597 -47.43 4.29 0.73
N ASN E 598 -46.62 4.61 -0.27
CA ASN E 598 -46.33 3.70 -1.36
C ASN E 598 -44.83 3.49 -1.46
N GLN E 599 -44.43 2.29 -1.82
CA GLN E 599 -43.02 1.97 -1.97
C GLN E 599 -42.83 1.08 -3.18
N GLY E 600 -41.91 1.46 -4.06
CA GLY E 600 -41.59 0.66 -5.20
C GLY E 600 -40.59 -0.44 -4.87
N ILE E 601 -40.12 -1.10 -5.91
CA ILE E 601 -39.15 -2.17 -5.73
C ILE E 601 -37.85 -1.63 -5.19
N LEU E 602 -37.28 -2.35 -4.24
CA LEU E 602 -35.92 -2.13 -3.76
C LEU E 602 -35.15 -3.44 -3.90
N PRO E 603 -33.84 -3.36 -4.10
CA PRO E 603 -33.05 -4.60 -4.12
C PRO E 603 -33.13 -5.29 -2.77
N GLY E 604 -33.31 -6.61 -2.81
CA GLY E 604 -33.49 -7.38 -1.61
C GLY E 604 -34.91 -7.52 -1.15
N MET E 605 -35.89 -7.20 -1.99
CA MET E 605 -37.27 -7.50 -1.67
C MET E 605 -37.65 -8.90 -2.12
N VAL E 606 -38.50 -9.54 -1.34
CA VAL E 606 -39.18 -10.76 -1.74
C VAL E 606 -40.67 -10.53 -1.53
N TRP E 607 -41.48 -11.21 -2.34
CA TRP E 607 -42.93 -11.09 -2.19
C TRP E 607 -43.57 -12.33 -2.78
N GLN E 608 -44.83 -12.53 -2.40
CA GLN E 608 -45.70 -13.56 -2.96
C GLN E 608 -46.70 -12.94 -3.90
N ASP F 219 -11.96 -46.45 12.05
CA ASP F 219 -10.97 -47.46 11.68
C ASP F 219 -10.25 -48.00 12.91
N GLY F 220 -10.00 -47.14 13.89
CA GLY F 220 -9.33 -47.55 15.11
C GLY F 220 -9.33 -46.44 16.13
N VAL F 221 -9.14 -46.83 17.39
CA VAL F 221 -9.08 -45.85 18.47
C VAL F 221 -7.71 -45.21 18.54
N GLY F 222 -6.68 -45.94 18.14
CA GLY F 222 -5.31 -45.46 18.19
C GLY F 222 -4.75 -44.98 16.88
N SER F 223 -5.57 -44.83 15.85
CA SER F 223 -5.16 -44.31 14.57
C SER F 223 -5.98 -43.06 14.26
N SER F 224 -5.28 -41.96 13.97
CA SER F 224 -5.94 -40.68 13.70
C SER F 224 -6.70 -40.73 12.38
N SER F 225 -7.85 -40.07 12.35
CA SER F 225 -8.75 -40.13 11.21
C SER F 225 -8.52 -39.02 10.19
N GLY F 226 -7.74 -38.00 10.53
CA GLY F 226 -7.47 -36.93 9.57
C GLY F 226 -6.40 -36.01 10.08
N ASN F 227 -5.73 -35.35 9.13
CA ASN F 227 -4.64 -34.44 9.41
C ASN F 227 -5.13 -33.01 9.54
N TRP F 228 -4.18 -32.12 9.82
CA TRP F 228 -4.46 -30.71 10.07
C TRP F 228 -4.09 -29.92 8.82
N HIS F 229 -5.08 -29.37 8.14
CA HIS F 229 -4.85 -28.58 6.93
C HIS F 229 -5.31 -27.15 7.16
N CYS F 230 -4.35 -26.23 7.20
CA CYS F 230 -4.64 -24.81 7.06
C CYS F 230 -3.57 -24.20 6.18
N ASP F 231 -3.98 -23.57 5.09
CA ASP F 231 -3.15 -22.67 4.29
C ASP F 231 -3.92 -22.21 3.07
N SER F 232 -3.34 -21.32 2.29
CA SER F 232 -3.94 -20.81 1.08
C SER F 232 -2.99 -21.01 -0.09
N GLN F 233 -3.53 -21.49 -1.20
CA GLN F 233 -2.76 -21.66 -2.43
C GLN F 233 -3.27 -20.66 -3.44
N TRP F 234 -2.40 -19.75 -3.87
CA TRP F 234 -2.74 -18.77 -4.88
C TRP F 234 -2.28 -19.32 -6.22
N LEU F 235 -3.22 -19.67 -7.08
CA LEU F 235 -2.91 -20.24 -8.38
C LEU F 235 -3.65 -19.42 -9.42
N GLY F 236 -2.93 -18.62 -10.19
CA GLY F 236 -3.56 -17.94 -11.29
C GLY F 236 -4.77 -17.13 -10.89
N ASP F 237 -5.90 -17.49 -11.47
CA ASP F 237 -7.18 -16.85 -11.25
C ASP F 237 -7.97 -17.47 -10.09
N ARG F 238 -7.39 -18.39 -9.34
CA ARG F 238 -8.10 -19.10 -8.30
C ARG F 238 -7.33 -19.07 -6.99
N VAL F 239 -8.07 -19.14 -5.89
CA VAL F 239 -7.48 -19.23 -4.57
C VAL F 239 -8.17 -20.38 -3.85
N ILE F 240 -7.38 -21.16 -3.13
CA ILE F 240 -7.89 -22.25 -2.34
C ILE F 240 -7.49 -22.00 -0.91
N THR F 241 -8.48 -21.80 -0.04
CA THR F 241 -8.24 -21.48 1.35
C THR F 241 -8.76 -22.61 2.23
N THR F 242 -7.85 -23.25 2.95
CA THR F 242 -8.20 -24.36 3.83
C THR F 242 -8.06 -23.90 5.27
N SER F 243 -9.09 -24.15 6.07
CA SER F 243 -9.08 -23.78 7.48
C SER F 243 -9.48 -24.98 8.34
N THR F 244 -8.72 -25.21 9.40
CA THR F 244 -8.95 -26.32 10.32
C THR F 244 -9.02 -25.81 11.75
N ARG F 245 -10.12 -26.12 12.43
CA ARG F 245 -10.31 -25.66 13.80
C ARG F 245 -10.63 -26.83 14.72
N THR F 246 -10.35 -26.62 16.01
CA THR F 246 -10.69 -27.55 17.07
C THR F 246 -11.92 -27.06 17.80
N TRP F 247 -12.92 -27.94 17.92
CA TRP F 247 -14.23 -27.56 18.43
C TRP F 247 -14.59 -28.38 19.65
N ALA F 248 -15.59 -27.90 20.38
CA ALA F 248 -16.11 -28.59 21.54
C ALA F 248 -17.63 -28.49 21.55
N LEU F 249 -18.30 -29.63 21.66
CA LEU F 249 -19.76 -29.67 21.63
C LEU F 249 -20.31 -30.15 22.96
N PRO F 250 -21.06 -29.35 23.69
CA PRO F 250 -21.73 -29.82 24.90
C PRO F 250 -23.05 -30.49 24.57
N THR F 251 -23.80 -30.81 25.61
CA THR F 251 -25.16 -31.31 25.44
C THR F 251 -26.13 -30.18 25.75
N TYR F 252 -27.01 -29.86 24.80
CA TYR F 252 -27.92 -28.75 24.93
C TYR F 252 -29.32 -29.22 25.32
N ASN F 253 -29.92 -28.49 26.25
CA ASN F 253 -31.30 -28.72 26.71
C ASN F 253 -31.50 -30.09 27.29
N ASN F 254 -30.43 -30.74 27.77
CA ASN F 254 -30.51 -32.09 28.29
C ASN F 254 -31.27 -33.00 27.32
N HIS F 255 -30.92 -32.89 26.04
CA HIS F 255 -31.48 -33.70 24.96
C HIS F 255 -32.95 -33.42 24.71
N LEU F 256 -33.46 -32.24 25.05
CA LEU F 256 -34.89 -31.96 25.00
C LEU F 256 -35.23 -30.79 24.07
N TYR F 257 -35.92 -31.09 22.97
CA TYR F 257 -36.59 -30.05 22.22
C TYR F 257 -37.50 -29.27 23.16
N LYS F 258 -37.41 -27.94 23.14
CA LYS F 258 -38.21 -27.14 24.06
C LYS F 258 -38.82 -25.94 23.35
N GLN F 259 -40.11 -25.73 23.58
CA GLN F 259 -40.79 -24.54 23.11
C GLN F 259 -40.22 -23.29 23.79
N ILE F 260 -40.01 -22.24 23.00
CA ILE F 260 -39.52 -20.97 23.51
C ILE F 260 -40.31 -19.85 22.85
N SER F 261 -40.57 -18.81 23.63
CA SER F 261 -41.30 -17.65 23.15
C SER F 261 -40.91 -16.46 24.02
N ASN F 262 -41.49 -15.31 23.71
CA ASN F 262 -41.07 -14.07 24.33
C ASN F 262 -41.56 -13.98 25.77
N SER F 263 -42.78 -14.48 26.02
CA SER F 263 -43.38 -14.36 27.34
C SER F 263 -42.59 -15.13 28.39
N THR F 264 -41.80 -16.11 27.97
CA THR F 264 -40.88 -16.75 28.90
C THR F 264 -39.92 -15.73 29.51
N SER F 265 -39.44 -14.79 28.72
CA SER F 265 -38.67 -13.66 29.23
C SER F 265 -39.50 -12.41 29.41
N GLY F 266 -40.78 -12.44 29.04
CA GLY F 266 -41.71 -11.36 29.28
C GLY F 266 -42.03 -10.50 28.07
N GLY F 267 -41.12 -10.41 27.09
CA GLY F 267 -41.43 -9.91 25.77
C GLY F 267 -42.29 -8.67 25.68
N SER F 268 -42.03 -7.67 26.53
CA SER F 268 -43.00 -6.60 26.75
C SER F 268 -43.41 -5.88 25.49
N SER F 269 -42.64 -5.97 24.41
CA SER F 269 -42.93 -5.29 23.17
C SER F 269 -43.61 -6.25 22.20
N ASN F 270 -44.59 -5.75 21.46
CA ASN F 270 -45.19 -6.55 20.40
C ASN F 270 -44.24 -6.75 19.24
N ASP F 271 -43.39 -5.77 18.96
CA ASP F 271 -42.43 -5.90 17.88
C ASP F 271 -41.40 -6.97 18.17
N ASN F 272 -41.24 -7.35 19.43
CA ASN F 272 -40.29 -8.37 19.86
C ASN F 272 -40.90 -9.75 19.99
N ALA F 273 -42.16 -9.93 19.63
CA ALA F 273 -42.85 -11.19 19.88
C ALA F 273 -42.36 -12.31 18.97
N TYR F 274 -42.00 -13.43 19.56
CA TYR F 274 -41.52 -14.57 18.78
C TYR F 274 -42.02 -15.87 19.38
N PHE F 275 -42.07 -16.90 18.54
CA PHE F 275 -42.42 -18.25 18.96
C PHE F 275 -41.57 -19.25 18.18
N GLY F 276 -40.97 -20.18 18.90
CA GLY F 276 -40.14 -21.18 18.25
C GLY F 276 -39.62 -22.21 19.22
N TYR F 277 -38.58 -22.92 18.81
CA TYR F 277 -38.06 -24.05 19.57
C TYR F 277 -36.55 -23.99 19.68
N SER F 278 -36.03 -24.57 20.75
CA SER F 278 -34.60 -24.76 20.94
C SER F 278 -34.30 -26.24 21.00
N THR F 279 -33.30 -26.68 20.26
CA THR F 279 -33.09 -28.09 20.01
C THR F 279 -31.79 -28.56 20.64
N PRO F 280 -31.63 -29.86 20.87
CA PRO F 280 -30.36 -30.36 21.40
C PRO F 280 -29.21 -30.26 20.42
N TRP F 281 -29.47 -30.06 19.14
CA TRP F 281 -28.45 -30.14 18.11
C TRP F 281 -27.58 -28.89 18.08
N GLY F 282 -26.32 -29.07 17.68
CA GLY F 282 -25.45 -27.98 17.32
C GLY F 282 -25.23 -27.92 15.81
N TYR F 283 -24.64 -26.82 15.37
CA TYR F 283 -24.36 -26.63 13.94
C TYR F 283 -23.06 -25.87 13.79
N PHE F 284 -22.38 -26.12 12.67
CA PHE F 284 -21.16 -25.37 12.34
C PHE F 284 -21.50 -24.18 11.48
N ASP F 285 -20.90 -23.03 11.79
CA ASP F 285 -21.07 -21.82 11.00
C ASP F 285 -19.70 -21.26 10.61
N PHE F 286 -19.34 -21.39 9.34
CA PHE F 286 -18.14 -20.80 8.77
C PHE F 286 -18.40 -19.58 7.90
N ASN F 287 -19.57 -18.96 8.02
CA ASN F 287 -20.09 -17.99 7.06
C ASN F 287 -19.48 -16.58 7.21
N ARG F 288 -18.46 -16.36 8.02
CA ARG F 288 -17.73 -15.09 8.03
C ARG F 288 -16.40 -15.24 7.29
N PHE F 289 -15.90 -14.14 6.73
CA PHE F 289 -14.69 -14.21 5.91
C PHE F 289 -13.45 -14.53 6.70
N HIS F 290 -13.23 -13.89 7.86
CA HIS F 290 -11.98 -14.19 8.54
C HIS F 290 -11.84 -15.65 8.93
N CYS F 291 -12.90 -16.43 8.82
CA CYS F 291 -12.75 -17.88 8.91
C CYS F 291 -11.76 -18.39 7.87
N HIS F 292 -11.92 -17.97 6.62
CA HIS F 292 -11.17 -18.54 5.52
C HIS F 292 -9.93 -17.75 5.11
N PHE F 293 -9.77 -16.51 5.57
CA PHE F 293 -8.69 -15.66 5.12
C PHE F 293 -7.93 -15.10 6.31
N SER F 294 -6.61 -15.23 6.26
CA SER F 294 -5.79 -14.48 7.18
C SER F 294 -5.79 -13.03 6.74
N PRO F 295 -5.41 -12.12 7.64
CA PRO F 295 -5.31 -10.72 7.22
C PRO F 295 -4.36 -10.52 6.05
N ARG F 296 -3.22 -11.19 6.05
CA ARG F 296 -2.33 -11.10 4.91
C ARG F 296 -3.01 -11.57 3.64
N ASP F 297 -3.61 -12.77 3.67
CA ASP F 297 -4.29 -13.27 2.48
C ASP F 297 -5.43 -12.37 2.07
N TRP F 298 -6.05 -11.68 3.03
CA TRP F 298 -7.11 -10.75 2.67
C TRP F 298 -6.53 -9.55 1.95
N GLN F 299 -5.31 -9.16 2.29
CA GLN F 299 -4.67 -8.05 1.62
C GLN F 299 -4.35 -8.41 0.17
N ARG F 300 -3.70 -9.56 -0.03
CA ARG F 300 -3.39 -10.02 -1.38
C ARG F 300 -4.63 -10.04 -2.26
N LEU F 301 -5.75 -10.41 -1.67
CA LEU F 301 -7.00 -10.47 -2.43
C LEU F 301 -7.42 -9.09 -2.87
N ILE F 302 -7.51 -8.15 -1.92
CA ILE F 302 -8.19 -6.89 -2.20
C ILE F 302 -7.29 -5.91 -2.94
N ASN F 303 -5.97 -6.01 -2.79
CA ASN F 303 -5.11 -5.09 -3.50
C ASN F 303 -4.94 -5.47 -4.95
N ASN F 304 -5.00 -6.75 -5.26
CA ASN F 304 -4.67 -7.20 -6.61
C ASN F 304 -5.86 -7.57 -7.48
N ASN F 305 -7.08 -7.53 -6.98
CA ASN F 305 -8.17 -8.15 -7.72
C ASN F 305 -9.39 -7.25 -7.79
N TRP F 306 -10.01 -7.24 -8.96
CA TRP F 306 -11.28 -6.55 -9.14
C TRP F 306 -12.49 -7.34 -8.67
N GLY F 307 -12.44 -8.66 -8.65
CA GLY F 307 -13.61 -9.39 -8.21
C GLY F 307 -13.27 -10.81 -7.82
N PHE F 308 -14.18 -11.41 -7.06
CA PHE F 308 -13.99 -12.78 -6.61
C PHE F 308 -15.35 -13.38 -6.28
N ARG F 309 -15.37 -14.68 -6.12
CA ARG F 309 -16.58 -15.42 -5.81
C ARG F 309 -16.25 -16.87 -5.53
N PRO F 310 -17.00 -17.55 -4.67
CA PRO F 310 -16.69 -18.94 -4.35
C PRO F 310 -17.13 -19.90 -5.45
N LYS F 311 -16.43 -21.02 -5.50
CA LYS F 311 -16.72 -22.07 -6.49
C LYS F 311 -17.09 -23.38 -5.82
N ARG F 312 -16.15 -24.01 -5.11
CA ARG F 312 -16.35 -25.32 -4.50
C ARG F 312 -16.11 -25.23 -3.01
N LEU F 313 -16.80 -26.10 -2.28
CA LEU F 313 -16.71 -26.18 -0.83
C LEU F 313 -16.40 -27.61 -0.46
N ASN F 314 -15.48 -27.80 0.48
CA ASN F 314 -15.11 -29.14 0.90
C ASN F 314 -14.99 -29.17 2.41
N PHE F 315 -15.82 -29.99 3.05
CA PHE F 315 -15.96 -29.97 4.50
C PHE F 315 -15.53 -31.32 5.05
N LYS F 316 -14.82 -31.31 6.18
CA LYS F 316 -14.36 -32.53 6.82
C LYS F 316 -14.47 -32.41 8.33
N LEU F 317 -14.87 -33.51 8.95
CA LEU F 317 -15.07 -33.57 10.39
C LEU F 317 -14.44 -34.86 10.89
N PHE F 318 -13.46 -34.76 11.77
CA PHE F 318 -12.64 -35.92 12.07
C PHE F 318 -12.03 -35.78 13.46
N ASN F 319 -11.27 -36.81 13.84
CA ASN F 319 -10.67 -36.95 15.17
C ASN F 319 -11.68 -36.64 16.28
N ILE F 320 -12.86 -37.24 16.17
CA ILE F 320 -13.88 -37.07 17.20
C ILE F 320 -13.39 -37.70 18.50
N GLN F 321 -13.75 -37.08 19.62
CA GLN F 321 -13.48 -37.62 20.94
C GLN F 321 -14.67 -37.29 21.81
N VAL F 322 -15.12 -38.24 22.62
CA VAL F 322 -16.26 -38.03 23.50
C VAL F 322 -15.78 -38.17 24.94
N LYS F 323 -16.30 -37.33 25.81
CA LYS F 323 -15.93 -37.32 27.22
C LYS F 323 -17.18 -37.45 28.08
N GLU F 324 -17.04 -38.10 29.23
CA GLU F 324 -18.12 -38.22 30.19
C GLU F 324 -17.72 -37.50 31.48
N VAL F 325 -18.67 -36.75 32.03
CA VAL F 325 -18.41 -35.86 33.15
C VAL F 325 -19.01 -36.48 34.41
N THR F 326 -18.18 -36.72 35.41
CA THR F 326 -18.63 -37.28 36.68
C THR F 326 -18.02 -36.50 37.83
N ASP F 327 -18.84 -36.30 38.86
CA ASP F 327 -18.38 -35.71 40.11
C ASP F 327 -18.15 -36.85 41.09
N ASN F 328 -16.88 -37.13 41.37
CA ASN F 328 -16.50 -38.19 42.29
C ASN F 328 -16.06 -37.51 43.58
N ASN F 329 -16.73 -37.85 44.68
CA ASN F 329 -16.56 -37.16 45.96
C ASN F 329 -16.92 -35.71 45.70
N GLY F 330 -16.03 -34.75 45.92
CA GLY F 330 -16.35 -33.35 45.65
C GLY F 330 -15.71 -32.81 44.40
N VAL F 331 -14.94 -33.64 43.70
CA VAL F 331 -14.17 -33.21 42.54
C VAL F 331 -14.76 -33.84 41.29
N LYS F 332 -14.57 -33.16 40.16
CA LYS F 332 -15.14 -33.59 38.89
C LYS F 332 -14.14 -34.43 38.11
N THR F 333 -14.66 -35.42 37.38
CA THR F 333 -13.84 -36.39 36.68
C THR F 333 -14.30 -36.49 35.24
N ILE F 334 -13.34 -36.59 34.32
CA ILE F 334 -13.60 -36.69 32.89
C ILE F 334 -12.70 -37.77 32.32
N ALA F 335 -13.27 -38.65 31.51
CA ALA F 335 -12.51 -39.71 30.88
C ALA F 335 -13.14 -40.09 29.55
N ASN F 336 -12.36 -40.81 28.74
CA ASN F 336 -12.81 -41.21 27.42
C ASN F 336 -13.97 -42.17 27.51
N ASN F 337 -14.97 -41.97 26.66
CA ASN F 337 -16.02 -42.94 26.43
C ASN F 337 -15.86 -43.44 25.01
N LEU F 338 -15.33 -44.64 24.85
CA LEU F 338 -14.91 -45.08 23.53
C LEU F 338 -16.06 -45.62 22.69
N THR F 339 -17.19 -45.94 23.31
CA THR F 339 -18.33 -46.47 22.58
C THR F 339 -19.31 -45.40 22.14
N SER F 340 -19.17 -44.17 22.65
CA SER F 340 -20.15 -43.14 22.36
C SER F 340 -20.07 -42.71 20.90
N THR F 341 -21.18 -42.20 20.41
CA THR F 341 -21.27 -41.72 19.04
C THR F 341 -21.72 -40.27 19.00
N VAL F 342 -21.47 -39.65 17.85
CA VAL F 342 -21.93 -38.32 17.55
C VAL F 342 -22.74 -38.38 16.26
N GLN F 343 -23.90 -37.72 16.25
CA GLN F 343 -24.73 -37.65 15.06
C GLN F 343 -24.43 -36.36 14.30
N VAL F 344 -24.30 -36.49 12.99
CA VAL F 344 -24.03 -35.36 12.11
C VAL F 344 -24.76 -35.57 10.79
N PHE F 345 -25.45 -34.52 10.31
CA PHE F 345 -26.07 -34.61 9.00
C PHE F 345 -26.11 -33.23 8.38
N THR F 346 -26.18 -33.21 7.06
CA THR F 346 -26.32 -31.97 6.30
C THR F 346 -27.72 -31.90 5.70
N ASP F 347 -28.26 -30.69 5.61
CA ASP F 347 -29.55 -30.52 4.97
C ASP F 347 -29.26 -30.09 3.55
N SER F 348 -29.30 -31.04 2.63
CA SER F 348 -29.02 -30.78 1.24
C SER F 348 -30.28 -30.59 0.41
N ASP F 349 -31.45 -30.83 0.98
CA ASP F 349 -32.70 -30.48 0.35
C ASP F 349 -33.29 -29.20 0.94
N TYR F 350 -32.62 -28.61 1.93
CA TYR F 350 -32.99 -27.30 2.46
C TYR F 350 -34.39 -27.34 3.07
N GLN F 351 -34.71 -28.44 3.73
CA GLN F 351 -36.00 -28.61 4.38
C GLN F 351 -36.06 -27.99 5.76
N LEU F 352 -34.96 -27.77 6.41
CA LEU F 352 -34.99 -27.14 7.71
C LEU F 352 -34.92 -25.63 7.57
N PRO F 353 -35.44 -24.91 8.55
CA PRO F 353 -35.19 -23.47 8.62
C PRO F 353 -33.70 -23.17 8.58
N TYR F 354 -33.34 -22.20 7.76
CA TYR F 354 -31.95 -21.88 7.49
C TYR F 354 -31.59 -20.64 8.31
N VAL F 355 -30.80 -20.84 9.37
CA VAL F 355 -30.46 -19.75 10.28
C VAL F 355 -29.08 -19.17 10.02
N LEU F 356 -28.34 -19.71 9.06
CA LEU F 356 -26.98 -19.23 8.86
C LEU F 356 -26.91 -17.80 8.38
N GLY F 357 -27.83 -17.37 7.53
CA GLY F 357 -27.72 -16.07 6.90
C GLY F 357 -28.18 -14.90 7.74
N SER F 358 -28.21 -15.09 9.05
CA SER F 358 -28.68 -14.05 9.94
C SER F 358 -27.60 -13.34 10.74
N ALA F 359 -26.36 -13.44 10.28
CA ALA F 359 -25.21 -12.78 10.92
C ALA F 359 -25.05 -13.13 12.40
N HIS F 360 -25.26 -14.40 12.72
CA HIS F 360 -25.15 -14.87 14.08
C HIS F 360 -23.73 -15.08 14.57
N GLU F 361 -23.59 -15.02 15.89
CA GLU F 361 -22.34 -15.25 16.58
C GLU F 361 -22.11 -16.76 16.66
N GLY F 362 -20.89 -17.21 16.94
CA GLY F 362 -20.66 -18.64 17.02
C GLY F 362 -20.00 -19.28 15.81
N CYS F 363 -19.50 -18.45 14.90
CA CYS F 363 -18.78 -18.91 13.72
C CYS F 363 -17.36 -19.36 14.10
N LEU F 364 -16.70 -20.09 13.21
CA LEU F 364 -15.34 -20.54 13.50
C LEU F 364 -14.47 -19.32 13.73
N PRO F 365 -13.64 -19.37 14.78
CA PRO F 365 -12.78 -18.26 15.20
C PRO F 365 -11.83 -17.77 14.13
N PRO F 366 -11.56 -16.45 14.13
CA PRO F 366 -10.62 -15.93 13.14
C PRO F 366 -9.22 -16.45 13.29
N PHE F 367 -8.77 -16.62 14.47
CA PHE F 367 -7.40 -17.04 14.69
C PHE F 367 -7.35 -18.54 14.90
N PRO F 368 -6.53 -19.28 14.16
CA PRO F 368 -6.67 -20.74 14.15
C PRO F 368 -6.29 -21.41 15.45
N ALA F 369 -5.60 -20.73 16.35
CA ALA F 369 -5.16 -21.36 17.59
C ALA F 369 -6.20 -21.30 18.68
N ASP F 370 -7.40 -20.83 18.39
CA ASP F 370 -8.46 -20.78 19.38
C ASP F 370 -9.40 -21.95 19.18
N VAL F 371 -9.91 -22.46 20.31
CA VAL F 371 -10.88 -23.54 20.33
C VAL F 371 -12.24 -22.95 20.65
N PHE F 372 -13.27 -23.36 19.93
CA PHE F 372 -14.54 -22.67 20.02
C PHE F 372 -15.67 -23.63 20.35
N MET F 373 -16.75 -23.05 20.84
CA MET F 373 -17.92 -23.78 21.30
C MET F 373 -19.02 -23.74 20.25
N ILE F 374 -19.38 -24.92 19.73
CA ILE F 374 -20.40 -25.03 18.70
C ILE F 374 -21.68 -24.35 19.19
N PRO F 375 -22.39 -23.62 18.34
CA PRO F 375 -23.65 -23.00 18.77
C PRO F 375 -24.80 -23.99 18.81
N GLN F 376 -25.77 -23.68 19.66
CA GLN F 376 -26.99 -24.47 19.76
C GLN F 376 -27.97 -24.06 18.67
N TYR F 377 -28.39 -25.03 17.86
CA TYR F 377 -29.34 -24.77 16.79
C TYR F 377 -30.69 -24.39 17.38
N GLY F 378 -31.49 -23.68 16.59
CA GLY F 378 -32.81 -23.26 17.00
C GLY F 378 -33.51 -22.69 15.80
N TYR F 379 -34.81 -22.46 15.93
CA TYR F 379 -35.55 -21.83 14.85
C TYR F 379 -36.83 -21.23 15.38
N LEU F 380 -37.44 -20.39 14.57
CA LEU F 380 -38.71 -19.75 14.87
C LEU F 380 -39.71 -20.09 13.79
N THR F 381 -40.98 -19.86 14.10
CA THR F 381 -42.05 -20.02 13.13
C THR F 381 -43.13 -18.98 13.39
N LEU F 382 -44.28 -19.12 12.73
CA LEU F 382 -45.31 -18.10 12.81
C LEU F 382 -45.77 -17.92 14.25
N ASN F 383 -46.26 -16.72 14.54
CA ASN F 383 -46.85 -16.43 15.83
C ASN F 383 -47.84 -15.30 15.69
N ASP F 384 -48.77 -15.22 16.64
CA ASP F 384 -49.61 -14.06 16.86
C ASP F 384 -49.44 -13.68 18.32
N GLY F 385 -48.83 -12.53 18.56
CA GLY F 385 -48.31 -12.30 19.90
C GLY F 385 -47.31 -13.40 20.19
N SER F 386 -47.34 -13.91 21.42
CA SER F 386 -46.47 -15.02 21.79
C SER F 386 -47.07 -16.38 21.47
N GLN F 387 -48.36 -16.44 21.16
CA GLN F 387 -48.99 -17.72 20.89
C GLN F 387 -48.75 -18.17 19.45
N ALA F 388 -48.78 -19.47 19.25
CA ALA F 388 -48.63 -20.07 17.93
C ALA F 388 -49.94 -19.96 17.16
N VAL F 389 -49.94 -20.51 15.95
CA VAL F 389 -51.13 -20.50 15.10
C VAL F 389 -51.23 -21.85 14.40
N GLY F 390 -52.39 -22.07 13.78
CA GLY F 390 -52.63 -23.34 13.12
C GLY F 390 -51.71 -23.61 11.96
N ARG F 391 -51.10 -22.58 11.38
CA ARG F 391 -50.19 -22.76 10.27
C ARG F 391 -48.74 -22.94 10.73
N SER F 392 -48.49 -22.82 12.02
CA SER F 392 -47.13 -22.97 12.53
C SER F 392 -46.62 -24.38 12.27
N SER F 393 -45.31 -24.53 12.29
CA SER F 393 -44.67 -25.81 12.01
C SER F 393 -43.77 -26.21 13.16
N PHE F 394 -43.38 -27.48 13.16
CA PHE F 394 -42.47 -28.05 14.14
C PHE F 394 -41.57 -29.03 13.41
N TYR F 395 -40.31 -29.12 13.83
CA TYR F 395 -39.32 -29.92 13.12
C TYR F 395 -38.52 -30.75 14.11
N CYS F 396 -38.53 -32.06 13.89
CA CYS F 396 -37.72 -32.98 14.67
C CYS F 396 -36.52 -33.37 13.82
N LEU F 397 -35.34 -32.88 14.21
CA LEU F 397 -34.15 -33.16 13.45
C LEU F 397 -33.81 -34.64 13.44
N GLU F 398 -34.29 -35.39 14.42
CA GLU F 398 -34.10 -36.84 14.44
C GLU F 398 -34.79 -37.52 13.26
N TYR F 399 -35.77 -36.88 12.65
CA TYR F 399 -36.49 -37.45 11.52
C TYR F 399 -35.68 -37.41 10.24
N PHE F 400 -34.57 -36.79 10.25
CA PHE F 400 -33.64 -36.76 9.13
C PHE F 400 -32.59 -37.87 9.27
N PRO F 401 -32.37 -38.63 8.22
CA PRO F 401 -31.29 -39.62 8.26
C PRO F 401 -29.96 -38.93 8.46
N SER F 402 -29.23 -39.37 9.48
CA SER F 402 -27.96 -38.77 9.83
C SER F 402 -26.93 -39.87 9.95
N GLN F 403 -25.67 -39.46 9.97
CA GLN F 403 -24.57 -40.39 10.15
C GLN F 403 -24.10 -40.33 11.59
N MET F 404 -23.71 -41.48 12.12
CA MET F 404 -23.29 -41.60 13.51
C MET F 404 -21.82 -41.96 13.54
N LEU F 405 -21.07 -41.30 14.40
CA LEU F 405 -19.61 -41.36 14.37
C LEU F 405 -19.06 -41.78 15.72
N ARG F 406 -18.24 -42.81 15.72
CA ARG F 406 -17.44 -43.16 16.88
C ARG F 406 -16.10 -42.45 16.79
N THR F 407 -15.25 -42.68 17.79
CA THR F 407 -13.99 -41.96 17.87
C THR F 407 -13.03 -42.31 16.74
N GLY F 408 -13.34 -43.32 15.94
CA GLY F 408 -12.53 -43.63 14.78
C GLY F 408 -13.11 -43.18 13.47
N ASN F 409 -14.37 -42.77 13.46
CA ASN F 409 -15.04 -42.33 12.24
C ASN F 409 -14.72 -40.87 11.93
N ASN F 410 -14.87 -40.52 10.66
CA ASN F 410 -14.75 -39.14 10.19
C ASN F 410 -15.79 -38.88 9.10
N PHE F 411 -16.20 -37.62 8.98
CA PHE F 411 -17.28 -37.21 8.11
C PHE F 411 -16.82 -36.12 7.16
N GLN F 412 -17.22 -36.24 5.90
CA GLN F 412 -16.85 -35.24 4.90
C GLN F 412 -17.90 -35.20 3.79
N PHE F 413 -17.99 -34.05 3.13
CA PHE F 413 -18.81 -33.93 1.94
C PHE F 413 -18.29 -32.76 1.13
N SER F 414 -18.68 -32.72 -0.14
CA SER F 414 -18.25 -31.66 -1.04
C SER F 414 -19.47 -30.95 -1.61
N TYR F 415 -19.35 -29.64 -1.73
CA TYR F 415 -20.44 -28.78 -2.17
C TYR F 415 -20.00 -27.98 -3.39
N GLU F 416 -20.98 -27.53 -4.16
CA GLU F 416 -20.76 -26.77 -5.38
C GLU F 416 -21.58 -25.50 -5.29
N PHE F 417 -20.92 -24.35 -5.21
CA PHE F 417 -21.63 -23.08 -5.22
C PHE F 417 -22.36 -22.88 -6.55
N GLU F 418 -23.57 -22.33 -6.47
CA GLU F 418 -24.25 -21.98 -7.70
C GLU F 418 -23.67 -20.70 -8.25
N ASN F 419 -23.83 -20.52 -9.56
CA ASN F 419 -23.19 -19.40 -10.24
C ASN F 419 -23.73 -18.08 -9.69
N VAL F 420 -22.81 -17.24 -9.23
CA VAL F 420 -23.17 -15.93 -8.66
C VAL F 420 -22.27 -14.88 -9.31
N PRO F 421 -22.69 -13.63 -9.30
CA PRO F 421 -21.83 -12.58 -9.86
C PRO F 421 -20.65 -12.31 -8.95
N PHE F 422 -19.53 -11.94 -9.57
CA PHE F 422 -18.38 -11.52 -8.80
C PHE F 422 -18.75 -10.35 -7.90
N HIS F 423 -18.28 -10.39 -6.66
CA HIS F 423 -18.52 -9.27 -5.79
C HIS F 423 -17.49 -8.24 -6.22
N SER F 424 -17.94 -7.09 -6.70
CA SER F 424 -17.01 -6.07 -7.14
C SER F 424 -16.20 -5.55 -5.99
N SER F 425 -14.88 -5.45 -6.17
CA SER F 425 -14.03 -4.94 -5.12
C SER F 425 -13.14 -3.86 -5.71
N TYR F 426 -13.78 -2.75 -6.04
CA TYR F 426 -13.12 -1.60 -6.60
C TYR F 426 -14.00 -0.39 -6.38
N ALA F 427 -13.41 0.79 -6.50
CA ALA F 427 -14.17 2.02 -6.35
C ALA F 427 -14.10 2.71 -7.69
N HIS F 428 -15.24 3.21 -8.17
CA HIS F 428 -15.25 3.89 -9.46
C HIS F 428 -14.40 5.14 -9.41
N SER F 429 -13.67 5.41 -10.48
CA SER F 429 -12.84 6.61 -10.54
C SER F 429 -13.60 7.75 -11.21
N GLN F 430 -14.86 7.50 -11.53
CA GLN F 430 -15.73 8.52 -12.10
C GLN F 430 -17.05 8.52 -11.36
N SER F 431 -17.67 9.68 -11.29
CA SER F 431 -18.96 9.83 -10.64
C SER F 431 -20.05 9.87 -11.69
N LEU F 432 -21.22 9.35 -11.32
CA LEU F 432 -22.27 9.12 -12.29
C LEU F 432 -22.64 10.38 -13.06
N ASP F 433 -22.50 11.54 -12.44
CA ASP F 433 -22.89 12.79 -13.05
C ASP F 433 -21.74 13.49 -13.77
N ARG F 434 -20.53 12.96 -13.72
CA ARG F 434 -19.40 13.54 -14.43
C ARG F 434 -18.98 12.77 -15.68
N LEU F 435 -19.77 11.81 -16.14
CA LEU F 435 -19.35 10.98 -17.27
C LEU F 435 -19.13 11.73 -18.57
N MET F 436 -19.51 13.00 -18.65
CA MET F 436 -19.45 13.80 -19.87
C MET F 436 -18.01 14.12 -20.28
N ASN F 437 -17.87 14.52 -21.54
CA ASN F 437 -16.63 15.12 -22.03
C ASN F 437 -16.59 16.58 -21.60
N PRO F 438 -15.59 17.01 -20.84
CA PRO F 438 -15.57 18.39 -20.34
C PRO F 438 -15.33 19.44 -21.40
N LEU F 439 -14.85 19.06 -22.59
CA LEU F 439 -14.42 20.04 -23.57
C LEU F 439 -15.49 20.43 -24.60
N ILE F 440 -16.60 19.72 -24.67
CA ILE F 440 -17.52 19.82 -25.80
C ILE F 440 -18.92 20.14 -25.30
N ASP F 441 -19.62 20.97 -26.05
CA ASP F 441 -21.02 21.24 -25.75
C ASP F 441 -21.88 20.05 -26.14
N GLN F 442 -23.07 19.99 -25.57
CA GLN F 442 -24.08 19.06 -26.06
C GLN F 442 -24.99 19.74 -27.06
N TYR F 443 -25.36 19.02 -28.11
CA TYR F 443 -26.33 19.57 -29.03
C TYR F 443 -27.70 19.79 -28.40
N LEU F 444 -27.96 19.23 -27.22
CA LEU F 444 -29.24 19.43 -26.57
C LEU F 444 -29.33 20.82 -25.95
N TYR F 445 -30.55 21.25 -25.69
CA TYR F 445 -30.85 22.55 -25.11
C TYR F 445 -31.68 22.41 -23.85
N TYR F 446 -31.51 23.36 -22.94
CA TYR F 446 -32.27 23.39 -21.70
C TYR F 446 -32.88 24.77 -21.56
N LEU F 447 -33.84 24.89 -20.66
CA LEU F 447 -34.59 26.13 -20.49
C LEU F 447 -33.87 27.01 -19.47
N SER F 448 -33.22 28.05 -19.93
CA SER F 448 -32.42 28.88 -19.05
C SER F 448 -33.22 29.95 -18.32
N LYS F 449 -34.11 30.66 -19.01
CA LYS F 449 -34.79 31.81 -18.40
C LYS F 449 -36.29 31.69 -18.61
N THR F 450 -37.06 31.90 -17.55
CA THR F 450 -38.50 32.06 -17.70
C THR F 450 -38.96 33.51 -17.63
N ILE F 451 -38.06 34.47 -17.38
CA ILE F 451 -38.42 35.88 -17.42
C ILE F 451 -37.26 36.68 -17.98
N ASN F 452 -37.59 37.81 -18.59
CA ASN F 452 -36.57 38.69 -19.15
C ASN F 452 -35.95 39.56 -18.07
N GLY F 453 -36.75 39.97 -17.08
CA GLY F 453 -36.25 40.83 -16.04
C GLY F 453 -37.35 41.11 -15.02
N SER F 454 -37.08 42.10 -14.18
CA SER F 454 -38.05 42.47 -13.16
C SER F 454 -39.15 43.33 -13.74
N GLY F 455 -40.37 43.08 -13.31
CA GLY F 455 -41.50 43.87 -13.74
C GLY F 455 -42.74 43.01 -13.81
N GLN F 456 -43.76 43.54 -14.48
CA GLN F 456 -45.00 42.83 -14.69
C GLN F 456 -45.03 42.26 -16.10
N ASN F 457 -45.65 41.08 -16.23
CA ASN F 457 -45.82 40.42 -17.52
C ASN F 457 -44.48 40.26 -18.24
N GLN F 458 -43.50 39.73 -17.53
CA GLN F 458 -42.15 39.54 -18.06
C GLN F 458 -41.92 38.15 -18.63
N GLN F 459 -42.96 37.32 -18.69
CA GLN F 459 -42.79 35.92 -19.07
C GLN F 459 -42.03 35.80 -20.37
N THR F 460 -41.13 34.82 -20.42
CA THR F 460 -40.38 34.50 -21.63
C THR F 460 -39.96 33.05 -21.54
N LEU F 461 -39.49 32.51 -22.65
CA LEU F 461 -38.80 31.23 -22.68
C LEU F 461 -37.48 31.41 -23.40
N LYS F 462 -36.39 31.21 -22.67
CA LYS F 462 -35.06 31.25 -23.25
C LYS F 462 -34.45 29.86 -23.15
N PHE F 463 -33.48 29.59 -24.02
CA PHE F 463 -32.89 28.28 -24.10
C PHE F 463 -31.39 28.44 -24.29
N SER F 464 -30.64 27.45 -23.82
CA SER F 464 -29.20 27.51 -23.92
C SER F 464 -28.67 26.12 -24.20
N VAL F 465 -27.46 26.09 -24.70
CA VAL F 465 -26.75 24.84 -24.89
C VAL F 465 -26.29 24.34 -23.53
N ALA F 466 -26.44 23.04 -23.31
CA ALA F 466 -25.81 22.39 -22.17
C ALA F 466 -24.35 22.15 -22.49
N GLY F 467 -23.46 22.75 -21.71
CA GLY F 467 -22.05 22.66 -21.99
C GLY F 467 -21.18 22.76 -20.76
N PRO F 468 -19.87 22.71 -20.97
CA PRO F 468 -18.92 22.68 -19.84
C PRO F 468 -19.14 23.74 -18.80
N SER F 469 -19.61 24.93 -19.18
CA SER F 469 -19.79 25.98 -18.18
C SER F 469 -20.84 25.62 -17.16
N ASN F 470 -21.92 24.97 -17.59
CA ASN F 470 -22.95 24.50 -16.68
C ASN F 470 -23.11 23.00 -16.87
N MET F 471 -22.60 22.20 -15.93
CA MET F 471 -22.71 20.76 -16.05
C MET F 471 -23.90 20.18 -15.31
N ALA F 472 -24.56 20.98 -14.47
CA ALA F 472 -25.66 20.44 -13.70
C ALA F 472 -26.80 19.97 -14.59
N VAL F 473 -27.07 20.70 -15.67
CA VAL F 473 -28.32 20.55 -16.41
C VAL F 473 -28.20 19.65 -17.62
N GLN F 474 -27.04 19.06 -17.88
CA GLN F 474 -26.92 18.29 -19.09
C GLN F 474 -27.79 17.05 -19.04
N GLY F 475 -28.25 16.61 -20.21
CA GLY F 475 -29.03 15.39 -20.28
C GLY F 475 -28.14 14.18 -20.09
N ARG F 476 -28.59 13.28 -19.23
CA ARG F 476 -27.79 12.13 -18.86
C ARG F 476 -28.58 10.85 -19.09
N ASN F 477 -27.85 9.81 -19.46
CA ASN F 477 -28.47 8.53 -19.77
C ASN F 477 -28.79 7.69 -18.55
N TYR F 478 -28.17 7.96 -17.39
CA TYR F 478 -28.36 7.09 -16.24
C TYR F 478 -28.44 7.92 -14.97
N ILE F 479 -29.16 7.37 -13.99
CA ILE F 479 -29.49 8.07 -12.76
C ILE F 479 -29.13 7.18 -11.58
N PRO F 480 -28.81 7.77 -10.43
CA PRO F 480 -28.32 6.96 -9.32
C PRO F 480 -29.37 6.03 -8.76
N GLY F 481 -28.90 5.03 -8.03
CA GLY F 481 -29.73 3.99 -7.49
C GLY F 481 -30.70 4.47 -6.44
N PRO F 482 -31.50 3.56 -5.92
CA PRO F 482 -32.61 3.94 -5.02
C PRO F 482 -32.13 4.31 -3.63
N SER F 483 -33.02 4.99 -2.91
CA SER F 483 -32.72 5.44 -1.56
C SER F 483 -33.93 5.24 -0.65
N TYR F 484 -33.65 4.98 0.62
CA TYR F 484 -34.65 4.99 1.69
C TYR F 484 -34.00 5.74 2.84
N ARG F 485 -34.47 6.94 3.16
CA ARG F 485 -33.62 7.82 3.94
C ARG F 485 -33.41 7.32 5.37
N GLN F 486 -32.19 7.47 5.86
CA GLN F 486 -31.78 7.21 7.23
C GLN F 486 -31.61 8.54 7.96
N GLN F 487 -31.78 8.51 9.27
CA GLN F 487 -31.43 9.67 10.08
C GLN F 487 -29.91 9.78 10.22
N ARG F 488 -29.43 10.99 10.44
CA ARG F 488 -28.00 11.26 10.47
C ARG F 488 -27.52 11.53 11.89
N VAL F 489 -26.53 10.76 12.32
CA VAL F 489 -26.00 10.85 13.68
C VAL F 489 -24.55 11.32 13.58
N SER F 490 -24.14 12.20 14.47
CA SER F 490 -22.78 12.69 14.51
C SER F 490 -21.98 11.99 15.59
N THR F 491 -20.72 11.67 15.27
CA THR F 491 -19.86 11.04 16.27
C THR F 491 -19.30 12.04 17.26
N THR F 492 -19.48 13.33 17.01
CA THR F 492 -19.23 14.33 18.03
C THR F 492 -20.53 14.59 18.76
N VAL F 493 -20.60 14.20 20.02
CA VAL F 493 -21.89 14.08 20.67
C VAL F 493 -22.56 15.43 20.84
N THR F 494 -21.78 16.49 21.05
CA THR F 494 -22.39 17.76 21.42
C THR F 494 -23.22 18.33 20.29
N GLN F 495 -22.97 17.85 19.08
CA GLN F 495 -23.70 18.30 17.91
C GLN F 495 -24.74 17.27 17.47
N ASN F 496 -25.35 16.65 18.47
CA ASN F 496 -26.39 15.67 18.27
C ASN F 496 -27.56 16.16 19.11
N ASN F 497 -28.77 15.91 18.66
CA ASN F 497 -29.92 16.40 19.41
C ASN F 497 -29.96 15.78 20.81
N ASN F 498 -30.32 16.60 21.79
CA ASN F 498 -30.39 16.13 23.16
C ASN F 498 -31.72 15.46 23.49
N SER F 499 -31.95 14.30 22.89
CA SER F 499 -33.15 13.52 23.12
C SER F 499 -32.85 12.09 22.73
N GLU F 500 -33.64 11.14 23.22
CA GLU F 500 -33.37 9.76 22.85
C GLU F 500 -34.08 9.50 21.55
N PHE F 501 -33.32 9.37 20.48
CA PHE F 501 -33.90 9.13 19.17
C PHE F 501 -33.48 7.82 18.53
N ALA F 502 -32.80 6.96 19.29
CA ALA F 502 -32.34 5.67 18.79
C ALA F 502 -33.49 4.91 18.15
N TRP F 503 -34.58 4.74 18.88
CA TRP F 503 -35.75 4.10 18.29
C TRP F 503 -36.75 5.09 17.72
N PRO F 504 -37.13 6.17 18.42
CA PRO F 504 -38.17 7.05 17.88
C PRO F 504 -37.84 7.67 16.53
N GLY F 505 -36.57 7.87 16.21
CA GLY F 505 -36.22 8.57 14.99
C GLY F 505 -35.68 7.70 13.89
N ALA F 506 -35.92 6.41 13.96
CA ALA F 506 -35.24 5.45 13.11
C ALA F 506 -36.13 4.98 11.97
N SER F 507 -35.51 4.74 10.82
CA SER F 507 -36.20 4.20 9.67
C SER F 507 -36.56 2.75 9.87
N SER F 508 -37.83 2.42 9.67
CA SER F 508 -38.31 1.08 9.96
C SER F 508 -39.23 0.62 8.84
N TRP F 509 -39.51 -0.66 8.82
CA TRP F 509 -40.57 -1.21 7.99
C TRP F 509 -41.46 -2.12 8.81
N ALA F 510 -42.75 -2.06 8.52
CA ALA F 510 -43.76 -2.78 9.28
C ALA F 510 -44.20 -4.02 8.51
N LEU F 511 -44.32 -5.13 9.21
CA LEU F 511 -44.76 -6.38 8.62
C LEU F 511 -45.76 -7.03 9.57
N ASN F 512 -46.99 -7.24 9.09
CA ASN F 512 -48.03 -7.89 9.86
C ASN F 512 -48.19 -7.22 11.22
N GLY F 513 -48.13 -5.89 11.24
CA GLY F 513 -48.33 -5.13 12.45
C GLY F 513 -47.11 -4.94 13.31
N ARG F 514 -45.98 -5.53 12.96
CA ARG F 514 -44.74 -5.38 13.71
C ARG F 514 -43.76 -4.49 12.95
N ASN F 515 -43.11 -3.60 13.68
CA ASN F 515 -42.14 -2.68 13.12
C ASN F 515 -40.74 -3.25 13.28
N SER F 516 -40.07 -3.48 12.16
CA SER F 516 -38.68 -3.89 12.15
C SER F 516 -37.82 -2.72 11.74
N LEU F 517 -36.74 -2.49 12.46
CA LEU F 517 -35.79 -1.45 12.09
C LEU F 517 -35.22 -1.76 10.72
N MET F 518 -34.93 -0.72 9.95
CA MET F 518 -34.35 -0.93 8.62
C MET F 518 -32.85 -0.97 8.81
N ASN F 519 -32.30 -2.17 8.74
CA ASN F 519 -30.91 -2.37 9.02
C ASN F 519 -30.35 -3.51 8.18
N PRO F 520 -29.18 -3.30 7.56
CA PRO F 520 -28.60 -1.98 7.30
C PRO F 520 -29.41 -1.22 6.27
N GLY F 521 -30.22 -1.92 5.50
CA GLY F 521 -31.07 -1.29 4.52
C GLY F 521 -30.48 -1.33 3.13
N PRO F 522 -31.00 -0.51 2.23
CA PRO F 522 -30.43 -0.44 0.89
C PRO F 522 -29.00 0.05 0.95
N ALA F 523 -28.23 -0.25 -0.08
CA ALA F 523 -26.85 0.19 -0.12
C ALA F 523 -26.81 1.65 -0.50
N MET F 524 -26.30 2.48 0.41
CA MET F 524 -26.22 3.90 0.20
C MET F 524 -24.96 4.42 0.85
N ALA F 525 -24.37 5.44 0.24
CA ALA F 525 -23.18 6.05 0.80
C ALA F 525 -23.46 6.56 2.21
N SER F 526 -22.44 6.49 3.06
CA SER F 526 -22.63 6.80 4.46
C SER F 526 -22.76 8.30 4.69
N HIS F 527 -22.02 9.10 3.94
CA HIS F 527 -21.97 10.53 4.19
C HIS F 527 -21.52 11.24 2.93
N LYS F 528 -21.81 12.54 2.87
CA LYS F 528 -21.30 13.35 1.79
C LYS F 528 -19.78 13.43 1.88
N GLU F 529 -19.17 13.75 0.75
CA GLU F 529 -17.73 13.94 0.74
C GLU F 529 -17.35 15.12 1.62
N GLY F 530 -16.42 14.88 2.54
CA GLY F 530 -15.99 15.91 3.44
C GLY F 530 -16.63 15.89 4.80
N GLU F 531 -17.63 15.05 5.01
CA GLU F 531 -18.24 14.89 6.32
C GLU F 531 -17.96 13.46 6.78
N ASP F 532 -16.92 13.27 7.57
CA ASP F 532 -16.57 11.92 8.02
C ASP F 532 -17.07 11.57 9.40
N ARG F 533 -17.62 12.55 10.10
CA ARG F 533 -18.11 12.34 11.45
C ARG F 533 -19.57 11.93 11.49
N PHE F 534 -20.18 11.78 10.32
CA PHE F 534 -21.59 11.42 10.25
C PHE F 534 -21.82 10.03 9.71
N PHE F 535 -22.69 9.27 10.36
CA PHE F 535 -23.02 7.94 9.89
C PHE F 535 -24.52 7.73 9.96
N PRO F 536 -25.05 6.88 9.07
CA PRO F 536 -26.48 6.60 9.09
C PRO F 536 -26.82 5.89 10.37
N LEU F 537 -27.96 6.20 10.97
CA LEU F 537 -28.32 5.60 12.25
C LEU F 537 -28.42 4.08 12.20
N SER F 538 -29.10 3.54 11.20
CA SER F 538 -29.18 2.09 11.06
C SER F 538 -28.59 1.64 9.72
N GLY F 539 -28.01 2.59 9.00
CA GLY F 539 -27.43 2.36 7.70
C GLY F 539 -26.25 1.45 7.53
N SER F 540 -25.31 1.50 8.45
CA SER F 540 -24.11 0.70 8.31
C SER F 540 -23.94 -0.44 9.29
N LEU F 541 -23.00 -1.31 8.97
CA LEU F 541 -22.62 -2.44 9.79
C LEU F 541 -21.66 -1.97 10.87
N ILE F 542 -21.94 -2.35 12.11
CA ILE F 542 -21.12 -1.94 13.24
C ILE F 542 -20.55 -3.21 13.87
N PHE F 543 -19.23 -3.24 14.02
CA PHE F 543 -18.55 -4.37 14.63
C PHE F 543 -18.01 -3.96 15.99
N GLY F 544 -17.87 -4.92 16.88
CA GLY F 544 -17.28 -4.67 18.17
C GLY F 544 -15.79 -4.90 18.18
N LYS F 545 -15.10 -4.13 19.01
CA LYS F 545 -13.69 -4.36 19.22
C LYS F 545 -13.49 -5.52 20.19
N GLN F 546 -12.32 -6.13 20.13
CA GLN F 546 -12.04 -7.29 20.97
C GLN F 546 -12.23 -6.96 22.44
N GLY F 547 -13.04 -7.76 23.12
CA GLY F 547 -13.32 -7.56 24.52
C GLY F 547 -14.41 -6.57 24.82
N THR F 548 -15.38 -6.43 23.93
CA THR F 548 -16.45 -5.46 24.13
C THR F 548 -17.70 -6.06 24.76
N GLY F 549 -18.22 -5.36 25.76
CA GLY F 549 -19.40 -5.80 26.48
C GLY F 549 -20.64 -5.89 25.63
N ARG F 550 -21.52 -6.81 25.99
CA ARG F 550 -22.74 -7.03 25.24
C ARG F 550 -23.73 -5.86 25.20
N ASP F 551 -23.91 -5.15 26.32
CA ASP F 551 -24.87 -4.06 26.35
C ASP F 551 -24.35 -2.67 26.72
N ASN F 552 -24.79 -1.68 25.95
CA ASN F 552 -24.47 -0.27 26.16
C ASN F 552 -23.01 0.17 26.22
N VAL F 553 -22.19 -0.35 25.31
CA VAL F 553 -20.79 0.03 25.26
C VAL F 553 -20.57 1.40 24.63
N ASP F 554 -19.43 2.00 24.94
CA ASP F 554 -19.05 3.32 24.42
C ASP F 554 -18.67 3.28 22.94
N ALA F 555 -18.71 4.45 22.30
CA ALA F 555 -18.42 4.57 20.87
C ALA F 555 -17.03 4.10 20.50
N ASP F 556 -16.04 4.35 21.35
CA ASP F 556 -14.69 3.91 21.05
C ASP F 556 -14.56 2.39 20.97
N LYS F 557 -15.32 1.67 21.79
CA LYS F 557 -15.27 0.21 21.76
C LYS F 557 -15.71 -0.41 20.45
N VAL F 558 -16.77 0.12 19.86
CA VAL F 558 -17.27 -0.39 18.57
C VAL F 558 -16.57 0.18 17.35
N MET F 559 -16.63 -0.54 16.23
CA MET F 559 -16.05 -0.05 14.99
C MET F 559 -17.17 0.14 13.99
N ILE F 560 -17.35 1.36 13.51
CA ILE F 560 -18.40 1.65 12.54
C ILE F 560 -17.86 1.72 11.12
N THR F 561 -18.28 0.77 10.27
CA THR F 561 -17.84 0.74 8.88
C THR F 561 -18.51 1.83 8.06
N ASN F 562 -17.90 2.22 6.95
CA ASN F 562 -18.49 3.24 6.10
C ASN F 562 -18.54 2.81 4.63
N GLU F 563 -19.50 3.36 3.91
CA GLU F 563 -19.73 3.03 2.52
C GLU F 563 -19.41 4.17 1.57
N GLU F 564 -18.42 4.97 1.89
CA GLU F 564 -18.04 6.12 1.08
C GLU F 564 -17.59 5.78 -0.36
N GLU F 565 -17.02 4.61 -0.57
CA GLU F 565 -16.55 4.21 -1.90
C GLU F 565 -17.65 4.18 -2.96
N ILE F 566 -18.86 3.79 -2.58
CA ILE F 566 -19.97 3.69 -3.53
C ILE F 566 -20.73 4.98 -3.77
N LYS F 567 -20.25 6.10 -3.24
CA LYS F 567 -20.94 7.37 -3.44
C LYS F 567 -21.05 7.78 -4.91
N THR F 568 -20.04 7.48 -5.71
CA THR F 568 -20.08 7.78 -7.14
C THR F 568 -21.37 7.34 -7.86
N THR F 569 -21.94 6.21 -7.48
CA THR F 569 -23.19 5.75 -8.07
C THR F 569 -24.37 5.71 -7.12
N ASN F 570 -24.18 5.86 -5.82
CA ASN F 570 -25.36 5.70 -4.99
C ASN F 570 -25.64 6.96 -4.19
N PRO F 571 -26.89 7.27 -3.94
CA PRO F 571 -27.20 8.49 -3.18
C PRO F 571 -26.72 8.36 -1.75
N VAL F 572 -26.54 9.52 -1.11
CA VAL F 572 -26.11 9.53 0.28
C VAL F 572 -27.27 9.09 1.16
N ALA F 573 -27.00 8.18 2.09
CA ALA F 573 -28.06 7.58 2.88
C ALA F 573 -28.84 8.60 3.69
N THR F 574 -28.22 9.70 4.07
CA THR F 574 -28.87 10.69 4.92
C THR F 574 -29.47 11.85 4.14
N GLU F 575 -29.45 11.80 2.81
CA GLU F 575 -29.92 12.89 1.98
C GLU F 575 -31.17 12.49 1.22
N SER F 576 -31.95 13.48 0.84
CA SER F 576 -33.09 13.25 -0.03
C SER F 576 -32.62 12.85 -1.41
N TYR F 577 -33.33 11.90 -2.02
CA TYR F 577 -32.97 11.46 -3.35
C TYR F 577 -32.99 12.61 -4.33
N GLY F 578 -33.91 13.55 -4.15
CA GLY F 578 -34.01 14.68 -5.04
C GLY F 578 -35.31 15.43 -4.81
N GLN F 579 -35.76 16.13 -5.86
CA GLN F 579 -37.00 16.88 -5.83
C GLN F 579 -37.91 16.49 -6.98
N VAL F 580 -39.20 16.78 -6.81
CA VAL F 580 -40.21 16.67 -7.84
C VAL F 580 -41.17 17.84 -7.71
N ALA F 581 -41.78 18.21 -8.83
CA ALA F 581 -42.79 19.27 -8.82
C ALA F 581 -44.07 18.74 -8.19
N THR F 582 -44.64 19.53 -7.29
CA THR F 582 -45.86 19.12 -6.61
C THR F 582 -47.14 19.71 -7.20
N ASN F 583 -47.06 20.59 -8.18
CA ASN F 583 -48.29 21.20 -8.67
C ASN F 583 -48.08 21.65 -10.11
N HIS F 584 -49.13 22.23 -10.68
CA HIS F 584 -49.07 22.90 -11.97
C HIS F 584 -48.87 24.39 -11.73
N GLN F 585 -47.84 24.96 -12.33
CA GLN F 585 -47.69 26.40 -12.28
C GLN F 585 -48.74 27.07 -13.14
N SER F 586 -49.03 28.31 -12.82
CA SER F 586 -49.95 29.12 -13.60
C SER F 586 -49.62 30.58 -13.31
N ALA F 587 -50.32 31.48 -13.99
CA ALA F 587 -50.13 32.89 -13.71
C ALA F 587 -50.41 33.22 -12.26
N GLN F 588 -51.30 32.46 -11.63
CA GLN F 588 -51.66 32.66 -10.24
C GLN F 588 -50.93 31.75 -9.28
N ALA F 589 -50.10 30.83 -9.77
CA ALA F 589 -49.50 29.82 -8.91
C ALA F 589 -48.03 29.64 -9.25
N GLN F 590 -47.17 29.84 -8.26
CA GLN F 590 -45.75 29.62 -8.40
C GLN F 590 -45.45 28.13 -8.47
N ALA F 591 -44.29 27.80 -9.02
CA ALA F 591 -43.86 26.41 -9.05
C ALA F 591 -43.58 25.92 -7.63
N GLN F 592 -43.94 24.68 -7.36
CA GLN F 592 -43.74 24.09 -6.04
C GLN F 592 -43.12 22.72 -6.18
N THR F 593 -42.19 22.43 -5.29
CA THR F 593 -41.46 21.18 -5.27
C THR F 593 -41.53 20.58 -3.88
N GLY F 594 -41.15 19.30 -3.80
CA GLY F 594 -41.11 18.62 -2.53
C GLY F 594 -40.00 17.59 -2.57
N TRP F 595 -39.56 17.18 -1.38
CA TRP F 595 -38.39 16.34 -1.28
C TRP F 595 -38.77 14.88 -1.41
N VAL F 596 -37.97 14.13 -2.14
CA VAL F 596 -38.18 12.69 -2.28
C VAL F 596 -37.35 12.01 -1.21
N GLN F 597 -38.02 11.48 -0.19
CA GLN F 597 -37.31 10.84 0.90
C GLN F 597 -36.92 9.42 0.57
N ASN F 598 -37.76 8.71 -0.16
CA ASN F 598 -37.47 7.36 -0.59
C ASN F 598 -37.84 7.23 -2.05
N GLN F 599 -37.03 6.51 -2.81
CA GLN F 599 -37.27 6.34 -4.23
C GLN F 599 -37.04 4.90 -4.61
N GLY F 600 -38.08 4.25 -5.11
CA GLY F 600 -37.94 2.91 -5.64
C GLY F 600 -37.19 2.91 -6.95
N ILE F 601 -37.02 1.71 -7.50
CA ILE F 601 -36.30 1.57 -8.76
C ILE F 601 -37.01 2.34 -9.86
N LEU F 602 -36.23 3.01 -10.69
CA LEU F 602 -36.65 3.58 -11.95
C LEU F 602 -35.83 2.96 -13.07
N PRO F 603 -36.35 2.91 -14.29
CA PRO F 603 -35.54 2.43 -15.39
C PRO F 603 -34.35 3.36 -15.62
N GLY F 604 -33.18 2.76 -15.83
CA GLY F 604 -31.97 3.54 -15.97
C GLY F 604 -31.27 3.89 -14.68
N MET F 605 -31.60 3.26 -13.56
CA MET F 605 -30.80 3.38 -12.36
C MET F 605 -29.63 2.40 -12.40
N VAL F 606 -28.52 2.82 -11.81
CA VAL F 606 -27.39 1.95 -11.55
C VAL F 606 -26.97 2.16 -10.12
N TRP F 607 -26.45 1.09 -9.51
CA TRP F 607 -26.05 1.17 -8.11
C TRP F 607 -25.00 0.12 -7.84
N GLN F 608 -24.30 0.30 -6.73
CA GLN F 608 -23.33 -0.65 -6.21
C GLN F 608 -23.92 -1.35 -4.99
N ASP F 609 -23.56 -2.61 -4.82
CA ASP F 609 -23.97 -3.33 -3.63
C ASP F 609 -23.14 -2.89 -2.44
N ARG F 610 -23.46 -3.43 -1.27
CA ARG F 610 -22.69 -3.12 -0.09
C ARG F 610 -21.41 -3.94 -0.09
N ASP F 611 -20.39 -3.40 0.57
CA ASP F 611 -19.08 -4.04 0.53
C ASP F 611 -19.02 -5.19 1.53
N VAL F 612 -18.12 -6.12 1.28
CA VAL F 612 -17.89 -7.23 2.20
C VAL F 612 -16.61 -6.97 2.97
N TYR F 613 -16.57 -7.45 4.20
CA TYR F 613 -15.49 -7.14 5.12
C TYR F 613 -14.82 -8.42 5.60
N LEU F 614 -13.64 -8.28 6.17
CA LEU F 614 -12.96 -9.44 6.73
C LEU F 614 -13.82 -10.10 7.79
N GLN F 615 -14.57 -9.30 8.54
CA GLN F 615 -15.44 -9.78 9.60
C GLN F 615 -16.85 -10.08 9.14
N GLY F 616 -17.21 -9.74 7.92
CA GLY F 616 -18.59 -9.77 7.52
C GLY F 616 -19.05 -11.12 7.01
N PRO F 617 -20.34 -11.22 6.73
CA PRO F 617 -20.89 -12.47 6.19
C PRO F 617 -20.45 -12.72 4.76
N ILE F 618 -20.55 -13.99 4.37
CA ILE F 618 -20.17 -14.40 3.03
C ILE F 618 -21.38 -14.56 2.15
N TRP F 619 -22.27 -15.49 2.50
CA TRP F 619 -23.46 -15.75 1.70
C TRP F 619 -24.71 -15.60 2.56
N ALA F 620 -25.84 -15.54 1.88
CA ALA F 620 -27.15 -15.69 2.50
C ALA F 620 -28.00 -16.58 1.61
N LYS F 621 -29.10 -17.06 2.16
CA LYS F 621 -30.04 -17.86 1.40
C LYS F 621 -31.16 -16.95 0.90
N ILE F 622 -31.34 -16.89 -0.41
CA ILE F 622 -32.45 -16.13 -0.96
C ILE F 622 -33.75 -16.78 -0.52
N PRO F 623 -34.62 -16.08 0.18
CA PRO F 623 -35.89 -16.70 0.60
C PRO F 623 -36.63 -17.25 -0.59
N HIS F 624 -37.35 -18.34 -0.39
CA HIS F 624 -38.02 -19.01 -1.50
C HIS F 624 -39.39 -18.38 -1.65
N THR F 625 -39.57 -17.61 -2.71
CA THR F 625 -40.73 -16.75 -2.88
C THR F 625 -41.07 -16.69 -4.36
N ASP F 626 -42.25 -16.17 -4.66
CA ASP F 626 -42.66 -16.00 -6.05
C ASP F 626 -41.69 -15.11 -6.80
N GLY F 627 -41.30 -14.00 -6.19
CA GLY F 627 -40.44 -13.06 -6.87
C GLY F 627 -39.54 -12.33 -5.91
N ASN F 628 -38.46 -11.80 -6.48
CA ASN F 628 -37.50 -11.00 -5.74
C ASN F 628 -36.81 -10.08 -6.73
N PHE F 629 -36.18 -9.04 -6.23
CA PHE F 629 -35.43 -8.15 -7.10
C PHE F 629 -34.03 -7.94 -6.55
N HIS F 630 -33.04 -8.19 -7.39
CA HIS F 630 -31.63 -8.07 -7.09
C HIS F 630 -31.38 -8.79 -5.78
N PRO F 631 -31.43 -10.11 -5.80
CA PRO F 631 -31.43 -10.89 -4.56
C PRO F 631 -30.21 -10.72 -3.67
N SER F 632 -29.18 -10.04 -4.16
CA SER F 632 -27.98 -9.80 -3.37
C SER F 632 -28.33 -9.30 -1.97
N PRO F 633 -27.82 -9.92 -0.93
CA PRO F 633 -28.30 -9.61 0.43
C PRO F 633 -27.82 -8.27 0.91
N LEU F 634 -28.57 -7.71 1.86
CA LEU F 634 -28.34 -6.33 2.26
C LEU F 634 -27.20 -6.18 3.25
N MET F 635 -26.81 -7.24 3.93
CA MET F 635 -25.62 -7.14 4.77
C MET F 635 -24.35 -7.41 4.00
N GLY F 636 -24.45 -7.63 2.70
CA GLY F 636 -23.29 -7.89 1.88
C GLY F 636 -23.10 -9.38 1.63
N GLY F 637 -22.40 -9.69 0.56
CA GLY F 637 -22.12 -11.05 0.23
C GLY F 637 -22.96 -11.56 -0.91
N PHE F 638 -22.91 -12.87 -1.09
CA PHE F 638 -23.45 -13.52 -2.27
C PHE F 638 -24.78 -14.16 -1.92
N GLY F 639 -25.86 -13.66 -2.51
CA GLY F 639 -27.15 -14.30 -2.33
C GLY F 639 -27.26 -15.55 -3.19
N MET F 640 -27.83 -16.59 -2.61
CA MET F 640 -27.89 -17.89 -3.27
C MET F 640 -29.20 -18.58 -2.93
N LYS F 641 -29.80 -19.25 -3.91
CA LYS F 641 -30.97 -20.05 -3.62
C LYS F 641 -30.63 -21.38 -2.97
N HIS F 642 -29.47 -21.94 -3.27
CA HIS F 642 -28.98 -23.16 -2.61
C HIS F 642 -27.62 -22.86 -2.03
N PRO F 643 -27.56 -22.16 -0.91
CA PRO F 643 -26.27 -21.82 -0.31
C PRO F 643 -25.59 -23.08 0.19
N PRO F 644 -24.42 -22.97 0.81
CA PRO F 644 -23.85 -24.10 1.49
C PRO F 644 -24.82 -24.64 2.52
N PRO F 645 -25.10 -25.93 2.51
CA PRO F 645 -26.13 -26.49 3.38
C PRO F 645 -25.72 -26.43 4.83
N GLN F 646 -26.72 -26.51 5.71
CA GLN F 646 -26.45 -26.52 7.13
C GLN F 646 -25.92 -27.87 7.58
N ILE F 647 -25.07 -27.84 8.60
CA ILE F 647 -24.44 -29.03 9.13
C ILE F 647 -24.82 -29.12 10.59
N LEU F 648 -25.64 -30.11 10.93
CA LEU F 648 -26.17 -30.25 12.29
C LEU F 648 -25.46 -31.38 13.00
N ILE F 649 -25.29 -31.23 14.31
CA ILE F 649 -24.50 -32.19 15.08
C ILE F 649 -25.02 -32.22 16.51
N LYS F 650 -24.91 -33.39 17.16
CA LYS F 650 -25.31 -33.52 18.55
C LYS F 650 -24.58 -34.69 19.20
N ASN F 651 -24.61 -34.70 20.52
CA ASN F 651 -24.12 -35.83 21.30
C ASN F 651 -25.24 -36.85 21.47
N THR F 652 -24.98 -38.09 21.06
CA THR F 652 -25.97 -39.14 21.22
C THR F 652 -26.25 -39.34 22.70
N PRO F 653 -27.52 -39.29 23.13
CA PRO F 653 -27.81 -39.37 24.57
C PRO F 653 -27.51 -40.75 25.11
N VAL F 654 -26.82 -40.79 26.25
CA VAL F 654 -26.52 -42.04 26.93
C VAL F 654 -27.16 -42.02 28.31
N PRO F 655 -28.20 -42.83 28.55
CA PRO F 655 -28.97 -42.83 29.80
C PRO F 655 -28.22 -43.44 30.97
N ASN F 668 -35.45 -40.08 31.84
CA ASN F 668 -34.87 -38.76 31.70
C ASN F 668 -33.68 -38.54 32.64
N SER F 669 -32.81 -39.52 32.72
CA SER F 669 -31.56 -39.38 33.46
C SER F 669 -30.43 -39.95 32.61
N PHE F 670 -29.45 -39.10 32.30
CA PHE F 670 -28.44 -39.42 31.32
C PHE F 670 -27.07 -39.20 31.93
N ILE F 671 -26.05 -39.74 31.27
CA ILE F 671 -24.68 -39.49 31.67
C ILE F 671 -24.26 -38.12 31.16
N THR F 672 -23.69 -37.30 32.03
CA THR F 672 -23.23 -35.98 31.62
C THR F 672 -22.02 -36.12 30.72
N GLN F 673 -22.11 -35.57 29.51
CA GLN F 673 -21.24 -36.00 28.43
C GLN F 673 -21.03 -34.86 27.45
N TYR F 674 -19.84 -34.79 26.86
CA TYR F 674 -19.57 -33.83 25.80
C TYR F 674 -18.54 -34.41 24.86
N SER F 675 -18.43 -33.81 23.68
CA SER F 675 -17.52 -34.27 22.65
C SER F 675 -16.65 -33.12 22.16
N THR F 676 -15.53 -33.47 21.55
CA THR F 676 -14.62 -32.52 20.96
C THR F 676 -13.97 -33.16 19.74
N GLY F 677 -13.39 -32.33 18.89
CA GLY F 677 -12.78 -32.83 17.68
C GLY F 677 -12.26 -31.71 16.82
N GLN F 678 -12.04 -32.02 15.54
CA GLN F 678 -11.50 -31.05 14.59
C GLN F 678 -12.51 -30.82 13.48
N VAL F 679 -12.41 -29.67 12.83
CA VAL F 679 -13.16 -29.37 11.61
C VAL F 679 -12.22 -28.69 10.63
N SER F 680 -12.20 -29.18 9.40
CA SER F 680 -11.48 -28.52 8.32
C SER F 680 -12.46 -28.16 7.22
N VAL F 681 -12.26 -26.99 6.62
CA VAL F 681 -13.11 -26.51 5.54
C VAL F 681 -12.23 -25.91 4.45
N GLU F 682 -12.60 -26.16 3.21
CA GLU F 682 -11.82 -25.76 2.04
C GLU F 682 -12.74 -25.12 1.03
N ILE F 683 -12.48 -23.86 0.70
CA ILE F 683 -13.27 -23.16 -0.31
C ILE F 683 -12.35 -22.77 -1.45
N GLU F 684 -12.82 -22.97 -2.68
CA GLU F 684 -12.10 -22.53 -3.86
C GLU F 684 -12.74 -21.25 -4.38
N TRP F 685 -11.93 -20.20 -4.48
CA TRP F 685 -12.41 -18.89 -4.87
C TRP F 685 -11.88 -18.56 -6.26
N GLU F 686 -12.73 -18.00 -7.10
CA GLU F 686 -12.33 -17.56 -8.41
C GLU F 686 -12.07 -16.06 -8.38
N LEU F 687 -11.06 -15.62 -9.13
CA LEU F 687 -10.61 -14.24 -9.09
C LEU F 687 -10.85 -13.56 -10.43
N GLN F 688 -10.98 -12.25 -10.39
CA GLN F 688 -11.08 -11.42 -11.58
C GLN F 688 -9.92 -10.42 -11.55
N LYS F 689 -8.98 -10.58 -12.46
CA LYS F 689 -7.75 -9.81 -12.40
C LYS F 689 -7.97 -8.36 -12.80
N GLU F 690 -7.06 -7.52 -12.36
CA GLU F 690 -7.16 -6.08 -12.56
C GLU F 690 -6.42 -5.66 -13.83
N ASN F 691 -7.18 -5.14 -14.81
CA ASN F 691 -6.67 -4.89 -16.15
C ASN F 691 -6.29 -3.44 -16.41
N SER F 692 -6.37 -2.57 -15.40
CA SER F 692 -6.50 -1.14 -15.63
C SER F 692 -5.27 -0.53 -16.30
N LYS F 693 -5.51 0.54 -17.07
CA LYS F 693 -4.49 1.36 -17.72
C LYS F 693 -4.14 2.61 -16.93
N ARG F 694 -4.69 2.77 -15.74
CA ARG F 694 -4.43 3.96 -14.93
C ARG F 694 -2.93 4.21 -14.81
N TRP F 695 -2.54 5.47 -14.98
CA TRP F 695 -1.13 5.82 -14.96
C TRP F 695 -0.59 5.96 -13.54
N ASN F 696 -1.26 6.75 -12.71
CA ASN F 696 -0.75 7.03 -11.38
C ASN F 696 -1.07 5.89 -10.44
N PRO F 697 -0.35 5.76 -9.33
CA PRO F 697 -0.51 4.58 -8.48
C PRO F 697 -1.81 4.57 -7.70
N GLU F 698 -2.33 3.37 -7.49
CA GLU F 698 -3.57 3.09 -6.79
C GLU F 698 -3.49 3.41 -5.31
N ILE F 699 -4.65 3.44 -4.68
CA ILE F 699 -4.72 3.26 -3.23
C ILE F 699 -4.68 1.78 -2.92
N GLN F 700 -3.94 1.41 -1.88
CA GLN F 700 -3.74 0.03 -1.49
C GLN F 700 -4.00 -0.08 0.00
N TYR F 701 -4.48 -1.23 0.44
CA TYR F 701 -4.59 -1.43 1.88
C TYR F 701 -3.22 -1.73 2.43
N THR F 702 -2.79 -0.97 3.43
CA THR F 702 -1.46 -1.18 4.01
C THR F 702 -1.44 -1.01 5.52
N SER F 703 -0.32 -1.35 6.14
CA SER F 703 -0.13 -1.22 7.57
C SER F 703 0.81 -0.06 7.78
N ASN F 704 0.47 0.86 8.68
CA ASN F 704 1.35 1.99 8.91
C ASN F 704 2.66 1.57 9.55
N TYR F 705 3.74 2.29 9.25
CA TYR F 705 5.04 1.93 9.78
C TYR F 705 5.36 2.52 11.16
N TYR F 706 4.35 3.03 11.86
CA TYR F 706 4.59 3.57 13.20
C TYR F 706 4.82 2.49 14.26
N LYS F 707 5.71 2.77 15.21
CA LYS F 707 6.05 1.84 16.29
C LYS F 707 5.01 1.88 17.39
N SER F 708 4.45 0.73 17.73
CA SER F 708 3.39 0.65 18.73
C SER F 708 3.65 -0.49 19.70
N ASN F 709 2.89 -0.53 20.79
CA ASN F 709 3.05 -1.58 21.81
C ASN F 709 2.79 -2.98 21.29
N ASN F 710 1.76 -3.16 20.48
CA ASN F 710 1.44 -4.48 19.95
C ASN F 710 1.29 -4.44 18.45
N VAL F 711 1.74 -5.48 17.78
CA VAL F 711 1.61 -5.57 16.34
C VAL F 711 0.12 -5.74 16.03
N GLU F 712 -0.38 -5.03 15.03
CA GLU F 712 -1.79 -5.13 14.64
C GLU F 712 -2.06 -6.52 14.08
N PHE F 713 -3.27 -7.01 14.34
CA PHE F 713 -3.73 -8.34 13.95
C PHE F 713 -2.85 -9.46 14.50
N ALA F 714 -2.38 -9.29 15.74
CA ALA F 714 -1.55 -10.27 16.41
C ALA F 714 -1.93 -10.29 17.89
N VAL F 715 -1.62 -11.37 18.58
CA VAL F 715 -1.96 -11.51 20.00
C VAL F 715 -1.10 -10.64 20.90
N ASN F 716 -1.69 -10.17 21.99
CA ASN F 716 -0.98 -9.35 22.98
C ASN F 716 -0.31 -10.22 24.04
N THR F 717 0.31 -9.58 25.01
CA THR F 717 1.00 -10.30 26.09
C THR F 717 0.18 -11.42 26.74
N GLU F 718 -1.08 -11.16 27.05
CA GLU F 718 -1.93 -12.18 27.65
C GLU F 718 -2.37 -13.24 26.66
N GLY F 719 -2.04 -13.09 25.38
CA GLY F 719 -2.37 -14.09 24.40
C GLY F 719 -3.68 -13.89 23.70
N VAL F 720 -4.26 -12.70 23.75
CA VAL F 720 -5.54 -12.46 23.11
C VAL F 720 -5.31 -11.92 21.70
N TYR F 721 -5.98 -12.52 20.73
CA TYR F 721 -5.94 -12.09 19.35
C TYR F 721 -6.99 -11.02 19.13
N SER F 722 -6.70 -10.01 18.34
CA SER F 722 -7.72 -9.00 18.11
C SER F 722 -7.61 -8.39 16.73
N GLU F 723 -8.71 -7.86 16.24
CA GLU F 723 -8.72 -7.20 14.96
C GLU F 723 -8.97 -5.75 15.30
N PRO F 724 -8.00 -4.89 15.00
CA PRO F 724 -8.02 -3.45 15.28
C PRO F 724 -9.10 -2.68 14.53
N ARG F 725 -9.34 -3.01 13.27
CA ARG F 725 -10.32 -2.29 12.48
C ARG F 725 -10.98 -3.14 11.42
N PRO F 726 -12.14 -2.70 10.91
CA PRO F 726 -12.81 -3.43 9.83
C PRO F 726 -12.07 -3.19 8.52
N ILE F 727 -11.99 -4.19 7.66
CA ILE F 727 -11.29 -4.01 6.40
C ILE F 727 -12.24 -4.21 5.23
N GLY F 728 -12.37 -3.19 4.38
CA GLY F 728 -13.26 -3.25 3.24
C GLY F 728 -12.57 -3.92 2.06
N THR F 729 -13.33 -4.13 1.00
CA THR F 729 -12.79 -4.83 -0.16
C THR F 729 -12.41 -3.89 -1.30
N ARG F 730 -12.70 -2.59 -1.15
CA ARG F 730 -12.68 -1.69 -2.31
C ARG F 730 -11.52 -0.71 -2.20
N TYR F 731 -10.49 -0.94 -3.00
CA TYR F 731 -9.29 -0.12 -3.09
C TYR F 731 -8.91 0.21 -4.53
N LEU F 732 -8.70 -0.80 -5.37
CA LEU F 732 -8.47 -0.57 -6.77
C LEU F 732 -9.66 0.17 -7.39
N THR F 733 -9.42 0.80 -8.53
CA THR F 733 -10.45 1.62 -9.14
C THR F 733 -10.78 1.13 -10.54
N ARG F 734 -11.95 1.55 -11.02
CA ARG F 734 -12.37 1.33 -12.38
C ARG F 734 -13.05 2.58 -12.90
N ASN F 735 -13.12 2.66 -14.22
CA ASN F 735 -13.92 3.70 -14.85
C ASN F 735 -15.40 3.36 -14.74
N LEU F 736 -16.23 4.38 -14.72
CA LEU F 736 -17.64 4.16 -14.57
C LEU F 736 -18.26 3.78 -15.91
N GLN G 1 -9.16 7.44 18.33
CA GLN G 1 -9.39 8.64 19.13
C GLN G 1 -8.22 8.90 20.06
N VAL G 2 -7.44 9.92 19.72
CA VAL G 2 -6.29 10.34 20.50
C VAL G 2 -6.69 11.56 21.31
N GLN G 3 -6.40 11.53 22.61
CA GLN G 3 -6.73 12.65 23.48
C GLN G 3 -5.51 13.06 24.25
N LEU G 4 -5.28 14.36 24.31
CA LEU G 4 -4.15 14.94 25.03
C LEU G 4 -4.70 15.71 26.21
N GLN G 5 -3.99 15.66 27.33
CA GLN G 5 -4.40 16.42 28.50
C GLN G 5 -3.18 17.04 29.16
N GLU G 6 -3.21 18.36 29.30
CA GLU G 6 -2.15 19.10 29.98
C GLU G 6 -2.48 19.13 31.46
N SER G 7 -1.46 19.06 32.30
CA SER G 7 -1.62 19.22 33.73
C SER G 7 -0.42 19.99 34.27
N GLY G 8 -0.63 20.70 35.36
CA GLY G 8 0.45 21.40 36.02
C GLY G 8 -0.06 22.56 36.83
N PRO G 9 0.82 23.16 37.63
CA PRO G 9 0.39 24.27 38.48
C PRO G 9 -0.13 25.43 37.66
N GLY G 10 -1.24 26.02 38.11
CA GLY G 10 -1.83 27.11 37.37
C GLY G 10 -1.21 28.46 37.72
N LEU G 11 -0.40 28.49 38.75
CA LEU G 11 0.24 29.72 39.22
C LEU G 11 1.72 29.49 39.38
N VAL G 12 2.53 30.45 38.93
CA VAL G 12 3.98 30.36 39.01
C VAL G 12 4.50 31.72 39.45
N LYS G 13 5.36 31.72 40.46
CA LYS G 13 5.95 32.98 40.88
C LYS G 13 7.08 33.38 39.95
N PRO G 14 7.27 34.67 39.71
CA PRO G 14 8.29 35.10 38.75
C PRO G 14 9.66 34.57 39.12
N SER G 15 10.50 34.40 38.09
CA SER G 15 11.86 33.90 38.24
C SER G 15 11.90 32.48 38.79
N GLU G 16 10.82 31.75 38.61
CA GLU G 16 10.75 30.34 38.98
C GLU G 16 10.49 29.54 37.71
N THR G 17 10.79 28.25 37.75
CA THR G 17 10.63 27.45 36.54
C THR G 17 9.18 26.96 36.44
N LEU G 18 8.68 26.95 35.22
CA LEU G 18 7.31 26.52 34.93
C LEU G 18 7.35 25.08 34.41
N SER G 19 6.40 24.27 34.86
CA SER G 19 6.41 22.87 34.48
C SER G 19 5.01 22.40 34.13
N LEU G 20 4.89 21.69 33.02
CA LEU G 20 3.63 21.16 32.54
C LEU G 20 3.89 19.80 31.92
N THR G 21 2.90 18.92 31.99
CA THR G 21 2.99 17.61 31.38
C THR G 21 1.73 17.36 30.56
N CYS G 22 1.91 16.74 29.40
CA CYS G 22 0.79 16.32 28.56
C CYS G 22 0.78 14.80 28.57
N THR G 23 -0.36 14.21 28.91
CA THR G 23 -0.50 12.76 28.93
C THR G 23 -1.42 12.34 27.80
N VAL G 24 -0.87 11.60 26.84
CA VAL G 24 -1.61 11.12 25.68
C VAL G 24 -2.32 9.83 26.05
N SER G 25 -3.60 9.73 25.71
CA SER G 25 -4.39 8.55 26.02
C SER G 25 -5.16 8.09 24.79
N GLY G 26 -5.19 6.79 24.56
CA GLY G 26 -5.87 6.24 23.41
C GLY G 26 -4.84 5.91 22.35
N GLY G 27 -3.72 6.62 22.38
CA GLY G 27 -2.63 6.39 21.46
C GLY G 27 -1.31 6.55 22.19
N SER G 28 -0.31 5.81 21.77
CA SER G 28 1.02 5.90 22.37
C SER G 28 1.79 7.07 21.79
N ILE G 29 2.92 7.42 22.40
CA ILE G 29 3.75 8.49 21.88
C ILE G 29 4.27 8.14 20.49
N SER G 30 4.67 6.88 20.32
CA SER G 30 5.11 6.36 19.04
C SER G 30 6.22 7.12 18.34
N ASN G 31 6.08 7.35 17.04
CA ASN G 31 7.05 8.08 16.22
C ASN G 31 6.68 9.54 16.05
N TYR G 32 5.65 9.99 16.73
CA TYR G 32 5.16 11.36 16.60
C TYR G 32 6.02 12.45 17.23
N TYR G 33 5.86 13.66 16.73
CA TYR G 33 6.56 14.83 17.26
C TYR G 33 5.58 15.57 18.14
N TRP G 34 5.96 15.81 19.39
CA TRP G 34 5.07 16.49 20.32
C TRP G 34 5.50 17.94 20.46
N ASN G 35 4.52 18.83 20.36
CA ASN G 35 4.77 20.25 20.32
C ASN G 35 4.10 20.96 21.47
N TRP G 36 4.66 22.10 21.86
CA TRP G 36 4.02 23.00 22.80
C TRP G 36 3.74 24.32 22.11
N ILE G 37 2.51 24.77 22.20
CA ILE G 37 2.07 26.07 21.69
C ILE G 37 1.55 26.84 22.88
N ARG G 38 1.75 28.14 22.89
CA ARG G 38 1.14 28.95 23.94
C ARG G 38 0.42 30.13 23.32
N GLN G 39 -0.73 30.47 23.88
CA GLN G 39 -1.48 31.64 23.42
C GLN G 39 -1.64 32.60 24.59
N PRO G 40 -0.96 33.75 24.58
CA PRO G 40 -1.27 34.76 25.57
C PRO G 40 -2.70 35.23 25.41
N PRO G 41 -3.41 35.50 26.51
CA PRO G 41 -4.84 35.79 26.39
C PRO G 41 -5.09 36.99 25.51
N GLY G 42 -5.96 36.81 24.52
CA GLY G 42 -6.23 37.84 23.54
C GLY G 42 -5.09 38.14 22.60
N LYS G 43 -4.20 37.21 22.35
CA LYS G 43 -3.09 37.40 21.43
C LYS G 43 -2.87 36.12 20.65
N GLY G 44 -2.00 36.21 19.64
CA GLY G 44 -1.83 35.11 18.72
C GLY G 44 -1.04 33.95 19.29
N LEU G 45 -1.10 32.84 18.58
CA LEU G 45 -0.38 31.64 18.96
C LEU G 45 1.12 31.87 18.85
N GLU G 46 1.89 31.10 19.62
CA GLU G 46 3.34 31.10 19.53
C GLU G 46 3.83 29.69 19.79
N TRP G 47 4.82 29.26 19.02
CA TRP G 47 5.31 27.89 19.10
C TRP G 47 6.50 27.81 20.03
N ILE G 48 6.41 26.96 21.06
CA ILE G 48 7.50 26.83 22.02
C ILE G 48 8.59 25.93 21.47
N GLY G 49 8.22 24.76 20.99
CA GLY G 49 9.20 23.77 20.59
C GLY G 49 8.58 22.40 20.60
N TYR G 50 9.39 21.41 20.22
CA TYR G 50 8.90 20.04 20.18
C TYR G 50 9.92 19.08 20.76
N VAL G 51 9.46 17.83 20.95
CA VAL G 51 10.32 16.74 21.40
C VAL G 51 9.96 15.49 20.63
N HIS G 52 10.92 14.59 20.53
CA HIS G 52 10.79 13.34 19.80
C HIS G 52 11.31 12.23 20.70
N TYR G 53 10.81 11.01 20.50
CA TYR G 53 11.15 9.96 21.45
C TYR G 53 12.63 9.65 21.41
N SER G 54 13.30 9.97 20.32
CA SER G 54 14.75 9.81 20.26
C SER G 54 15.45 10.81 21.14
N GLY G 55 14.71 11.74 21.73
CA GLY G 55 15.29 12.79 22.53
C GLY G 55 15.67 14.02 21.74
N SER G 56 15.40 14.04 20.45
CA SER G 56 15.62 15.23 19.65
C SER G 56 14.65 16.33 20.06
N THR G 57 15.12 17.57 20.01
CA THR G 57 14.32 18.72 20.37
C THR G 57 14.63 19.86 19.42
N ASN G 58 13.67 20.76 19.26
CA ASN G 58 13.88 21.98 18.49
C ASN G 58 13.10 23.08 19.18
N TYR G 59 13.73 24.22 19.42
CA TYR G 59 13.14 25.24 20.27
C TYR G 59 12.98 26.55 19.52
N ASN G 60 12.12 27.39 20.06
CA ASN G 60 11.90 28.72 19.52
C ASN G 60 13.13 29.57 19.79
N PRO G 61 13.72 30.19 18.76
CA PRO G 61 14.96 30.95 18.98
C PRO G 61 14.88 31.99 20.09
N SER G 62 13.72 32.59 20.30
CA SER G 62 13.63 33.62 21.34
C SER G 62 13.62 33.01 22.72
N LEU G 63 13.08 31.81 22.85
CA LEU G 63 13.02 31.08 24.11
C LEU G 63 14.13 30.07 24.28
N LYS G 64 15.00 29.92 23.29
CA LYS G 64 15.90 28.77 23.24
C LYS G 64 16.77 28.69 24.49
N SER G 65 17.05 29.82 25.12
CA SER G 65 17.94 29.82 26.27
C SER G 65 17.29 29.13 27.47
N ARG G 66 16.08 29.54 27.82
CA ARG G 66 15.48 29.21 29.10
C ARG G 66 14.46 28.07 29.04
N VAL G 67 14.28 27.41 27.90
CA VAL G 67 13.20 26.44 27.75
C VAL G 67 13.80 25.05 27.62
N SER G 68 13.02 24.04 28.02
CA SER G 68 13.39 22.64 27.85
C SER G 68 12.13 21.81 27.69
N VAL G 69 12.17 20.80 26.84
CA VAL G 69 11.05 19.90 26.59
C VAL G 69 11.54 18.48 26.73
N SER G 70 10.86 17.69 27.57
CA SER G 70 11.28 16.33 27.86
C SER G 70 10.16 15.37 27.52
N VAL G 71 10.52 14.12 27.28
CA VAL G 71 9.57 13.07 26.93
C VAL G 71 9.81 11.88 27.84
N ASP G 72 8.73 11.26 28.31
CA ASP G 72 8.81 10.01 29.05
C ASP G 72 7.94 8.98 28.32
N THR G 73 8.59 8.02 27.67
CA THR G 73 7.85 7.05 26.89
C THR G 73 7.19 6.02 27.81
N SER G 74 7.81 5.75 28.95
CA SER G 74 7.24 4.80 29.89
C SER G 74 5.88 5.26 30.40
N LYS G 75 5.81 6.49 30.90
CA LYS G 75 4.57 7.01 31.43
C LYS G 75 3.65 7.56 30.36
N ASN G 76 4.09 7.54 29.10
CA ASN G 76 3.27 7.97 27.97
C ASN G 76 2.92 9.45 28.06
N GLN G 77 3.90 10.27 28.44
CA GLN G 77 3.68 11.69 28.65
C GLN G 77 4.95 12.45 28.38
N PHE G 78 4.81 13.69 27.92
CA PHE G 78 5.95 14.56 27.66
C PHE G 78 5.73 15.88 28.39
N SER G 79 6.82 16.60 28.63
CA SER G 79 6.82 17.68 29.59
C SER G 79 7.38 18.97 29.01
N LEU G 80 7.10 20.07 29.69
CA LEU G 80 7.63 21.38 29.36
C LEU G 80 8.22 22.01 30.60
N ASN G 81 9.44 22.51 30.50
CA ASN G 81 10.08 23.22 31.58
C ASN G 81 10.58 24.56 31.07
N LEU G 82 9.99 25.64 31.56
CA LEU G 82 10.32 26.98 31.11
C LEU G 82 10.86 27.76 32.30
N GLY G 83 12.11 28.18 32.21
CA GLY G 83 12.75 28.79 33.35
C GLY G 83 12.76 30.30 33.34
N SER G 84 12.96 30.91 34.50
CA SER G 84 13.07 32.35 34.64
C SER G 84 11.87 33.06 34.06
N VAL G 85 10.67 32.64 34.48
CA VAL G 85 9.48 33.19 33.87
C VAL G 85 9.25 34.61 34.34
N THR G 86 8.53 35.37 33.52
CA THR G 86 8.07 36.71 33.87
C THR G 86 6.59 36.81 33.55
N ALA G 87 6.01 38.01 33.69
CA ALA G 87 4.59 38.14 33.41
C ALA G 87 4.28 37.98 31.94
N ALA G 88 5.30 38.07 31.08
CA ALA G 88 5.08 37.87 29.66
C ALA G 88 4.84 36.41 29.34
N ASP G 89 5.02 35.53 30.31
CA ASP G 89 4.85 34.11 30.08
C ASP G 89 3.47 33.60 30.49
N THR G 90 2.60 34.49 30.94
CA THR G 90 1.22 34.08 31.22
C THR G 90 0.50 33.82 29.92
N ALA G 91 -0.05 32.63 29.78
CA ALA G 91 -0.68 32.22 28.53
C ALA G 91 -1.47 30.95 28.78
N VAL G 92 -2.11 30.48 27.73
CA VAL G 92 -2.71 29.16 27.70
C VAL G 92 -1.76 28.25 26.94
N TYR G 93 -1.36 27.15 27.56
CA TYR G 93 -0.40 26.25 26.96
C TYR G 93 -1.11 25.04 26.39
N TYR G 94 -0.85 24.77 25.12
CA TYR G 94 -1.43 23.63 24.43
C TYR G 94 -0.33 22.62 24.17
N CYS G 95 -0.69 21.34 24.16
CA CYS G 95 0.15 20.32 23.58
C CYS G 95 -0.52 19.85 22.30
N ALA G 96 0.27 19.67 21.25
CA ALA G 96 -0.27 19.26 19.97
C ALA G 96 0.55 18.14 19.37
N ARG G 97 0.00 17.49 18.35
CA ARG G 97 0.70 16.41 17.70
C ARG G 97 0.91 16.70 16.23
N GLN G 98 2.15 16.53 15.77
CA GLN G 98 2.48 16.76 14.38
C GLN G 98 1.78 15.67 13.58
N SER G 99 1.21 16.04 12.45
CA SER G 99 0.50 15.07 11.63
C SER G 99 1.38 13.93 11.17
N ARG G 100 0.81 12.73 11.14
CA ARG G 100 1.51 11.52 10.73
C ARG G 100 1.98 11.58 9.28
N SER G 101 3.21 11.14 9.02
CA SER G 101 3.71 11.15 7.67
C SER G 101 3.52 9.79 7.04
N TYR G 102 2.78 9.76 5.93
CA TYR G 102 2.49 8.50 5.27
C TYR G 102 3.63 7.92 4.47
N TYR G 103 4.73 8.66 4.33
CA TYR G 103 5.84 8.17 3.55
C TYR G 103 7.17 8.18 4.28
N ASN G 104 7.91 7.08 4.14
CA ASN G 104 9.22 6.93 4.77
C ASN G 104 10.32 7.05 3.72
N GLU G 105 9.96 7.50 2.53
CA GLU G 105 10.90 7.64 1.41
C GLU G 105 12.06 8.60 1.53
N VAL G 106 11.85 9.79 2.07
CA VAL G 106 12.94 10.75 2.15
C VAL G 106 13.33 11.12 3.56
N ILE G 107 14.45 11.81 3.67
CA ILE G 107 14.94 12.26 4.96
C ILE G 107 14.74 13.77 5.03
N THR G 108 13.87 14.19 5.92
CA THR G 108 13.57 15.61 6.04
C THR G 108 13.21 15.97 7.45
N ASP G 109 13.25 17.24 7.81
CA ASP G 109 12.80 17.60 9.14
C ASP G 109 11.29 17.78 9.08
N PRO G 110 10.62 17.74 10.22
CA PRO G 110 9.16 17.89 10.18
C PRO G 110 8.72 19.28 9.78
N LYS G 111 7.64 19.36 9.00
CA LYS G 111 7.05 20.61 8.57
C LYS G 111 5.84 20.64 9.46
N TYR G 112 5.60 21.72 10.18
CA TYR G 112 4.54 21.72 11.17
C TYR G 112 3.10 22.01 10.82
N ASN G 113 2.29 20.96 10.81
CA ASN G 113 0.85 21.09 10.64
C ASN G 113 0.35 20.17 11.75
N PHE G 114 -0.50 20.66 12.64
CA PHE G 114 -0.93 19.86 13.78
C PHE G 114 -2.21 19.07 13.59
N ASP G 115 -2.17 17.80 13.99
CA ASP G 115 -3.29 16.90 13.75
C ASP G 115 -4.23 16.87 14.94
N TYR G 116 -3.70 16.85 16.16
CA TYR G 116 -4.49 16.84 17.38
C TYR G 116 -3.97 17.88 18.36
N TRP G 117 -4.82 18.25 19.30
CA TRP G 117 -4.54 19.33 20.23
C TRP G 117 -5.06 18.97 21.61
N GLY G 118 -4.37 19.40 22.63
CA GLY G 118 -4.93 19.35 23.95
C GLY G 118 -6.02 20.36 24.10
N GLN G 119 -6.65 20.37 25.29
CA GLN G 119 -7.64 21.42 25.54
C GLN G 119 -6.97 22.72 25.96
N GLY G 120 -5.80 22.63 26.56
CA GLY G 120 -5.08 23.80 26.99
C GLY G 120 -5.26 24.07 28.47
N THR G 121 -4.23 24.66 29.07
CA THR G 121 -4.26 25.05 30.46
C THR G 121 -3.75 26.47 30.61
N LEU G 122 -4.43 27.25 31.44
CA LEU G 122 -4.01 28.60 31.73
C LEU G 122 -2.96 28.57 32.82
N VAL G 123 -1.89 29.31 32.63
CA VAL G 123 -0.81 29.41 33.61
C VAL G 123 -0.52 30.88 33.85
N THR G 124 -0.78 31.33 35.06
CA THR G 124 -0.59 32.72 35.44
C THR G 124 0.74 32.89 36.15
N VAL G 125 1.52 33.86 35.73
CA VAL G 125 2.79 34.17 36.37
C VAL G 125 2.60 35.46 37.16
N SER G 126 2.62 35.36 38.47
CA SER G 126 2.32 36.49 39.33
C SER G 126 3.06 36.36 40.64
N SER G 127 3.40 37.50 41.24
CA SER G 127 4.06 37.47 42.54
C SER G 127 3.06 37.21 43.66
N ALA G 128 1.86 37.76 43.54
CA ALA G 128 0.85 37.61 44.57
C ALA G 128 0.39 36.16 44.69
N SER G 129 -0.21 35.84 45.83
CA SER G 129 -0.70 34.49 46.07
C SER G 129 -2.21 34.40 45.89
N GLN H 1 11.29 34.00 15.12
CA GLN H 1 11.56 34.97 14.07
C GLN H 1 10.48 36.02 14.06
N SER H 2 10.49 36.85 13.03
CA SER H 2 9.42 37.82 12.87
C SER H 2 8.11 37.08 12.58
N ALA H 3 7.05 37.52 13.23
CA ALA H 3 5.76 36.92 13.01
C ALA H 3 5.24 37.23 11.61
N LEU H 4 4.30 36.42 11.16
CA LEU H 4 3.61 36.71 9.91
C LEU H 4 2.56 37.79 10.15
N THR H 5 2.27 38.56 9.12
CA THR H 5 1.40 39.72 9.23
C THR H 5 0.06 39.43 8.58
N GLN H 6 -1.02 39.71 9.30
CA GLN H 6 -2.38 39.44 8.87
C GLN H 6 -3.24 40.67 9.12
N PRO H 7 -4.37 40.78 8.44
CA PRO H 7 -5.36 41.77 8.85
C PRO H 7 -5.98 41.36 10.16
N ALA H 8 -6.29 42.35 11.00
CA ALA H 8 -6.81 42.04 12.32
C ALA H 8 -8.21 41.47 12.23
N SER H 9 -9.02 41.95 11.30
CA SER H 9 -10.38 41.47 11.21
C SER H 9 -10.85 41.57 9.77
N VAL H 10 -11.75 40.67 9.40
CA VAL H 10 -12.40 40.66 8.11
C VAL H 10 -13.84 40.23 8.33
N SER H 11 -14.77 40.87 7.64
CA SER H 11 -16.18 40.58 7.78
C SER H 11 -16.80 40.38 6.40
N GLY H 12 -17.91 39.66 6.36
CA GLY H 12 -18.61 39.42 5.12
C GLY H 12 -20.02 38.95 5.39
N SER H 13 -20.87 39.07 4.37
CA SER H 13 -22.25 38.67 4.51
C SER H 13 -22.42 37.22 4.08
N PRO H 14 -23.25 36.46 4.80
CA PRO H 14 -23.39 35.03 4.50
C PRO H 14 -23.77 34.75 3.06
N GLY H 15 -23.00 33.88 2.43
CA GLY H 15 -23.09 33.61 1.01
C GLY H 15 -22.01 34.25 0.16
N GLN H 16 -21.19 35.11 0.73
CA GLN H 16 -20.17 35.84 -0.03
C GLN H 16 -18.78 35.32 0.30
N SER H 17 -18.02 34.99 -0.72
CA SER H 17 -16.66 34.53 -0.51
C SER H 17 -15.84 35.61 0.20
N ILE H 18 -14.89 35.16 1.02
CA ILE H 18 -14.05 36.01 1.83
C ILE H 18 -12.62 35.53 1.72
N THR H 19 -11.68 36.47 1.63
CA THR H 19 -10.28 36.14 1.47
C THR H 19 -9.46 36.80 2.57
N ILE H 20 -8.76 36.00 3.35
CA ILE H 20 -7.83 36.46 4.38
C ILE H 20 -6.42 36.17 3.88
N SER H 21 -5.49 37.08 4.15
CA SER H 21 -4.13 36.94 3.67
C SER H 21 -3.14 36.98 4.84
N CYS H 22 -1.99 36.34 4.66
CA CYS H 22 -0.88 36.50 5.59
C CYS H 22 0.40 36.74 4.80
N THR H 23 1.07 37.84 5.13
CA THR H 23 2.30 38.24 4.47
C THR H 23 3.50 37.80 5.29
N GLY H 24 4.46 37.19 4.63
CA GLY H 24 5.65 36.71 5.29
C GLY H 24 6.87 37.02 4.45
N THR H 25 8.04 36.92 5.06
CA THR H 25 9.30 37.19 4.37
C THR H 25 9.66 36.06 3.41
N SER H 26 10.62 36.31 2.53
CA SER H 26 10.98 35.32 1.53
C SER H 26 11.44 34.01 2.16
N SER H 27 12.24 34.09 3.22
CA SER H 27 12.68 32.87 3.86
C SER H 27 11.57 32.05 4.52
N ASP H 28 10.70 32.68 5.31
CA ASP H 28 9.61 31.92 5.96
C ASP H 28 8.39 31.41 5.18
N VAL H 29 7.78 32.26 4.35
CA VAL H 29 6.56 31.88 3.62
C VAL H 29 6.85 31.75 2.16
N GLY H 30 7.32 32.83 1.59
CA GLY H 30 7.69 32.88 0.18
C GLY H 30 8.57 31.71 -0.24
N GLY H 31 9.51 31.34 0.62
CA GLY H 31 10.43 30.25 0.34
C GLY H 31 9.92 28.83 0.17
N TYR H 32 8.99 28.41 1.04
CA TYR H 32 8.49 27.05 0.98
C TYR H 32 6.97 26.99 0.96
N ASP H 33 6.43 25.92 0.38
CA ASP H 33 5.00 25.72 0.34
C ASP H 33 4.50 24.96 1.57
N TYR H 34 4.70 25.52 2.76
CA TYR H 34 4.26 24.87 4.00
C TYR H 34 3.60 25.91 4.85
N VAL H 35 2.35 26.22 4.52
CA VAL H 35 1.61 27.21 5.25
C VAL H 35 0.29 26.60 5.65
N SER H 36 -0.05 26.73 6.91
CA SER H 36 -1.22 26.09 7.45
C SER H 36 -2.18 27.17 7.89
N TRP H 37 -3.45 26.83 7.94
CA TRP H 37 -4.46 27.75 8.43
C TRP H 37 -5.23 27.04 9.53
N TYR H 38 -5.40 27.70 10.65
CA TYR H 38 -6.13 27.16 11.78
C TYR H 38 -7.30 28.06 12.09
N GLN H 39 -8.46 27.49 12.35
CA GLN H 39 -9.56 28.25 12.92
C GLN H 39 -9.67 27.87 14.38
N GLN H 40 -9.95 28.84 15.22
CA GLN H 40 -10.11 28.61 16.64
C GLN H 40 -11.42 29.23 17.08
N HIS H 41 -12.34 28.42 17.52
CA HIS H 41 -13.52 28.95 18.18
C HIS H 41 -13.15 29.38 19.60
N PRO H 42 -13.86 30.35 20.15
CA PRO H 42 -13.51 30.84 21.48
C PRO H 42 -13.50 29.74 22.51
N GLY H 43 -12.41 29.65 23.25
CA GLY H 43 -12.30 28.64 24.28
C GLY H 43 -11.93 27.25 23.80
N LYS H 44 -11.62 27.09 22.52
CA LYS H 44 -11.30 25.79 21.96
C LYS H 44 -9.89 25.80 21.41
N ALA H 45 -9.34 24.61 21.22
CA ALA H 45 -8.05 24.49 20.58
C ALA H 45 -8.19 24.75 19.09
N PRO H 46 -7.15 25.25 18.44
CA PRO H 46 -7.22 25.48 17.01
C PRO H 46 -7.44 24.19 16.25
N LYS H 47 -8.13 24.31 15.12
CA LYS H 47 -8.37 23.18 14.23
C LYS H 47 -7.68 23.46 12.91
N LEU H 48 -7.18 22.41 12.26
CA LEU H 48 -6.38 22.60 11.06
C LEU H 48 -7.29 22.60 9.84
N MET H 49 -7.45 23.77 9.23
CA MET H 49 -8.28 23.88 8.05
C MET H 49 -7.53 23.52 6.79
N ILE H 50 -6.34 24.08 6.63
CA ILE H 50 -5.53 23.91 5.42
C ILE H 50 -4.05 23.73 5.75
N TYR H 51 -3.40 22.76 5.12
CA TYR H 51 -1.98 22.51 5.32
C TYR H 51 -1.30 22.45 3.96
N ASP H 52 0.02 22.63 3.92
CA ASP H 52 0.79 22.59 2.66
C ASP H 52 0.25 23.56 1.61
N VAL H 53 -0.08 24.77 2.06
CA VAL H 53 -0.60 25.88 1.24
C VAL H 53 -2.02 25.72 0.71
N SER H 54 -2.27 24.70 -0.08
CA SER H 54 -3.59 24.49 -0.65
C SER H 54 -4.32 23.21 -0.23
N ASN H 55 -3.61 22.27 0.38
CA ASN H 55 -4.22 21.02 0.80
C ASN H 55 -5.13 21.17 2.00
N ARG H 56 -6.09 20.27 2.13
CA ARG H 56 -6.96 20.32 3.29
C ARG H 56 -7.16 18.91 3.78
N PRO H 57 -7.33 18.73 5.10
CA PRO H 57 -7.50 17.40 5.70
C PRO H 57 -8.88 16.85 5.42
N SER H 58 -9.04 15.56 5.68
CA SER H 58 -10.37 14.99 5.68
C SER H 58 -11.19 15.59 6.82
N GLY H 59 -12.43 15.92 6.52
CA GLY H 59 -13.27 16.57 7.48
C GLY H 59 -13.44 18.06 7.28
N VAL H 60 -12.93 18.61 6.19
CA VAL H 60 -13.01 20.03 5.91
C VAL H 60 -13.73 20.20 4.58
N SER H 61 -14.69 21.11 4.54
CA SER H 61 -15.56 21.27 3.39
C SER H 61 -14.83 21.96 2.24
N ASN H 62 -15.41 21.82 1.04
CA ASN H 62 -14.93 22.54 -0.14
C ASN H 62 -14.79 24.03 0.13
N ARG H 63 -15.66 24.58 0.97
CA ARG H 63 -15.78 26.03 1.07
C ARG H 63 -14.47 26.67 1.48
N PHE H 64 -13.64 25.93 2.20
CA PHE H 64 -12.34 26.44 2.62
C PHE H 64 -11.32 26.14 1.54
N SER H 65 -10.53 27.15 1.21
CA SER H 65 -9.51 26.97 0.19
C SER H 65 -8.43 27.99 0.43
N GLY H 66 -7.25 27.73 -0.12
CA GLY H 66 -6.12 28.59 0.12
C GLY H 66 -5.21 28.62 -1.10
N SER H 67 -4.40 29.67 -1.15
CA SER H 67 -3.52 29.88 -2.28
C SER H 67 -2.36 30.77 -1.86
N LYS H 68 -1.32 30.80 -2.69
CA LYS H 68 -0.07 31.45 -2.38
C LYS H 68 0.43 32.20 -3.60
N SER H 69 0.76 33.48 -3.42
CA SER H 69 1.40 34.27 -4.46
C SER H 69 2.56 35.03 -3.86
N GLY H 70 3.77 34.69 -4.28
CA GLY H 70 4.93 35.41 -3.79
C GLY H 70 5.12 35.23 -2.31
N ASN H 71 5.20 36.34 -1.59
CA ASN H 71 5.38 36.35 -0.15
C ASN H 71 4.07 36.34 0.62
N THR H 72 2.94 36.22 -0.05
CA THR H 72 1.64 36.32 0.60
C THR H 72 0.81 35.09 0.29
N ALA H 73 0.33 34.42 1.33
CA ALA H 73 -0.59 33.32 1.21
C ALA H 73 -1.97 33.80 1.64
N SER H 74 -3.00 33.29 0.99
CA SER H 74 -4.35 33.77 1.22
C SER H 74 -5.30 32.61 1.45
N LEU H 75 -6.21 32.78 2.40
CA LEU H 75 -7.24 31.81 2.70
C LEU H 75 -8.56 32.32 2.16
N THR H 76 -9.25 31.50 1.39
CA THR H 76 -10.52 31.87 0.78
C THR H 76 -11.62 31.00 1.37
N ILE H 77 -12.70 31.63 1.81
CA ILE H 77 -13.83 30.93 2.37
C ILE H 77 -15.02 31.22 1.46
N SER H 78 -15.53 30.21 0.80
CA SER H 78 -16.64 30.41 -0.12
C SER H 78 -17.96 30.07 0.54
N GLY H 79 -18.98 30.86 0.19
CA GLY H 79 -20.33 30.62 0.66
C GLY H 79 -20.43 30.52 2.16
N LEU H 80 -19.86 31.49 2.86
CA LEU H 80 -19.65 31.35 4.29
C LEU H 80 -20.97 31.33 5.03
N GLN H 81 -20.93 30.80 6.24
CA GLN H 81 -22.11 30.53 7.05
C GLN H 81 -21.90 31.12 8.43
N ALA H 82 -22.85 30.82 9.32
CA ALA H 82 -22.73 31.31 10.69
C ALA H 82 -21.64 30.57 11.45
N GLU H 83 -21.54 29.26 11.25
CA GLU H 83 -20.57 28.46 11.99
C GLU H 83 -19.14 28.80 11.57
N ASP H 84 -18.98 29.63 10.54
CA ASP H 84 -17.65 29.88 10.03
C ASP H 84 -16.97 31.05 10.72
N GLU H 85 -17.60 31.64 11.74
CA GLU H 85 -16.94 32.75 12.42
C GLU H 85 -16.02 32.23 13.50
N ALA H 86 -14.75 32.63 13.42
CA ALA H 86 -13.73 32.18 14.35
C ALA H 86 -12.48 33.01 14.11
N ASP H 87 -11.40 32.68 14.80
CA ASP H 87 -10.10 33.31 14.57
C ASP H 87 -9.26 32.41 13.68
N TYR H 88 -8.74 32.97 12.60
CA TYR H 88 -7.96 32.22 11.64
C TYR H 88 -6.51 32.64 11.73
N TYR H 89 -5.62 31.66 11.86
CA TYR H 89 -4.20 31.89 12.04
C TYR H 89 -3.42 31.33 10.88
N CYS H 90 -2.42 32.06 10.44
CA CYS H 90 -1.49 31.61 9.42
C CYS H 90 -0.25 31.06 10.10
N SER H 91 0.21 29.91 9.65
CA SER H 91 1.37 29.25 10.21
C SER H 91 2.36 29.01 9.09
N SER H 92 3.65 29.09 9.39
CA SER H 92 4.63 28.85 8.34
C SER H 92 5.90 28.25 8.89
N TYR H 93 6.49 27.38 8.08
CA TYR H 93 7.80 26.79 8.31
C TYR H 93 8.86 27.76 7.83
N THR H 94 9.92 27.93 8.62
CA THR H 94 10.92 28.94 8.32
C THR H 94 12.19 28.32 7.77
N SER H 95 13.19 29.18 7.55
CA SER H 95 14.45 28.72 6.97
C SER H 95 15.24 27.87 7.94
N ILE H 96 15.16 28.20 9.23
CA ILE H 96 15.97 27.54 10.24
C ILE H 96 15.19 26.39 10.85
N SER H 97 14.07 26.03 10.23
CA SER H 97 13.22 24.93 10.67
C SER H 97 12.52 25.24 11.99
N THR H 98 11.98 26.45 12.08
CA THR H 98 11.20 26.90 13.21
C THR H 98 9.80 27.18 12.70
N LEU H 99 8.82 27.17 13.59
CA LEU H 99 7.46 27.50 13.20
C LEU H 99 7.14 28.92 13.60
N VAL H 100 6.40 29.62 12.75
CA VAL H 100 6.02 31.01 12.97
C VAL H 100 4.55 31.17 12.64
N PHE H 101 3.82 31.87 13.49
CA PHE H 101 2.40 32.08 13.34
C PHE H 101 2.10 33.51 12.96
N GLY H 102 0.99 33.69 12.27
CA GLY H 102 0.47 35.02 12.05
C GLY H 102 -0.16 35.58 13.30
N GLY H 103 -0.56 36.85 13.22
CA GLY H 103 -1.10 37.50 14.39
C GLY H 103 -2.50 37.05 14.73
N GLY H 104 -3.17 36.42 13.78
CA GLY H 104 -4.54 36.07 13.99
C GLY H 104 -5.47 37.04 13.31
N THR H 105 -6.61 36.51 12.87
CA THR H 105 -7.60 37.29 12.15
C THR H 105 -8.98 36.85 12.61
N LYS H 106 -9.82 37.80 12.94
CA LYS H 106 -11.17 37.49 13.40
C LYS H 106 -12.14 37.69 12.26
N LEU H 107 -12.96 36.68 12.00
CA LEU H 107 -13.94 36.72 10.93
C LEU H 107 -15.32 36.90 11.50
N THR H 108 -15.98 37.98 11.13
CA THR H 108 -17.32 38.29 11.60
C THR H 108 -18.31 38.11 10.46
N VAL H 109 -19.37 37.35 10.72
CA VAL H 109 -20.41 37.12 9.72
C VAL H 109 -21.50 38.14 9.97
N LEU H 110 -21.68 39.06 9.02
CA LEU H 110 -22.62 40.15 9.22
C LEU H 110 -24.05 39.63 9.19
N GLY H 111 -24.78 39.88 10.27
CA GLY H 111 -26.15 39.43 10.37
C GLY H 111 -26.62 39.22 11.80
CA CA I . 13.79 3.46 1.31
#